data_5FHJ
# 
_entry.id   5FHJ 
# 
_audit_conform.dict_name       mmcif_pdbx.dic 
_audit_conform.dict_version    5.387 
_audit_conform.dict_location   http://mmcif.pdb.org/dictionaries/ascii/mmcif_pdbx.dic 
# 
loop_
_database_2.database_id 
_database_2.database_code 
_database_2.pdbx_database_accession 
_database_2.pdbx_DOI 
PDB   5FHJ         pdb_00005fhj 10.2210/pdb5fhj/pdb 
WWPDB D_1000216581 ?            ?                   
# 
loop_
_pdbx_audit_revision_history.ordinal 
_pdbx_audit_revision_history.data_content_type 
_pdbx_audit_revision_history.major_revision 
_pdbx_audit_revision_history.minor_revision 
_pdbx_audit_revision_history.revision_date 
1 'Structure model' 1 0 2016-06-29 
2 'Structure model' 1 1 2024-03-20 
# 
_pdbx_audit_revision_details.ordinal             1 
_pdbx_audit_revision_details.revision_ordinal    1 
_pdbx_audit_revision_details.data_content_type   'Structure model' 
_pdbx_audit_revision_details.provider            repository 
_pdbx_audit_revision_details.type                'Initial release' 
_pdbx_audit_revision_details.description         ? 
_pdbx_audit_revision_details.details             ? 
# 
loop_
_pdbx_audit_revision_group.ordinal 
_pdbx_audit_revision_group.revision_ordinal 
_pdbx_audit_revision_group.data_content_type 
_pdbx_audit_revision_group.group 
1 2 'Structure model' 'Data collection'      
2 2 'Structure model' 'Database references'  
3 2 'Structure model' 'Derived calculations' 
# 
loop_
_pdbx_audit_revision_category.ordinal 
_pdbx_audit_revision_category.revision_ordinal 
_pdbx_audit_revision_category.data_content_type 
_pdbx_audit_revision_category.category 
1 2 'Structure model' chem_comp_atom         
2 2 'Structure model' chem_comp_bond         
3 2 'Structure model' database_2             
4 2 'Structure model' pdbx_struct_conn_angle 
5 2 'Structure model' pdbx_struct_oper_list  
6 2 'Structure model' struct_conn            
# 
loop_
_pdbx_audit_revision_item.ordinal 
_pdbx_audit_revision_item.revision_ordinal 
_pdbx_audit_revision_item.data_content_type 
_pdbx_audit_revision_item.item 
1  2 'Structure model' '_database_2.pdbx_DOI'                        
2  2 'Structure model' '_database_2.pdbx_database_accession'         
3  2 'Structure model' '_pdbx_struct_conn_angle.ptnr1_auth_asym_id'  
4  2 'Structure model' '_pdbx_struct_conn_angle.ptnr1_auth_comp_id'  
5  2 'Structure model' '_pdbx_struct_conn_angle.ptnr1_auth_seq_id'   
6  2 'Structure model' '_pdbx_struct_conn_angle.ptnr1_label_alt_id'  
7  2 'Structure model' '_pdbx_struct_conn_angle.ptnr1_label_asym_id' 
8  2 'Structure model' '_pdbx_struct_conn_angle.ptnr1_label_atom_id' 
9  2 'Structure model' '_pdbx_struct_conn_angle.ptnr1_label_comp_id' 
10 2 'Structure model' '_pdbx_struct_conn_angle.ptnr1_label_seq_id'  
11 2 'Structure model' '_pdbx_struct_conn_angle.ptnr1_symmetry'      
12 2 'Structure model' '_pdbx_struct_conn_angle.ptnr2_auth_asym_id'  
13 2 'Structure model' '_pdbx_struct_conn_angle.ptnr2_auth_seq_id'   
14 2 'Structure model' '_pdbx_struct_conn_angle.ptnr2_label_alt_id'  
15 2 'Structure model' '_pdbx_struct_conn_angle.ptnr2_label_asym_id' 
16 2 'Structure model' '_pdbx_struct_conn_angle.ptnr3_auth_asym_id'  
17 2 'Structure model' '_pdbx_struct_conn_angle.ptnr3_auth_comp_id'  
18 2 'Structure model' '_pdbx_struct_conn_angle.ptnr3_auth_seq_id'   
19 2 'Structure model' '_pdbx_struct_conn_angle.ptnr3_label_alt_id'  
20 2 'Structure model' '_pdbx_struct_conn_angle.ptnr3_label_asym_id' 
21 2 'Structure model' '_pdbx_struct_conn_angle.ptnr3_label_atom_id' 
22 2 'Structure model' '_pdbx_struct_conn_angle.ptnr3_label_comp_id' 
23 2 'Structure model' '_pdbx_struct_conn_angle.ptnr3_label_seq_id'  
24 2 'Structure model' '_pdbx_struct_conn_angle.ptnr3_symmetry'      
25 2 'Structure model' '_pdbx_struct_conn_angle.value'               
26 2 'Structure model' '_pdbx_struct_oper_list.symmetry_operation'   
27 2 'Structure model' '_struct_conn.pdbx_dist_value'                
28 2 'Structure model' '_struct_conn.pdbx_ptnr1_label_alt_id'        
29 2 'Structure model' '_struct_conn.pdbx_ptnr2_label_alt_id'        
30 2 'Structure model' '_struct_conn.ptnr1_auth_asym_id'             
31 2 'Structure model' '_struct_conn.ptnr1_auth_comp_id'             
32 2 'Structure model' '_struct_conn.ptnr1_auth_seq_id'              
33 2 'Structure model' '_struct_conn.ptnr1_label_asym_id'            
34 2 'Structure model' '_struct_conn.ptnr1_label_atom_id'            
35 2 'Structure model' '_struct_conn.ptnr1_label_comp_id'            
36 2 'Structure model' '_struct_conn.ptnr1_label_seq_id'             
37 2 'Structure model' '_struct_conn.ptnr1_symmetry'                 
38 2 'Structure model' '_struct_conn.ptnr2_auth_asym_id'             
39 2 'Structure model' '_struct_conn.ptnr2_auth_comp_id'             
40 2 'Structure model' '_struct_conn.ptnr2_auth_seq_id'              
41 2 'Structure model' '_struct_conn.ptnr2_label_asym_id'            
42 2 'Structure model' '_struct_conn.ptnr2_label_atom_id'            
43 2 'Structure model' '_struct_conn.ptnr2_label_comp_id'            
44 2 'Structure model' '_struct_conn.ptnr2_symmetry'                 
# 
_pdbx_database_status.status_code                     REL 
_pdbx_database_status.status_code_sf                  REL 
_pdbx_database_status.status_code_mr                  ? 
_pdbx_database_status.entry_id                        5FHJ 
_pdbx_database_status.recvd_initial_deposition_date   2015-12-22 
_pdbx_database_status.SG_entry                        N 
_pdbx_database_status.deposit_site                    RCSB 
_pdbx_database_status.process_site                    PDBJ 
_pdbx_database_status.status_code_cs                  ? 
_pdbx_database_status.methods_development_category    ? 
_pdbx_database_status.pdb_format_compatible           Y 
_pdbx_database_status.status_code_nmr_data            ? 
# 
_pdbx_database_related.content_type   unspecified 
_pdbx_database_related.db_id          5FHL 
_pdbx_database_related.db_name        PDB 
_pdbx_database_related.details        . 
# 
loop_
_audit_author.name 
_audit_author.pdbx_ordinal 
'Thirugnanasambandam, A.' 1 
'Karthik, S.'             2 
'Gautham, N.'             3 
# 
_citation.abstract                  ? 
_citation.abstract_id_CAS           ? 
_citation.book_id_ISBN              ? 
_citation.book_publisher            ? 
_citation.book_publisher_city       ? 
_citation.book_title                ? 
_citation.coordinate_linkage        ? 
_citation.country                   ? 
_citation.database_id_Medline       ? 
_citation.details                   ? 
_citation.id                        primary 
_citation.journal_abbrev            'Acta Crystallogr D Struct Biol' 
_citation.journal_id_ASTM           ? 
_citation.journal_id_CSD            ? 
_citation.journal_id_ISSN           2059-7983 
_citation.journal_full              ? 
_citation.journal_issue             ? 
_citation.journal_volume            72 
_citation.language                  ? 
_citation.page_first                780 
_citation.page_last                 788 
_citation.title                     
'DNA polymorphism in crystals: three stable conformations for the decadeoxynucleotide d(GCATGCATGC).' 
_citation.year                      2016 
_citation.database_id_CSD           ? 
_citation.pdbx_database_id_DOI      10.1107/S2059798316006306 
_citation.pdbx_database_id_PubMed   27303798 
_citation.unpublished_flag          ? 
# 
loop_
_citation_author.citation_id 
_citation_author.name 
_citation_author.ordinal 
_citation_author.identifier_ORCID 
primary 'Thirugnanasambandam, A.' 1 ? 
primary 'Karthik, S.'             2 ? 
primary 'Artheswari, G.'          3 ? 
primary 'Gautham, N.'             4 ? 
# 
loop_
_entity.id 
_entity.type 
_entity.src_method 
_entity.pdbx_description 
_entity.formula_weight 
_entity.pdbx_number_of_molecules 
_entity.pdbx_ec 
_entity.pdbx_mutation 
_entity.pdbx_fragment 
_entity.details 
1 polymer     syn 
;DNA (5'-D(*GP*CP*AP*TP*GP*CP*AP*TP*GP*C)-3')
;
3045.005 4  ? ? ? ? 
2 non-polymer syn 'COBALT (II) ION'                              58.933   7  ? ? ? ? 
3 water       nat water                                          18.015   85 ? ? ? ? 
# 
_entity_poly.entity_id                      1 
_entity_poly.type                           polydeoxyribonucleotide 
_entity_poly.nstd_linkage                   no 
_entity_poly.nstd_monomer                   no 
_entity_poly.pdbx_seq_one_letter_code       '(DG)(DC)(DA)(DT)(DG)(DC)(DA)(DT)(DG)(DC)' 
_entity_poly.pdbx_seq_one_letter_code_can   GCATGCATGC 
_entity_poly.pdbx_strand_id                 A,B,C,D 
_entity_poly.pdbx_target_identifier         ? 
# 
loop_
_pdbx_entity_nonpoly.entity_id 
_pdbx_entity_nonpoly.name 
_pdbx_entity_nonpoly.comp_id 
2 'COBALT (II) ION' CO  
3 water             HOH 
# 
loop_
_entity_poly_seq.entity_id 
_entity_poly_seq.num 
_entity_poly_seq.mon_id 
_entity_poly_seq.hetero 
1 1  DG n 
1 2  DC n 
1 3  DA n 
1 4  DT n 
1 5  DG n 
1 6  DC n 
1 7  DA n 
1 8  DT n 
1 9  DG n 
1 10 DC n 
# 
_pdbx_entity_src_syn.entity_id              1 
_pdbx_entity_src_syn.pdbx_src_id            1 
_pdbx_entity_src_syn.pdbx_alt_source_flag   sample 
_pdbx_entity_src_syn.pdbx_beg_seq_num       1 
_pdbx_entity_src_syn.pdbx_end_seq_num       10 
_pdbx_entity_src_syn.organism_scientific    'synthetic construct' 
_pdbx_entity_src_syn.organism_common_name   ? 
_pdbx_entity_src_syn.ncbi_taxonomy_id       32630 
_pdbx_entity_src_syn.details                ? 
# 
loop_
_chem_comp.id 
_chem_comp.type 
_chem_comp.mon_nstd_flag 
_chem_comp.name 
_chem_comp.pdbx_synonyms 
_chem_comp.formula 
_chem_comp.formula_weight 
CO  non-polymer   . 'COBALT (II) ION'                    ? 'Co 2'            58.933  
DA  'DNA linking' y "2'-DEOXYADENOSINE-5'-MONOPHOSPHATE" ? 'C10 H14 N5 O6 P' 331.222 
DC  'DNA linking' y "2'-DEOXYCYTIDINE-5'-MONOPHOSPHATE"  ? 'C9 H14 N3 O7 P'  307.197 
DG  'DNA linking' y "2'-DEOXYGUANOSINE-5'-MONOPHOSPHATE" ? 'C10 H14 N5 O7 P' 347.221 
DT  'DNA linking' y "THYMIDINE-5'-MONOPHOSPHATE"         ? 'C10 H15 N2 O8 P' 322.208 
HOH non-polymer   . WATER                                ? 'H2 O'            18.015  
# 
loop_
_pdbx_poly_seq_scheme.asym_id 
_pdbx_poly_seq_scheme.entity_id 
_pdbx_poly_seq_scheme.seq_id 
_pdbx_poly_seq_scheme.mon_id 
_pdbx_poly_seq_scheme.ndb_seq_num 
_pdbx_poly_seq_scheme.pdb_seq_num 
_pdbx_poly_seq_scheme.auth_seq_num 
_pdbx_poly_seq_scheme.pdb_mon_id 
_pdbx_poly_seq_scheme.auth_mon_id 
_pdbx_poly_seq_scheme.pdb_strand_id 
_pdbx_poly_seq_scheme.pdb_ins_code 
_pdbx_poly_seq_scheme.hetero 
A 1 1  DG 1  1  1  DG DG A . n 
A 1 2  DC 2  2  2  DC DC A . n 
A 1 3  DA 3  3  3  DA DA A . n 
A 1 4  DT 4  4  4  DT DT A . n 
A 1 5  DG 5  5  5  DG DG A . n 
A 1 6  DC 6  6  6  DC DC A . n 
A 1 7  DA 7  7  7  DA DA A . n 
A 1 8  DT 8  8  8  DT DT A . n 
A 1 9  DG 9  9  9  DG DG A . n 
A 1 10 DC 10 10 10 DC DC A . n 
B 1 1  DG 1  1  1  DG DG B . n 
B 1 2  DC 2  2  2  DC DC B . n 
B 1 3  DA 3  3  3  DA DA B . n 
B 1 4  DT 4  4  4  DT DT B . n 
B 1 5  DG 5  5  5  DG DG B . n 
B 1 6  DC 6  6  6  DC DC B . n 
B 1 7  DA 7  7  7  DA DA B . n 
B 1 8  DT 8  8  8  DT DT B . n 
B 1 9  DG 9  9  9  DG DG B . n 
B 1 10 DC 10 10 10 DC DC B . n 
C 1 1  DG 1  1  1  DG DG C . n 
C 1 2  DC 2  2  2  DC DC C . n 
C 1 3  DA 3  3  3  DA DA C . n 
C 1 4  DT 4  4  4  DT DT C . n 
C 1 5  DG 5  5  5  DG DG C . n 
C 1 6  DC 6  6  6  DC DC C . n 
C 1 7  DA 7  7  7  DA DA C . n 
C 1 8  DT 8  8  8  DT DT C . n 
C 1 9  DG 9  9  9  DG DG C . n 
C 1 10 DC 10 10 10 DC DC C . n 
D 1 1  DG 1  1  1  DG DG D . n 
D 1 2  DC 2  2  2  DC DC D . n 
D 1 3  DA 3  3  3  DA DA D . n 
D 1 4  DT 4  4  4  DT DT D . n 
D 1 5  DG 5  5  5  DG DG D . n 
D 1 6  DC 6  6  6  DC DC D . n 
D 1 7  DA 7  7  7  DA DA D . n 
D 1 8  DT 8  8  8  DT DT D . n 
D 1 9  DG 9  9  9  DG DG D . n 
D 1 10 DC 10 10 10 DC DC D . n 
# 
loop_
_pdbx_nonpoly_scheme.asym_id 
_pdbx_nonpoly_scheme.entity_id 
_pdbx_nonpoly_scheme.mon_id 
_pdbx_nonpoly_scheme.ndb_seq_num 
_pdbx_nonpoly_scheme.pdb_seq_num 
_pdbx_nonpoly_scheme.auth_seq_num 
_pdbx_nonpoly_scheme.pdb_mon_id 
_pdbx_nonpoly_scheme.auth_mon_id 
_pdbx_nonpoly_scheme.pdb_strand_id 
_pdbx_nonpoly_scheme.pdb_ins_code 
E 2 CO  1  101 2  CO  CO  A . 
F 2 CO  1  102 3  CO  CO  A . 
G 2 CO  1  103 7  CO  CO  A . 
H 2 CO  1  101 1  CO  CO  B . 
I 2 CO  1  102 4  CO  CO  B . 
J 2 CO  1  101 6  CO  CO  C . 
K 2 CO  1  101 5  CO  CO  D . 
L 3 HOH 1  201 1  HOH HOH A . 
L 3 HOH 2  202 32 HOH HOH A . 
L 3 HOH 3  203 58 HOH HOH A . 
L 3 HOH 4  204 34 HOH HOH A . 
L 3 HOH 5  205 24 HOH HOH A . 
L 3 HOH 6  206 12 HOH HOH A . 
L 3 HOH 7  207 40 HOH HOH A . 
L 3 HOH 8  208 4  HOH HOH A . 
L 3 HOH 9  209 19 HOH HOH A . 
L 3 HOH 10 210 80 HOH HOH A . 
L 3 HOH 11 211 18 HOH HOH A . 
L 3 HOH 12 212 23 HOH HOH A . 
L 3 HOH 13 213 22 HOH HOH A . 
L 3 HOH 14 214 49 HOH HOH A . 
L 3 HOH 15 215 51 HOH HOH A . 
L 3 HOH 16 216 85 HOH HOH A . 
L 3 HOH 17 217 11 HOH HOH A . 
L 3 HOH 18 218 36 HOH HOH A . 
L 3 HOH 19 219 17 HOH HOH A . 
L 3 HOH 20 220 61 HOH HOH A . 
L 3 HOH 21 221 54 HOH HOH A . 
L 3 HOH 22 222 43 HOH HOH A . 
L 3 HOH 23 223 60 HOH HOH A . 
L 3 HOH 24 224 65 HOH HOH A . 
L 3 HOH 25 225 48 HOH HOH A . 
L 3 HOH 26 226 31 HOH HOH A . 
L 3 HOH 27 227 15 HOH HOH A . 
L 3 HOH 28 228 21 HOH HOH A . 
L 3 HOH 29 229 62 HOH HOH A . 
L 3 HOH 30 230 83 HOH HOH A . 
L 3 HOH 31 231 7  HOH HOH A . 
L 3 HOH 32 232 42 HOH HOH A . 
L 3 HOH 33 233 77 HOH HOH A . 
L 3 HOH 34 234 8  HOH HOH A . 
L 3 HOH 35 235 53 HOH HOH A . 
L 3 HOH 36 236 56 HOH HOH A . 
L 3 HOH 37 237 84 HOH HOH A . 
L 3 HOH 38 238 5  HOH HOH A . 
L 3 HOH 39 239 79 HOH HOH A . 
M 3 HOH 1  201 25 HOH HOH B . 
M 3 HOH 2  202 63 HOH HOH B . 
M 3 HOH 3  203 10 HOH HOH B . 
M 3 HOH 4  204 29 HOH HOH B . 
M 3 HOH 5  205 78 HOH HOH B . 
M 3 HOH 6  206 30 HOH HOH B . 
M 3 HOH 7  207 6  HOH HOH B . 
M 3 HOH 8  208 2  HOH HOH B . 
M 3 HOH 9  209 3  HOH HOH B . 
M 3 HOH 10 210 41 HOH HOH B . 
M 3 HOH 11 211 37 HOH HOH B . 
M 3 HOH 12 212 14 HOH HOH B . 
M 3 HOH 13 213 68 HOH HOH B . 
M 3 HOH 14 214 38 HOH HOH B . 
M 3 HOH 15 215 28 HOH HOH B . 
M 3 HOH 16 216 82 HOH HOH B . 
M 3 HOH 17 217 39 HOH HOH B . 
M 3 HOH 18 218 57 HOH HOH B . 
M 3 HOH 19 219 52 HOH HOH B . 
M 3 HOH 20 220 47 HOH HOH B . 
M 3 HOH 21 221 70 HOH HOH B . 
M 3 HOH 22 222 74 HOH HOH B . 
M 3 HOH 23 223 67 HOH HOH B . 
M 3 HOH 24 224 73 HOH HOH B . 
M 3 HOH 25 225 66 HOH HOH B . 
M 3 HOH 26 226 9  HOH HOH B . 
M 3 HOH 27 227 26 HOH HOH B . 
M 3 HOH 28 228 81 HOH HOH B . 
M 3 HOH 29 229 35 HOH HOH B . 
N 3 HOH 1  201 55 HOH HOH C . 
N 3 HOH 2  202 20 HOH HOH C . 
N 3 HOH 3  203 59 HOH HOH C . 
N 3 HOH 4  204 45 HOH HOH C . 
N 3 HOH 5  205 72 HOH HOH C . 
N 3 HOH 6  206 69 HOH HOH C . 
N 3 HOH 7  207 16 HOH HOH C . 
N 3 HOH 8  208 76 HOH HOH C . 
O 3 HOH 1  201 27 HOH HOH D . 
O 3 HOH 2  202 44 HOH HOH D . 
O 3 HOH 3  203 50 HOH HOH D . 
O 3 HOH 4  204 46 HOH HOH D . 
O 3 HOH 5  205 13 HOH HOH D . 
O 3 HOH 6  206 64 HOH HOH D . 
O 3 HOH 7  207 71 HOH HOH D . 
O 3 HOH 8  208 75 HOH HOH D . 
O 3 HOH 9  209 33 HOH HOH D . 
# 
loop_
_software.citation_id 
_software.classification 
_software.compiler_name 
_software.compiler_version 
_software.contact_author 
_software.contact_author_email 
_software.date 
_software.description 
_software.dependencies 
_software.hardware 
_software.language 
_software.location 
_software.mods 
_software.name 
_software.os 
_software.os_version 
_software.type 
_software.version 
_software.pdbx_ordinal 
? refinement        ? ? ? ? ? ? ? ? ? ? ? PHENIX  ? ? ? 1.9_1692 1 
? 'data collection' ? ? ? ? ? ? ? ? ? ? ? MxCuBE  ? ? ? 2.0      2 
? 'data processing' ? ? ? ? ? ? ? ? ? ? ? MOSFLM  ? ? ? 7.0.9    3 
? phasing           ? ? ? ? ? ? ? ? ? ? ? PHENIX  ? ? ? 1.9_1692 4 
? 'data reduction'  ? ? ? ? ? ? ? ? ? ? ? MOSFLM  ? ? ? 7.0.9    5 
? 'data scaling'    ? ? ? ? ? ? ? ? ? ? ? Aimless ? ? ? 0.2.17   6 
# 
_cell.angle_alpha                  90.00 
_cell.angle_alpha_esd              ? 
_cell.angle_beta                   90.00 
_cell.angle_beta_esd               ? 
_cell.angle_gamma                  90.00 
_cell.angle_gamma_esd              ? 
_cell.entry_id                     5FHJ 
_cell.details                      ? 
_cell.formula_units_Z              ? 
_cell.length_a                     48.500 
_cell.length_a_esd                 ? 
_cell.length_b                     48.500 
_cell.length_b_esd                 ? 
_cell.length_c                     111.120 
_cell.length_c_esd                 ? 
_cell.volume                       ? 
_cell.volume_esd                   ? 
_cell.Z_PDB                        32 
_cell.reciprocal_angle_alpha       ? 
_cell.reciprocal_angle_beta        ? 
_cell.reciprocal_angle_gamma       ? 
_cell.reciprocal_angle_alpha_esd   ? 
_cell.reciprocal_angle_beta_esd    ? 
_cell.reciprocal_angle_gamma_esd   ? 
_cell.reciprocal_length_a          ? 
_cell.reciprocal_length_b          ? 
_cell.reciprocal_length_c          ? 
_cell.reciprocal_length_a_esd      ? 
_cell.reciprocal_length_b_esd      ? 
_cell.reciprocal_length_c_esd      ? 
_cell.pdbx_unique_axis             ? 
# 
_symmetry.entry_id                         5FHJ 
_symmetry.cell_setting                     ? 
_symmetry.Int_Tables_number                92 
_symmetry.space_group_name_Hall            ? 
_symmetry.space_group_name_H-M             'P 41 21 2' 
_symmetry.pdbx_full_space_group_name_H-M   ? 
# 
_exptl.absorpt_coefficient_mu     ? 
_exptl.absorpt_correction_T_max   ? 
_exptl.absorpt_correction_T_min   ? 
_exptl.absorpt_correction_type    ? 
_exptl.absorpt_process_details    ? 
_exptl.entry_id                   5FHJ 
_exptl.crystals_number            ? 
_exptl.details                    ? 
_exptl.method                     'X-RAY DIFFRACTION' 
_exptl.method_details             ? 
# 
_exptl_crystal.colour                      ? 
_exptl_crystal.density_diffrn              ? 
_exptl_crystal.density_Matthews            2.62 
_exptl_crystal.density_method              ? 
_exptl_crystal.density_percent_sol         53.2 
_exptl_crystal.description                 'tetragonal prisms' 
_exptl_crystal.F_000                       ? 
_exptl_crystal.id                          1 
_exptl_crystal.preparation                 ? 
_exptl_crystal.size_max                    ? 
_exptl_crystal.size_mid                    ? 
_exptl_crystal.size_min                    ? 
_exptl_crystal.size_rad                    ? 
_exptl_crystal.colour_lustre               ? 
_exptl_crystal.colour_modifier             ? 
_exptl_crystal.colour_primary              ? 
_exptl_crystal.density_meas                ? 
_exptl_crystal.density_meas_esd            ? 
_exptl_crystal.density_meas_gt             ? 
_exptl_crystal.density_meas_lt             ? 
_exptl_crystal.density_meas_temp           ? 
_exptl_crystal.density_meas_temp_esd       ? 
_exptl_crystal.density_meas_temp_gt        ? 
_exptl_crystal.density_meas_temp_lt        ? 
_exptl_crystal.pdbx_crystal_image_url      ? 
_exptl_crystal.pdbx_crystal_image_format   ? 
_exptl_crystal.pdbx_mosaicity              ? 
_exptl_crystal.pdbx_mosaicity_esd          ? 
# 
_exptl_crystal_grow.apparatus       ? 
_exptl_crystal_grow.atmosphere      ? 
_exptl_crystal_grow.crystal_id      1 
_exptl_crystal_grow.details         ? 
_exptl_crystal_grow.method          'VAPOR DIFFUSION, HANGING DROP' 
_exptl_crystal_grow.method_ref      ? 
_exptl_crystal_grow.pH              7.0 
_exptl_crystal_grow.pressure        ? 
_exptl_crystal_grow.pressure_esd    ? 
_exptl_crystal_grow.seeding         ? 
_exptl_crystal_grow.seeding_ref     ? 
_exptl_crystal_grow.temp            293 
_exptl_crystal_grow.temp_details    ? 
_exptl_crystal_grow.temp_esd        ? 
_exptl_crystal_grow.time            ? 
_exptl_crystal_grow.pdbx_details    '1mM DNA, 50 mM sodium cacodylate buffer, 10 mM cobalt chloride, 0.5 mM spermine, 40% MPD' 
_exptl_crystal_grow.pdbx_pH_range   ? 
# 
_diffrn.ambient_environment    ? 
_diffrn.ambient_temp           100 
_diffrn.ambient_temp_details   ? 
_diffrn.ambient_temp_esd       ? 
_diffrn.crystal_id             1 
_diffrn.crystal_support        ? 
_diffrn.crystal_treatment      ? 
_diffrn.details                ? 
_diffrn.id                     1 
_diffrn.ambient_pressure       ? 
_diffrn.ambient_pressure_esd   ? 
_diffrn.ambient_pressure_gt    ? 
_diffrn.ambient_pressure_lt    ? 
_diffrn.ambient_temp_gt        ? 
_diffrn.ambient_temp_lt        ? 
# 
_diffrn_detector.details                      'Bent collimating mirror' 
_diffrn_detector.detector                     CCD 
_diffrn_detector.diffrn_id                    1 
_diffrn_detector.type                         'MARMOSAIC 225 mm CCD' 
_diffrn_detector.area_resol_mean              ? 
_diffrn_detector.dtime                        ? 
_diffrn_detector.pdbx_frames_total            ? 
_diffrn_detector.pdbx_collection_time_total   ? 
_diffrn_detector.pdbx_collection_date         2013-06-27 
# 
_diffrn_radiation.collimation                      ? 
_diffrn_radiation.diffrn_id                        1 
_diffrn_radiation.filter_edge                      ? 
_diffrn_radiation.inhomogeneity                    ? 
_diffrn_radiation.monochromator                    'Si(III) monochromator' 
_diffrn_radiation.polarisn_norm                    ? 
_diffrn_radiation.polarisn_ratio                   ? 
_diffrn_radiation.probe                            ? 
_diffrn_radiation.type                             ? 
_diffrn_radiation.xray_symbol                      ? 
_diffrn_radiation.wavelength_id                    1 
_diffrn_radiation.pdbx_monochromatic_or_laue_m_l   M 
_diffrn_radiation.pdbx_wavelength_list             ? 
_diffrn_radiation.pdbx_wavelength                  ? 
_diffrn_radiation.pdbx_diffrn_protocol             'SINGLE WAVELENGTH' 
_diffrn_radiation.pdbx_analyzer                    ? 
_diffrn_radiation.pdbx_scattering_type             x-ray 
# 
loop_
_diffrn_radiation_wavelength.id 
_diffrn_radiation_wavelength.wavelength 
_diffrn_radiation_wavelength.wt 
1 1.605 1.0 
2 0.976 1.0 
# 
_diffrn_source.current                     ? 
_diffrn_source.details                     ? 
_diffrn_source.diffrn_id                   1 
_diffrn_source.power                       ? 
_diffrn_source.size                        ? 
_diffrn_source.source                      SYNCHROTRON 
_diffrn_source.target                      ? 
_diffrn_source.type                        'ESRF BEAMLINE BM14' 
_diffrn_source.voltage                     ? 
_diffrn_source.take-off_angle              ? 
_diffrn_source.pdbx_wavelength_list        '1.605, 0.976' 
_diffrn_source.pdbx_wavelength             ? 
_diffrn_source.pdbx_synchrotron_beamline   BM14 
_diffrn_source.pdbx_synchrotron_site       ESRF 
# 
_reflns.B_iso_Wilson_estimate            ? 
_reflns.entry_id                         5FHJ 
_reflns.data_reduction_details           ? 
_reflns.data_reduction_method            ? 
_reflns.d_resolution_high                1.68 
_reflns.d_resolution_low                 29.44 
_reflns.details                          ? 
_reflns.limit_h_max                      ? 
_reflns.limit_h_min                      ? 
_reflns.limit_k_max                      ? 
_reflns.limit_k_min                      ? 
_reflns.limit_l_max                      ? 
_reflns.limit_l_min                      ? 
_reflns.number_all                       ? 
_reflns.number_obs                       15873 
_reflns.observed_criterion               ? 
_reflns.observed_criterion_F_max         ? 
_reflns.observed_criterion_F_min         ? 
_reflns.observed_criterion_I_max         ? 
_reflns.observed_criterion_I_min         ? 
_reflns.observed_criterion_sigma_F       ? 
_reflns.observed_criterion_sigma_I       ? 
_reflns.percent_possible_obs             99.9 
_reflns.R_free_details                   ? 
_reflns.Rmerge_F_all                     ? 
_reflns.Rmerge_F_obs                     ? 
_reflns.Friedel_coverage                 ? 
_reflns.number_gt                        ? 
_reflns.threshold_expression             ? 
_reflns.pdbx_redundancy                  28.0 
_reflns.pdbx_Rmerge_I_obs                0.06 
_reflns.pdbx_Rmerge_I_all                ? 
_reflns.pdbx_Rsym_value                  ? 
_reflns.pdbx_netI_over_av_sigmaI         ? 
_reflns.pdbx_netI_over_sigmaI            27.8 
_reflns.pdbx_res_netI_over_av_sigmaI_2   ? 
_reflns.pdbx_res_netI_over_sigmaI_2      ? 
_reflns.pdbx_chi_squared                 ? 
_reflns.pdbx_scaling_rejects             ? 
_reflns.pdbx_d_res_high_opt              ? 
_reflns.pdbx_d_res_low_opt               ? 
_reflns.pdbx_d_res_opt_method            ? 
_reflns.phase_calculation_details        ? 
_reflns.pdbx_Rrim_I_all                  ? 
_reflns.pdbx_Rpim_I_all                  ? 
_reflns.pdbx_d_opt                       ? 
_reflns.pdbx_number_measured_all         ? 
_reflns.pdbx_diffrn_id                   1 
_reflns.pdbx_ordinal                     1 
_reflns.pdbx_CC_half                     ? 
_reflns.pdbx_R_split                     ? 
# 
_reflns_shell.d_res_high                  1.68 
_reflns_shell.d_res_low                   1.71 
_reflns_shell.meanI_over_sigI_all         ? 
_reflns_shell.meanI_over_sigI_obs         3.8 
_reflns_shell.number_measured_all         ? 
_reflns_shell.number_measured_obs         ? 
_reflns_shell.number_possible             ? 
_reflns_shell.number_unique_all           ? 
_reflns_shell.number_unique_obs           ? 
_reflns_shell.percent_possible_all        98.8 
_reflns_shell.percent_possible_obs        ? 
_reflns_shell.Rmerge_F_all                ? 
_reflns_shell.Rmerge_F_obs                ? 
_reflns_shell.Rmerge_I_all                ? 
_reflns_shell.Rmerge_I_obs                0.74 
_reflns_shell.meanI_over_sigI_gt          ? 
_reflns_shell.meanI_over_uI_all           ? 
_reflns_shell.meanI_over_uI_gt            ? 
_reflns_shell.number_measured_gt          ? 
_reflns_shell.number_unique_gt            ? 
_reflns_shell.percent_possible_gt         ? 
_reflns_shell.Rmerge_F_gt                 ? 
_reflns_shell.Rmerge_I_gt                 ? 
_reflns_shell.pdbx_redundancy             25.7 
_reflns_shell.pdbx_Rsym_value             ? 
_reflns_shell.pdbx_chi_squared            ? 
_reflns_shell.pdbx_netI_over_sigmaI_all   ? 
_reflns_shell.pdbx_netI_over_sigmaI_obs   ? 
_reflns_shell.pdbx_Rrim_I_all             ? 
_reflns_shell.pdbx_Rpim_I_all             ? 
_reflns_shell.pdbx_rejects                ? 
_reflns_shell.pdbx_ordinal                1 
_reflns_shell.pdbx_diffrn_id              1 
_reflns_shell.pdbx_CC_half                ? 
_reflns_shell.pdbx_R_split                ? 
# 
_refine.aniso_B[1][1]                            ? 
_refine.aniso_B[1][2]                            ? 
_refine.aniso_B[1][3]                            ? 
_refine.aniso_B[2][2]                            ? 
_refine.aniso_B[2][3]                            ? 
_refine.aniso_B[3][3]                            ? 
_refine.B_iso_max                                ? 
_refine.B_iso_mean                               ? 
_refine.B_iso_min                                ? 
_refine.correlation_coeff_Fo_to_Fc               ? 
_refine.correlation_coeff_Fo_to_Fc_free          ? 
_refine.details                                  ? 
_refine.diff_density_max                         ? 
_refine.diff_density_max_esd                     ? 
_refine.diff_density_min                         ? 
_refine.diff_density_min_esd                     ? 
_refine.diff_density_rms                         ? 
_refine.diff_density_rms_esd                     ? 
_refine.entry_id                                 5FHJ 
_refine.pdbx_refine_id                           'X-RAY DIFFRACTION' 
_refine.ls_abs_structure_details                 ? 
_refine.ls_abs_structure_Flack                   ? 
_refine.ls_abs_structure_Flack_esd               ? 
_refine.ls_abs_structure_Rogers                  ? 
_refine.ls_abs_structure_Rogers_esd              ? 
_refine.ls_d_res_high                            1.680 
_refine.ls_d_res_low                             29.437 
_refine.ls_extinction_coef                       ? 
_refine.ls_extinction_coef_esd                   ? 
_refine.ls_extinction_expression                 ? 
_refine.ls_extinction_method                     ? 
_refine.ls_goodness_of_fit_all                   ? 
_refine.ls_goodness_of_fit_all_esd               ? 
_refine.ls_goodness_of_fit_obs                   ? 
_refine.ls_goodness_of_fit_obs_esd               ? 
_refine.ls_hydrogen_treatment                    ? 
_refine.ls_matrix_type                           ? 
_refine.ls_number_constraints                    ? 
_refine.ls_number_parameters                     ? 
_refine.ls_number_reflns_all                     ? 
_refine.ls_number_reflns_obs                     15873 
_refine.ls_number_reflns_R_free                  2786 
_refine.ls_number_reflns_R_work                  ? 
_refine.ls_number_restraints                     ? 
_refine.ls_percent_reflns_obs                    97.74 
_refine.ls_percent_reflns_R_free                 9.87 
_refine.ls_R_factor_all                          ? 
_refine.ls_R_factor_obs                          0.2107 
_refine.ls_R_factor_R_free                       0.2254 
_refine.ls_R_factor_R_free_error                 ? 
_refine.ls_R_factor_R_free_error_details         ? 
_refine.ls_R_factor_R_work                       0.2090 
_refine.ls_R_Fsqd_factor_obs                     ? 
_refine.ls_R_I_factor_obs                        ? 
_refine.ls_redundancy_reflns_all                 ? 
_refine.ls_redundancy_reflns_obs                 ? 
_refine.ls_restrained_S_all                      ? 
_refine.ls_restrained_S_obs                      ? 
_refine.ls_shift_over_esd_max                    ? 
_refine.ls_shift_over_esd_mean                   ? 
_refine.ls_structure_factor_coef                 ? 
_refine.ls_weighting_details                     ? 
_refine.ls_weighting_scheme                      ? 
_refine.ls_wR_factor_all                         ? 
_refine.ls_wR_factor_obs                         ? 
_refine.ls_wR_factor_R_free                      ? 
_refine.ls_wR_factor_R_work                      ? 
_refine.occupancy_max                            ? 
_refine.occupancy_min                            ? 
_refine.solvent_model_details                    'FLAT BULK SOLVENT MODEL' 
_refine.solvent_model_param_bsol                 ? 
_refine.solvent_model_param_ksol                 ? 
_refine.ls_R_factor_gt                           ? 
_refine.ls_goodness_of_fit_gt                    ? 
_refine.ls_goodness_of_fit_ref                   ? 
_refine.ls_shift_over_su_max                     ? 
_refine.ls_shift_over_su_max_lt                  ? 
_refine.ls_shift_over_su_mean                    ? 
_refine.ls_shift_over_su_mean_lt                 ? 
_refine.pdbx_ls_sigma_I                          ? 
_refine.pdbx_ls_sigma_F                          0.00 
_refine.pdbx_ls_sigma_Fsqd                       ? 
_refine.pdbx_data_cutoff_high_absF               ? 
_refine.pdbx_data_cutoff_high_rms_absF           ? 
_refine.pdbx_data_cutoff_low_absF                ? 
_refine.pdbx_isotropic_thermal_model             ? 
_refine.pdbx_ls_cross_valid_method               'FREE R-VALUE' 
_refine.pdbx_method_to_determine_struct          SAD 
_refine.pdbx_starting_model                      ? 
_refine.pdbx_stereochemistry_target_values       MLHL 
_refine.pdbx_R_Free_selection_details            'Random selection' 
_refine.pdbx_stereochem_target_val_spec_case     ? 
_refine.pdbx_overall_ESU_R                       ? 
_refine.pdbx_overall_ESU_R_Free                  ? 
_refine.pdbx_solvent_vdw_probe_radii             1.11 
_refine.pdbx_solvent_ion_probe_radii             ? 
_refine.pdbx_solvent_shrinkage_radii             0.90 
_refine.pdbx_real_space_R                        ? 
_refine.pdbx_density_correlation                 ? 
_refine.pdbx_pd_number_of_powder_patterns        ? 
_refine.pdbx_pd_number_of_points                 ? 
_refine.pdbx_pd_meas_number_of_points            ? 
_refine.pdbx_pd_proc_ls_prof_R_factor            ? 
_refine.pdbx_pd_proc_ls_prof_wR_factor           ? 
_refine.pdbx_pd_Marquardt_correlation_coeff      ? 
_refine.pdbx_pd_Fsqrd_R_factor                   ? 
_refine.pdbx_pd_ls_matrix_band_width             ? 
_refine.pdbx_overall_phase_error                 23.50 
_refine.pdbx_overall_SU_R_free_Cruickshank_DPI   ? 
_refine.pdbx_overall_SU_R_free_Blow_DPI          ? 
_refine.pdbx_overall_SU_R_Blow_DPI               ? 
_refine.pdbx_TLS_residual_ADP_flag               ? 
_refine.pdbx_diffrn_id                           1 
_refine.overall_SU_B                             ? 
_refine.overall_SU_ML                            0.16 
_refine.overall_SU_R_Cruickshank_DPI             ? 
_refine.overall_SU_R_free                        ? 
_refine.overall_FOM_free_R_set                   ? 
_refine.overall_FOM_work_R_set                   ? 
_refine.pdbx_average_fsc_overall                 ? 
_refine.pdbx_average_fsc_work                    ? 
_refine.pdbx_average_fsc_free                    ? 
# 
_refine_hist.pdbx_refine_id                   'X-RAY DIFFRACTION' 
_refine_hist.cycle_id                         LAST 
_refine_hist.pdbx_number_atoms_protein        0 
_refine_hist.pdbx_number_atoms_nucleic_acid   808 
_refine_hist.pdbx_number_atoms_ligand         7 
_refine_hist.number_atoms_solvent             85 
_refine_hist.number_atoms_total               900 
_refine_hist.d_res_high                       1.680 
_refine_hist.d_res_low                        29.437 
# 
loop_
_refine_ls_restr.pdbx_refine_id 
_refine_ls_restr.criterion 
_refine_ls_restr.dev_ideal 
_refine_ls_restr.dev_ideal_target 
_refine_ls_restr.number 
_refine_ls_restr.rejects 
_refine_ls_restr.type 
_refine_ls_restr.weight 
_refine_ls_restr.pdbx_restraint_function 
'X-RAY DIFFRACTION' ? 0.004  ? 904  ? f_bond_d           ? ? 
'X-RAY DIFFRACTION' ? 0.624  ? 1388 ? f_angle_d          ? ? 
'X-RAY DIFFRACTION' ? 34.555 ? 384  ? f_dihedral_angle_d ? ? 
'X-RAY DIFFRACTION' ? 0.032  ? 156  ? f_chiral_restr     ? ? 
'X-RAY DIFFRACTION' ? 0.003  ? 40   ? f_plane_restr      ? ? 
# 
loop_
_refine_ls_shell.pdbx_refine_id 
_refine_ls_shell.d_res_high 
_refine_ls_shell.d_res_low 
_refine_ls_shell.number_reflns_all 
_refine_ls_shell.number_reflns_obs 
_refine_ls_shell.number_reflns_R_free 
_refine_ls_shell.number_reflns_R_work 
_refine_ls_shell.percent_reflns_obs 
_refine_ls_shell.percent_reflns_R_free 
_refine_ls_shell.R_factor_all 
_refine_ls_shell.R_factor_obs 
_refine_ls_shell.R_factor_R_free 
_refine_ls_shell.R_factor_R_free_error 
_refine_ls_shell.R_factor_R_work 
_refine_ls_shell.redundancy_reflns_all 
_refine_ls_shell.redundancy_reflns_obs 
_refine_ls_shell.wR_factor_all 
_refine_ls_shell.wR_factor_obs 
_refine_ls_shell.wR_factor_R_free 
_refine_ls_shell.wR_factor_R_work 
_refine_ls_shell.pdbx_total_number_of_bins_used 
_refine_ls_shell.pdbx_phase_error 
_refine_ls_shell.pdbx_fsc_work 
_refine_ls_shell.pdbx_fsc_free 
'X-RAY DIFFRACTION' 1.6800 1.7090  . . 128 1236 95.00  . . . 0.2741 . 0.2590 . . . . . . . . . . 
'X-RAY DIFFRACTION' 1.7090 1.7400  . . 132 1244 94.00  . . . 0.2470 . 0.2240 . . . . . . . . . . 
'X-RAY DIFFRACTION' 1.7400 1.7735  . . 123 1209 94.00  . . . 0.2784 . 0.2434 . . . . . . . . . . 
'X-RAY DIFFRACTION' 1.7735 1.8097  . . 133 1267 96.00  . . . 0.3063 . 0.2185 . . . . . . . . . . 
'X-RAY DIFFRACTION' 1.8097 1.8490  . . 137 1268 96.00  . . . 0.2836 . 0.2365 . . . . . . . . . . 
'X-RAY DIFFRACTION' 1.8490 1.8920  . . 136 1230 95.00  . . . 0.2721 . 0.2383 . . . . . . . . . . 
'X-RAY DIFFRACTION' 1.8920 1.9393  . . 138 1238 95.00  . . . 0.2699 . 0.2426 . . . . . . . . . . 
'X-RAY DIFFRACTION' 1.9393 1.9918  . . 141 1272 98.00  . . . 0.2759 . 0.2412 . . . . . . . . . . 
'X-RAY DIFFRACTION' 1.9918 2.0504  . . 142 1281 99.00  . . . 0.2317 . 0.2129 . . . . . . . . . . 
'X-RAY DIFFRACTION' 2.0504 2.1165  . . 145 1284 99.00  . . . 0.2319 . 0.2233 . . . . . . . . . . 
'X-RAY DIFFRACTION' 2.1165 2.1921  . . 137 1273 99.00  . . . 0.2262 . 0.2142 . . . . . . . . . . 
'X-RAY DIFFRACTION' 2.1921 2.2799  . . 143 1302 99.00  . . . 0.2396 . 0.2107 . . . . . . . . . . 
'X-RAY DIFFRACTION' 2.2799 2.3836  . . 142 1283 99.00  . . . 0.2158 . 0.2148 . . . . . . . . . . 
'X-RAY DIFFRACTION' 2.3836 2.5092  . . 143 1294 100.00 . . . 0.2302 . 0.2255 . . . . . . . . . . 
'X-RAY DIFFRACTION' 2.5092 2.6663  . . 149 1285 100.00 . . . 0.2516 . 0.2396 . . . . . . . . . . 
'X-RAY DIFFRACTION' 2.6663 2.8720  . . 142 1315 100.00 . . . 0.2427 . 0.2352 . . . . . . . . . . 
'X-RAY DIFFRACTION' 2.8720 3.1608  . . 140 1284 100.00 . . . 0.2316 . 0.2290 . . . . . . . . . . 
'X-RAY DIFFRACTION' 3.1608 3.6174  . . 147 1302 99.00  . . . 0.2260 . 0.2101 . . . . . . . . . . 
'X-RAY DIFFRACTION' 3.6174 4.5548  . . 145 1287 100.00 . . . 0.1955 . 0.1803 . . . . . . . . . . 
'X-RAY DIFFRACTION' 4.5548 29.4416 . . 143 1275 98.00  . . . 0.1976 . 0.1657 . . . . . . . . . . 
# 
_struct.entry_id                     5FHJ 
_struct.title                        
'Extensive amphimorphism in DNA: Three stable conformations for the decadeoxynucleotide d(GCATGCATGC)' 
_struct.pdbx_model_details           ? 
_struct.pdbx_formula_weight          ? 
_struct.pdbx_formula_weight_method   ? 
_struct.pdbx_model_type_details      ? 
_struct.pdbx_CASP_flag               ? 
# 
_struct_keywords.entry_id        5FHJ 
_struct_keywords.text            'DNA, amphimorphism, double-folded, B-type helix' 
_struct_keywords.pdbx_keywords   DNA 
# 
loop_
_struct_asym.id 
_struct_asym.pdbx_blank_PDB_chainid_flag 
_struct_asym.pdbx_modified 
_struct_asym.entity_id 
_struct_asym.details 
A N N 1 ? 
B N N 1 ? 
C N N 1 ? 
D N N 1 ? 
E N N 2 ? 
F N N 2 ? 
G N N 2 ? 
H N N 2 ? 
I N N 2 ? 
J N N 2 ? 
K N N 2 ? 
L N N 3 ? 
M N N 3 ? 
N N N 3 ? 
O N N 3 ? 
# 
_struct_ref.id                         1 
_struct_ref.db_name                    PDB 
_struct_ref.db_code                    5FHJ 
_struct_ref.pdbx_db_accession          5FHJ 
_struct_ref.pdbx_db_isoform            ? 
_struct_ref.entity_id                  1 
_struct_ref.pdbx_seq_one_letter_code   ? 
_struct_ref.pdbx_align_begin           1 
# 
loop_
_struct_ref_seq.align_id 
_struct_ref_seq.ref_id 
_struct_ref_seq.pdbx_PDB_id_code 
_struct_ref_seq.pdbx_strand_id 
_struct_ref_seq.seq_align_beg 
_struct_ref_seq.pdbx_seq_align_beg_ins_code 
_struct_ref_seq.seq_align_end 
_struct_ref_seq.pdbx_seq_align_end_ins_code 
_struct_ref_seq.pdbx_db_accession 
_struct_ref_seq.db_align_beg 
_struct_ref_seq.pdbx_db_align_beg_ins_code 
_struct_ref_seq.db_align_end 
_struct_ref_seq.pdbx_db_align_end_ins_code 
_struct_ref_seq.pdbx_auth_seq_align_beg 
_struct_ref_seq.pdbx_auth_seq_align_end 
1 1 5FHJ A 1 ? 10 ? 5FHJ 1 ? 10 ? 1 10 
2 1 5FHJ B 1 ? 10 ? 5FHJ 1 ? 10 ? 1 10 
3 1 5FHJ C 1 ? 10 ? 5FHJ 1 ? 10 ? 1 10 
4 1 5FHJ D 1 ? 10 ? 5FHJ 1 ? 10 ? 1 10 
# 
loop_
_pdbx_struct_assembly.id 
_pdbx_struct_assembly.details 
_pdbx_struct_assembly.method_details 
_pdbx_struct_assembly.oligomeric_details 
_pdbx_struct_assembly.oligomeric_count 
1 author_defined_assembly ? dimeric 2 
2 author_defined_assembly ? dimeric 2 
# 
loop_
_pdbx_struct_assembly_gen.assembly_id 
_pdbx_struct_assembly_gen.oper_expression 
_pdbx_struct_assembly_gen.asym_id_list 
1 1 A,B,E,F,G,H,I,L,M 
2 1 C,D,J,K,N,O       
# 
_pdbx_struct_oper_list.id                   1 
_pdbx_struct_oper_list.type                 'identity operation' 
_pdbx_struct_oper_list.name                 1_555 
_pdbx_struct_oper_list.symmetry_operation   x,y,z 
_pdbx_struct_oper_list.matrix[1][1]         1.0000000000 
_pdbx_struct_oper_list.matrix[1][2]         0.0000000000 
_pdbx_struct_oper_list.matrix[1][3]         0.0000000000 
_pdbx_struct_oper_list.vector[1]            0.0000000000 
_pdbx_struct_oper_list.matrix[2][1]         0.0000000000 
_pdbx_struct_oper_list.matrix[2][2]         1.0000000000 
_pdbx_struct_oper_list.matrix[2][3]         0.0000000000 
_pdbx_struct_oper_list.vector[2]            0.0000000000 
_pdbx_struct_oper_list.matrix[3][1]         0.0000000000 
_pdbx_struct_oper_list.matrix[3][2]         0.0000000000 
_pdbx_struct_oper_list.matrix[3][3]         1.0000000000 
_pdbx_struct_oper_list.vector[3]            0.0000000000 
# 
loop_
_struct_conn.id 
_struct_conn.conn_type_id 
_struct_conn.pdbx_leaving_atom_flag 
_struct_conn.pdbx_PDB_id 
_struct_conn.ptnr1_label_asym_id 
_struct_conn.ptnr1_label_comp_id 
_struct_conn.ptnr1_label_seq_id 
_struct_conn.ptnr1_label_atom_id 
_struct_conn.pdbx_ptnr1_label_alt_id 
_struct_conn.pdbx_ptnr1_PDB_ins_code 
_struct_conn.pdbx_ptnr1_standard_comp_id 
_struct_conn.ptnr1_symmetry 
_struct_conn.ptnr2_label_asym_id 
_struct_conn.ptnr2_label_comp_id 
_struct_conn.ptnr2_label_seq_id 
_struct_conn.ptnr2_label_atom_id 
_struct_conn.pdbx_ptnr2_label_alt_id 
_struct_conn.pdbx_ptnr2_PDB_ins_code 
_struct_conn.ptnr1_auth_asym_id 
_struct_conn.ptnr1_auth_comp_id 
_struct_conn.ptnr1_auth_seq_id 
_struct_conn.ptnr2_auth_asym_id 
_struct_conn.ptnr2_auth_comp_id 
_struct_conn.ptnr2_auth_seq_id 
_struct_conn.ptnr2_symmetry 
_struct_conn.pdbx_ptnr3_label_atom_id 
_struct_conn.pdbx_ptnr3_label_seq_id 
_struct_conn.pdbx_ptnr3_label_comp_id 
_struct_conn.pdbx_ptnr3_label_asym_id 
_struct_conn.pdbx_ptnr3_label_alt_id 
_struct_conn.pdbx_ptnr3_PDB_ins_code 
_struct_conn.details 
_struct_conn.pdbx_dist_value 
_struct_conn.pdbx_value_order 
_struct_conn.pdbx_role 
metalc1  metalc ? ? A DG  1  N7 ? ? ? 1_555 E CO  .  CO ? ? A DG  1   A CO  101 1_555 ? ? ? ? ? ? ?            2.185 ? ? 
metalc2  metalc ? ? A DG  5  N7 ? ? ? 1_555 F CO  .  CO A ? A DG  5   A CO  102 1_555 ? ? ? ? ? ? ?            2.226 ? ? 
metalc3  metalc ? ? A DG  5  N7 ? ? ? 1_555 F CO  .  CO B ? A DG  5   A CO  102 1_555 ? ? ? ? ? ? ?            2.300 ? ? 
metalc4  metalc ? ? A DG  9  N7 ? ? ? 1_555 E CO  .  CO ? ? A DG  9   A CO  101 1_555 ? ? ? ? ? ? ?            2.171 ? ? 
metalc5  metalc ? ? E CO  .  CO ? ? ? 1_555 L HOH .  O  ? ? A CO  101 A HOH 207 1_555 ? ? ? ? ? ? ?            1.995 ? ? 
metalc6  metalc ? ? E CO  .  CO ? ? ? 1_555 L HOH .  O  ? ? A CO  101 A HOH 208 1_555 ? ? ? ? ? ? ?            2.135 ? ? 
metalc7  metalc ? ? E CO  .  CO ? ? ? 1_555 L HOH .  O  ? ? A CO  101 A HOH 223 1_555 ? ? ? ? ? ? ?            2.098 ? ? 
metalc8  metalc ? ? E CO  .  CO ? ? ? 1_555 M HOH .  O  ? ? A CO  101 B HOH 209 4_454 ? ? ? ? ? ? ?            2.048 ? ? 
metalc9  metalc ? ? F CO  .  CO A ? ? 1_555 L HOH .  O  ? ? A CO  102 A HOH 203 1_555 ? ? ? ? ? ? ?            2.165 ? ? 
metalc10 metalc ? ? F CO  .  CO B ? ? 1_555 L HOH .  O  ? ? A CO  102 A HOH 203 1_555 ? ? ? ? ? ? ?            1.957 ? ? 
metalc11 metalc ? ? F CO  .  CO A ? ? 1_555 L HOH .  O  ? ? A CO  102 A HOH 220 1_555 ? ? ? ? ? ? ?            2.733 ? ? 
metalc12 metalc ? ? F CO  .  CO B ? ? 1_555 L HOH .  O  ? ? A CO  102 A HOH 220 1_555 ? ? ? ? ? ? ?            1.794 ? ? 
metalc13 metalc ? ? F CO  .  CO A ? ? 1_555 L HOH .  O  A ? A CO  102 A HOH 222 1_555 ? ? ? ? ? ? ?            2.071 ? ? 
metalc14 metalc ? ? F CO  .  CO B ? ? 1_555 L HOH .  O  B ? A CO  102 A HOH 222 1_555 ? ? ? ? ? ? ?            2.701 ? ? 
metalc15 metalc ? ? F CO  .  CO A ? ? 1_555 L HOH .  O  ? ? A CO  102 A HOH 229 1_555 ? ? ? ? ? ? ?            1.875 ? ? 
metalc16 metalc ? ? F CO  .  CO A ? ? 1_555 M HOH .  O  ? ? A CO  102 B HOH 226 1_555 ? ? ? ? ? ? ?            2.127 ? ? 
metalc17 metalc ? ? F CO  .  CO B ? ? 1_555 M HOH .  O  ? ? A CO  102 B HOH 226 1_555 ? ? ? ? ? ? ?            2.256 ? ? 
metalc18 metalc ? ? G CO  .  CO ? ? ? 1_555 L HOH .  O  ? ? A CO  103 A HOH 216 1_555 ? ? ? ? ? ? ?            2.300 ? ? 
metalc19 metalc ? ? G CO  .  CO ? ? ? 1_555 L HOH .  O  ? ? A CO  103 A HOH 237 7_555 ? ? ? ? ? ? ?            2.475 ? ? 
metalc20 metalc ? ? G CO  .  CO ? ? ? 1_555 L HOH .  O  B ? A CO  103 A HOH 238 1_555 ? ? ? ? ? ? ?            2.522 ? ? 
metalc21 metalc ? ? G CO  .  CO ? ? ? 1_555 L HOH .  O  B ? A CO  103 A HOH 238 7_555 ? ? ? ? ? ? ?            2.522 ? ? 
metalc22 metalc ? ? L HOH .  O  ? ? ? 3_555 H CO  .  CO ? ? A HOH 201 B CO  101 1_555 ? ? ? ? ? ? ?            2.019 ? ? 
metalc23 metalc ? ? L HOH .  O  ? ? ? 1_555 K CO  .  CO ? ? A HOH 212 D CO  101 1_555 ? ? ? ? ? ? ?            2.107 ? ? 
metalc24 metalc ? ? L HOH .  O  ? ? ? 1_655 J CO  .  CO A ? A HOH 221 C CO  101 1_555 ? ? ? ? ? ? ?            2.058 ? ? 
metalc25 metalc ? ? L HOH .  O  ? ? ? 1_655 J CO  .  CO B ? A HOH 221 C CO  101 1_555 ? ? ? ? ? ? ?            2.094 ? ? 
metalc26 metalc ? ? B DG  1  N7 ? ? ? 1_555 H CO  .  CO ? ? B DG  1   B CO  101 1_555 ? ? ? ? ? ? ?            2.225 ? ? 
metalc27 metalc ? ? B DG  5  N7 ? ? ? 1_555 I CO  .  CO A ? B DG  5   B CO  102 1_555 ? ? ? ? ? ? ?            2.262 ? ? 
metalc28 metalc ? ? B DG  5  N7 ? ? ? 1_555 I CO  .  CO B ? B DG  5   B CO  102 1_555 ? ? ? ? ? ? ?            2.290 ? ? 
metalc29 metalc ? ? B DG  9  N7 ? ? ? 1_555 H CO  .  CO ? ? B DG  9   B CO  101 1_555 ? ? ? ? ? ? ?            2.155 ? ? 
metalc30 metalc ? ? H CO  .  CO ? ? ? 1_555 M HOH .  O  ? ? B CO  101 B HOH 208 1_555 ? ? ? ? ? ? ?            2.142 ? ? 
metalc31 metalc ? ? H CO  .  CO ? ? ? 1_555 M HOH .  O  ? ? B CO  101 B HOH 210 1_555 ? ? ? ? ? ? ?            2.104 ? ? 
metalc32 metalc ? ? H CO  .  CO ? ? ? 1_555 M HOH .  O  ? ? B CO  101 B HOH 218 1_555 ? ? ? ? ? ? ?            1.985 ? ? 
metalc33 metalc ? ? I CO  .  CO A ? ? 1_555 M HOH .  O  A ? B CO  102 B HOH 202 1_555 ? ? ? ? ? ? ?            2.488 ? ? 
metalc34 metalc ? ? I CO  .  CO B ? ? 1_555 M HOH .  O  B ? B CO  102 B HOH 202 1_555 ? ? ? ? ? ? ?            1.944 ? ? 
metalc35 metalc ? ? I CO  .  CO A ? ? 1_555 M HOH .  O  ? ? B CO  102 B HOH 213 1_555 ? ? ? ? ? ? ?            1.912 ? ? 
metalc36 metalc ? ? I CO  .  CO B ? ? 1_555 M HOH .  O  ? ? B CO  102 B HOH 213 1_555 ? ? ? ? ? ? ?            2.443 ? ? 
metalc37 metalc ? ? I CO  .  CO A ? ? 1_555 M HOH .  O  ? ? B CO  102 B HOH 223 1_555 ? ? ? ? ? ? ?            1.906 ? ? 
metalc38 metalc ? ? I CO  .  CO A ? ? 1_555 M HOH .  O  ? ? B CO  102 B HOH 225 1_555 ? ? ? ? ? ? ?            2.717 ? ? 
metalc39 metalc ? ? I CO  .  CO B ? ? 1_555 M HOH .  O  ? ? B CO  102 B HOH 225 1_555 ? ? ? ? ? ? ?            1.745 ? ? 
metalc40 metalc ? ? I CO  .  CO A ? ? 1_555 M HOH .  O  A ? B CO  102 B HOH 227 1_555 ? ? ? ? ? ? ?            2.169 ? ? 
metalc41 metalc ? ? I CO  .  CO B ? ? 1_555 M HOH .  O  B ? B CO  102 B HOH 227 1_555 ? ? ? ? ? ? ?            2.730 ? ? 
metalc42 metalc ? ? C DG  9  C8 ? ? ? 1_555 J CO  .  CO A ? C DG  9   C CO  101 1_555 ? ? ? ? ? ? ?            2.728 ? ? 
metalc43 metalc ? ? C DG  9  N7 ? ? ? 1_555 J CO  .  CO A ? C DG  9   C CO  101 1_555 ? ? ? ? ? ? ?            1.789 ? ? 
metalc44 metalc ? ? J CO  .  CO A ? ? 1_555 N HOH .  O  ? ? C CO  101 C HOH 201 1_555 ? ? ? ? ? ? ?            2.158 ? ? 
metalc45 metalc ? ? J CO  .  CO B ? ? 1_555 N HOH .  O  ? ? C CO  101 C HOH 201 1_555 ? ? ? ? ? ? ?            2.356 ? ? 
metalc46 metalc ? ? J CO  .  CO A ? ? 1_555 N HOH .  O  ? ? C CO  101 C HOH 206 1_555 ? ? ? ? ? ? ?            2.293 ? ? 
metalc47 metalc ? ? J CO  .  CO B ? ? 1_555 N HOH .  O  ? ? C CO  101 C HOH 206 1_555 ? ? ? ? ? ? ?            2.160 ? ? 
metalc48 metalc ? ? J CO  .  CO B ? ? 1_555 N HOH .  O  ? ? C CO  101 C HOH 208 1_555 ? ? ? ? ? ? ?            1.778 ? ? 
metalc49 metalc ? ? J CO  .  CO A ? ? 1_555 O HOH .  O  ? ? C CO  101 D HOH 201 1_555 ? ? ? ? ? ? ?            2.333 ? ? 
metalc50 metalc ? ? J CO  .  CO B ? ? 1_555 O HOH .  O  ? ? C CO  101 D HOH 201 1_555 ? ? ? ? ? ? ?            2.319 ? ? 
metalc51 metalc ? ? N HOH .  O  ? ? ? 1_555 K CO  .  CO ? ? C HOH 203 D CO  101 1_555 ? ? ? ? ? ? ?            2.133 ? ? 
metalc52 metalc ? ? D DG  9  N7 ? ? ? 1_555 K CO  .  CO ? ? D DG  9   D CO  101 1_555 ? ? ? ? ? ? ?            2.199 ? ? 
metalc53 metalc ? ? K CO  .  CO ? ? ? 1_555 O HOH .  O  ? ? D CO  101 D HOH 204 1_555 ? ? ? ? ? ? ?            1.990 ? ? 
metalc54 metalc ? ? K CO  .  CO ? ? ? 1_555 O HOH .  O  ? ? D CO  101 D HOH 206 1_555 ? ? ? ? ? ? ?            2.041 ? ? 
metalc55 metalc ? ? K CO  .  CO ? ? ? 1_555 O HOH .  O  ? ? D CO  101 D HOH 209 1_555 ? ? ? ? ? ? ?            2.006 ? ? 
hydrog1  hydrog ? ? A DG  1  N2 ? ? ? 1_555 A DC  6  O2 ? ? A DG  1   A DC  6   1_555 ? ? ? ? ? ? 'DG-DC PAIR' ?     ? ? 
hydrog2  hydrog ? ? A DG  1  N1 ? ? ? 1_555 B DC  6  N3 ? ? A DG  1   B DC  6   1_555 ? ? ? ? ? ? WATSON-CRICK ?     ? ? 
hydrog3  hydrog ? ? A DG  1  N2 ? ? ? 1_555 B DC  6  O2 ? ? A DG  1   B DC  6   1_555 ? ? ? ? ? ? WATSON-CRICK ?     ? ? 
hydrog4  hydrog ? ? A DG  1  O6 ? ? ? 1_555 B DC  6  N4 ? ? A DG  1   B DC  6   1_555 ? ? ? ? ? ? WATSON-CRICK ?     ? ? 
hydrog5  hydrog ? ? A DC  2  O2 ? ? ? 1_555 A DG  5  N2 ? ? A DC  2   A DG  5   1_555 ? ? ? ? ? ? 'DC-DG PAIR' ?     ? ? 
hydrog6  hydrog ? ? A DC  2  N3 ? ? ? 1_555 B DG  5  N1 ? ? A DC  2   B DG  5   1_555 ? ? ? ? ? ? WATSON-CRICK ?     ? ? 
hydrog7  hydrog ? ? A DC  2  N4 ? ? ? 1_555 B DG  5  O6 ? ? A DC  2   B DG  5   1_555 ? ? ? ? ? ? WATSON-CRICK ?     ? ? 
hydrog8  hydrog ? ? A DC  2  O2 ? ? ? 1_555 B DG  5  N2 ? ? A DC  2   B DG  5   1_555 ? ? ? ? ? ? WATSON-CRICK ?     ? ? 
hydrog9  hydrog ? ? A DG  5  N1 ? ? ? 1_555 B DC  2  N3 ? ? A DG  5   B DC  2   1_555 ? ? ? ? ? ? WATSON-CRICK ?     ? ? 
hydrog10 hydrog ? ? A DG  5  N2 ? ? ? 1_555 B DC  2  O2 ? ? A DG  5   B DC  2   1_555 ? ? ? ? ? ? WATSON-CRICK ?     ? ? 
hydrog11 hydrog ? ? A DG  5  O6 ? ? ? 1_555 B DC  2  N4 ? ? A DG  5   B DC  2   1_555 ? ? ? ? ? ? WATSON-CRICK ?     ? ? 
hydrog12 hydrog ? ? A DC  6  N3 ? ? ? 1_555 B DG  1  N1 ? ? A DC  6   B DG  1   1_555 ? ? ? ? ? ? WATSON-CRICK ?     ? ? 
hydrog13 hydrog ? ? A DC  6  N4 ? ? ? 1_555 B DG  1  O6 ? ? A DC  6   B DG  1   1_555 ? ? ? ? ? ? WATSON-CRICK ?     ? ? 
hydrog14 hydrog ? ? A DC  6  O2 ? ? ? 1_555 B DG  1  N2 ? ? A DC  6   B DG  1   1_555 ? ? ? ? ? ? WATSON-CRICK ?     ? ? 
hydrog15 hydrog ? ? B DG  1  N2 ? ? ? 1_555 B DC  6  O2 ? ? B DG  1   B DC  6   1_555 ? ? ? ? ? ? 'DG-DC PAIR' ?     ? ? 
hydrog16 hydrog ? ? B DC  2  O2 ? ? ? 1_555 B DG  5  N2 ? ? B DC  2   B DG  5   1_555 ? ? ? ? ? ? 'DC-DG PAIR' ?     ? ? 
hydrog17 hydrog ? ? C DG  1  N1 ? ? ? 1_555 D DC  10 N3 ? ? C DG  1   D DC  10  1_555 ? ? ? ? ? ? WATSON-CRICK ?     ? ? 
hydrog18 hydrog ? ? C DG  1  N2 ? ? ? 1_555 D DC  10 O2 ? ? C DG  1   D DC  10  1_555 ? ? ? ? ? ? WATSON-CRICK ?     ? ? 
hydrog19 hydrog ? ? C DG  1  O6 ? ? ? 1_555 D DC  10 N4 ? ? C DG  1   D DC  10  1_555 ? ? ? ? ? ? WATSON-CRICK ?     ? ? 
hydrog20 hydrog ? ? C DC  2  N3 ? ? ? 1_555 D DG  9  N1 ? ? C DC  2   D DG  9   1_555 ? ? ? ? ? ? WATSON-CRICK ?     ? ? 
hydrog21 hydrog ? ? C DC  2  N4 ? ? ? 1_555 D DG  9  O6 ? ? C DC  2   D DG  9   1_555 ? ? ? ? ? ? WATSON-CRICK ?     ? ? 
hydrog22 hydrog ? ? C DC  2  O2 ? ? ? 1_555 D DG  9  N2 ? ? C DC  2   D DG  9   1_555 ? ? ? ? ? ? WATSON-CRICK ?     ? ? 
hydrog23 hydrog ? ? C DA  3  N1 ? ? ? 1_555 D DT  8  N3 ? ? C DA  3   D DT  8   1_555 ? ? ? ? ? ? WATSON-CRICK ?     ? ? 
hydrog24 hydrog ? ? C DA  3  N6 ? ? ? 1_555 D DT  8  O4 ? ? C DA  3   D DT  8   1_555 ? ? ? ? ? ? WATSON-CRICK ?     ? ? 
hydrog25 hydrog ? ? C DT  4  N3 ? ? ? 1_555 D DA  7  N1 ? ? C DT  4   D DA  7   1_555 ? ? ? ? ? ? WATSON-CRICK ?     ? ? 
hydrog26 hydrog ? ? C DT  4  O4 ? ? ? 1_555 D DA  7  N6 ? ? C DT  4   D DA  7   1_555 ? ? ? ? ? ? WATSON-CRICK ?     ? ? 
hydrog27 hydrog ? ? C DG  5  N1 ? ? ? 1_555 D DC  6  N3 ? ? C DG  5   D DC  6   1_555 ? ? ? ? ? ? WATSON-CRICK ?     ? ? 
hydrog28 hydrog ? ? C DG  5  N2 ? ? ? 1_555 D DC  6  O2 ? ? C DG  5   D DC  6   1_555 ? ? ? ? ? ? WATSON-CRICK ?     ? ? 
hydrog29 hydrog ? ? C DG  5  O6 ? ? ? 1_555 D DC  6  N4 ? ? C DG  5   D DC  6   1_555 ? ? ? ? ? ? WATSON-CRICK ?     ? ? 
hydrog30 hydrog ? ? C DC  6  N3 ? ? ? 1_555 D DG  5  N1 ? ? C DC  6   D DG  5   1_555 ? ? ? ? ? ? WATSON-CRICK ?     ? ? 
hydrog31 hydrog ? ? C DC  6  N4 ? ? ? 1_555 D DG  5  O6 ? ? C DC  6   D DG  5   1_555 ? ? ? ? ? ? WATSON-CRICK ?     ? ? 
hydrog32 hydrog ? ? C DC  6  O2 ? ? ? 1_555 D DG  5  N2 ? ? C DC  6   D DG  5   1_555 ? ? ? ? ? ? WATSON-CRICK ?     ? ? 
hydrog33 hydrog ? ? C DA  7  N1 ? ? ? 1_555 D DT  4  N3 ? ? C DA  7   D DT  4   1_555 ? ? ? ? ? ? WATSON-CRICK ?     ? ? 
hydrog34 hydrog ? ? C DA  7  N6 ? ? ? 1_555 D DT  4  O4 ? ? C DA  7   D DT  4   1_555 ? ? ? ? ? ? WATSON-CRICK ?     ? ? 
hydrog35 hydrog ? ? C DT  8  N3 ? ? ? 1_555 D DA  3  N1 ? ? C DT  8   D DA  3   1_555 ? ? ? ? ? ? 'DT-DA PAIR' ?     ? ? 
hydrog36 hydrog ? ? C DG  9  N1 ? ? ? 1_555 D DC  2  N3 ? ? C DG  9   D DC  2   1_555 ? ? ? ? ? ? WATSON-CRICK ?     ? ? 
hydrog37 hydrog ? ? C DG  9  N2 ? ? ? 1_555 D DC  2  O2 ? ? C DG  9   D DC  2   1_555 ? ? ? ? ? ? WATSON-CRICK ?     ? ? 
hydrog38 hydrog ? ? C DG  9  O6 ? ? ? 1_555 D DC  2  N4 ? ? C DG  9   D DC  2   1_555 ? ? ? ? ? ? WATSON-CRICK ?     ? ? 
hydrog39 hydrog ? ? C DC  10 N3 ? ? ? 1_555 D DG  1  N1 ? ? C DC  10  D DG  1   1_555 ? ? ? ? ? ? WATSON-CRICK ?     ? ? 
hydrog40 hydrog ? ? C DC  10 N4 ? ? ? 1_555 D DG  1  O6 ? ? C DC  10  D DG  1   1_555 ? ? ? ? ? ? WATSON-CRICK ?     ? ? 
hydrog41 hydrog ? ? C DC  10 O2 ? ? ? 1_555 D DG  1  N2 ? ? C DC  10  D DG  1   1_555 ? ? ? ? ? ? WATSON-CRICK ?     ? ? 
# 
loop_
_struct_conn_type.id 
_struct_conn_type.criteria 
_struct_conn_type.reference 
metalc ? ? 
hydrog ? ? 
# 
loop_
_pdbx_struct_conn_angle.id 
_pdbx_struct_conn_angle.ptnr1_label_atom_id 
_pdbx_struct_conn_angle.ptnr1_label_alt_id 
_pdbx_struct_conn_angle.ptnr1_label_asym_id 
_pdbx_struct_conn_angle.ptnr1_label_comp_id 
_pdbx_struct_conn_angle.ptnr1_label_seq_id 
_pdbx_struct_conn_angle.ptnr1_auth_atom_id 
_pdbx_struct_conn_angle.ptnr1_auth_asym_id 
_pdbx_struct_conn_angle.ptnr1_auth_comp_id 
_pdbx_struct_conn_angle.ptnr1_auth_seq_id 
_pdbx_struct_conn_angle.ptnr1_PDB_ins_code 
_pdbx_struct_conn_angle.ptnr1_symmetry 
_pdbx_struct_conn_angle.ptnr2_label_atom_id 
_pdbx_struct_conn_angle.ptnr2_label_alt_id 
_pdbx_struct_conn_angle.ptnr2_label_asym_id 
_pdbx_struct_conn_angle.ptnr2_label_comp_id 
_pdbx_struct_conn_angle.ptnr2_label_seq_id 
_pdbx_struct_conn_angle.ptnr2_auth_atom_id 
_pdbx_struct_conn_angle.ptnr2_auth_asym_id 
_pdbx_struct_conn_angle.ptnr2_auth_comp_id 
_pdbx_struct_conn_angle.ptnr2_auth_seq_id 
_pdbx_struct_conn_angle.ptnr2_PDB_ins_code 
_pdbx_struct_conn_angle.ptnr2_symmetry 
_pdbx_struct_conn_angle.ptnr3_label_atom_id 
_pdbx_struct_conn_angle.ptnr3_label_alt_id 
_pdbx_struct_conn_angle.ptnr3_label_asym_id 
_pdbx_struct_conn_angle.ptnr3_label_comp_id 
_pdbx_struct_conn_angle.ptnr3_label_seq_id 
_pdbx_struct_conn_angle.ptnr3_auth_atom_id 
_pdbx_struct_conn_angle.ptnr3_auth_asym_id 
_pdbx_struct_conn_angle.ptnr3_auth_comp_id 
_pdbx_struct_conn_angle.ptnr3_auth_seq_id 
_pdbx_struct_conn_angle.ptnr3_PDB_ins_code 
_pdbx_struct_conn_angle.ptnr3_symmetry 
_pdbx_struct_conn_angle.value 
_pdbx_struct_conn_angle.value_esd 
1   N7 ? A DG  1 ? A DG  1   ? 1_555 CO ? E CO . ? A CO 101 ? 1_555 N7 ? A DG  9 ? A DG  9   ? 1_555 176.3 ? 
2   N7 ? A DG  1 ? A DG  1   ? 1_555 CO ? E CO . ? A CO 101 ? 1_555 O  ? L HOH . ? A HOH 207 ? 1_555 93.5  ? 
3   N7 ? A DG  9 ? A DG  9   ? 1_555 CO ? E CO . ? A CO 101 ? 1_555 O  ? L HOH . ? A HOH 207 ? 1_555 89.1  ? 
4   N7 ? A DG  1 ? A DG  1   ? 1_555 CO ? E CO . ? A CO 101 ? 1_555 O  ? L HOH . ? A HOH 208 ? 1_555 89.7  ? 
5   N7 ? A DG  9 ? A DG  9   ? 1_555 CO ? E CO . ? A CO 101 ? 1_555 O  ? L HOH . ? A HOH 208 ? 1_555 87.7  ? 
6   O  ? L HOH . ? A HOH 207 ? 1_555 CO ? E CO . ? A CO 101 ? 1_555 O  ? L HOH . ? A HOH 208 ? 1_555 176.7 ? 
7   N7 ? A DG  1 ? A DG  1   ? 1_555 CO ? E CO . ? A CO 101 ? 1_555 O  ? L HOH . ? A HOH 223 ? 1_555 93.2  ? 
8   N7 ? A DG  9 ? A DG  9   ? 1_555 CO ? E CO . ? A CO 101 ? 1_555 O  ? L HOH . ? A HOH 223 ? 1_555 89.6  ? 
9   O  ? L HOH . ? A HOH 207 ? 1_555 CO ? E CO . ? A CO 101 ? 1_555 O  ? L HOH . ? A HOH 223 ? 1_555 86.7  ? 
10  O  ? L HOH . ? A HOH 208 ? 1_555 CO ? E CO . ? A CO 101 ? 1_555 O  ? L HOH . ? A HOH 223 ? 1_555 94.2  ? 
11  N7 ? A DG  1 ? A DG  1   ? 1_555 CO ? E CO . ? A CO 101 ? 1_555 O  ? M HOH . ? B HOH 209 ? 4_454 88.5  ? 
12  N7 ? A DG  9 ? A DG  9   ? 1_555 CO ? E CO . ? A CO 101 ? 1_555 O  ? M HOH . ? B HOH 209 ? 4_454 88.8  ? 
13  O  ? L HOH . ? A HOH 207 ? 1_555 CO ? E CO . ? A CO 101 ? 1_555 O  ? M HOH . ? B HOH 209 ? 4_454 91.4  ? 
14  O  ? L HOH . ? A HOH 208 ? 1_555 CO ? E CO . ? A CO 101 ? 1_555 O  ? M HOH . ? B HOH 209 ? 4_454 87.6  ? 
15  O  ? L HOH . ? A HOH 223 ? 1_555 CO ? E CO . ? A CO 101 ? 1_555 O  ? M HOH . ? B HOH 209 ? 4_454 177.5 ? 
16  N7 ? A DG  5 ? A DG  5   ? 1_555 CO A F CO . ? A CO 102 ? 1_555 O  ? L HOH . ? A HOH 203 ? 1_555 92.3  ? 
17  N7 ? A DG  5 ? A DG  5   ? 1_555 CO A F CO . ? A CO 102 ? 1_555 O  ? L HOH . ? A HOH 220 ? 1_555 82.9  ? 
18  O  ? L HOH . ? A HOH 203 ? 1_555 CO A F CO . ? A CO 102 ? 1_555 O  ? L HOH . ? A HOH 220 ? 1_555 75.7  ? 
19  N7 ? A DG  5 ? A DG  5   ? 1_555 CO A F CO . ? A CO 102 ? 1_555 O  A L HOH . ? A HOH 222 ? 1_555 92.9  ? 
20  O  ? L HOH . ? A HOH 203 ? 1_555 CO A F CO . ? A CO 102 ? 1_555 O  A L HOH . ? A HOH 222 ? 1_555 152.1 ? 
21  O  ? L HOH . ? A HOH 220 ? 1_555 CO A F CO . ? A CO 102 ? 1_555 O  A L HOH . ? A HOH 222 ? 1_555 77.8  ? 
22  N7 ? A DG  5 ? A DG  5   ? 1_555 CO A F CO . ? A CO 102 ? 1_555 O  ? L HOH . ? A HOH 229 ? 1_555 97.7  ? 
23  O  ? L HOH . ? A HOH 203 ? 1_555 CO A F CO . ? A CO 102 ? 1_555 O  ? L HOH . ? A HOH 229 ? 1_555 100.4 ? 
24  O  ? L HOH . ? A HOH 220 ? 1_555 CO A F CO . ? A CO 102 ? 1_555 O  ? L HOH . ? A HOH 229 ? 1_555 176.1 ? 
25  O  A L HOH . ? A HOH 222 ? 1_555 CO A F CO . ? A CO 102 ? 1_555 O  ? L HOH . ? A HOH 229 ? 1_555 105.9 ? 
26  N7 ? A DG  5 ? A DG  5   ? 1_555 CO A F CO . ? A CO 102 ? 1_555 O  ? M HOH . ? B HOH 226 ? 1_555 166.8 ? 
27  O  ? L HOH . ? A HOH 203 ? 1_555 CO A F CO . ? A CO 102 ? 1_555 O  ? M HOH . ? B HOH 226 ? 1_555 81.7  ? 
28  O  ? L HOH . ? A HOH 220 ? 1_555 CO A F CO . ? A CO 102 ? 1_555 O  ? M HOH . ? B HOH 226 ? 1_555 84.2  ? 
29  O  A L HOH . ? A HOH 222 ? 1_555 CO A F CO . ? A CO 102 ? 1_555 O  ? M HOH . ? B HOH 226 ? 1_555 87.1  ? 
30  O  ? L HOH . ? A HOH 229 ? 1_555 CO A F CO . ? A CO 102 ? 1_555 O  ? M HOH . ? B HOH 226 ? 1_555 94.9  ? 
31  N7 ? A DG  5 ? A DG  5   ? 1_555 CO B F CO . ? A CO 102 ? 1_555 O  ? L HOH . ? A HOH 203 ? 1_555 95.8  ? 
32  N7 ? A DG  5 ? A DG  5   ? 1_555 CO B F CO . ? A CO 102 ? 1_555 O  ? L HOH . ? A HOH 220 ? 1_555 107.0 ? 
33  O  ? L HOH . ? A HOH 203 ? 1_555 CO B F CO . ? A CO 102 ? 1_555 O  ? L HOH . ? A HOH 220 ? 1_555 108.1 ? 
34  N7 ? A DG  5 ? A DG  5   ? 1_555 CO B F CO . ? A CO 102 ? 1_555 O  B L HOH . ? A HOH 222 ? 1_555 79.3  ? 
35  O  ? L HOH . ? A HOH 203 ? 1_555 CO B F CO . ? A CO 102 ? 1_555 O  B L HOH . ? A HOH 222 ? 1_555 128.2 ? 
36  O  ? L HOH . ? A HOH 220 ? 1_555 CO B F CO . ? A CO 102 ? 1_555 O  B L HOH . ? A HOH 222 ? 1_555 122.8 ? 
37  N7 ? A DG  5 ? A DG  5   ? 1_555 CO B F CO . ? A CO 102 ? 1_555 O  ? M HOH . ? B HOH 226 ? 1_555 143.3 ? 
38  O  ? L HOH . ? A HOH 203 ? 1_555 CO B F CO . ? A CO 102 ? 1_555 O  ? M HOH . ? B HOH 226 ? 1_555 83.3  ? 
39  O  ? L HOH . ? A HOH 220 ? 1_555 CO B F CO . ? A CO 102 ? 1_555 O  ? M HOH . ? B HOH 226 ? 1_555 108.1 ? 
40  O  B L HOH . ? A HOH 222 ? 1_555 CO B F CO . ? A CO 102 ? 1_555 O  ? M HOH . ? B HOH 226 ? 1_555 73.0  ? 
41  O  ? L HOH . ? A HOH 216 ? 1_555 CO ? G CO . ? A CO 103 ? 1_555 O  ? L HOH . ? A HOH 237 ? 7_555 96.7  ? 
42  O  ? L HOH . ? A HOH 216 ? 1_555 CO ? G CO . ? A CO 103 ? 1_555 O  B L HOH . ? A HOH 238 ? 1_555 95.1  ? 
43  O  ? L HOH . ? A HOH 237 ? 7_555 CO ? G CO . ? A CO 103 ? 1_555 O  B L HOH . ? A HOH 238 ? 1_555 64.2  ? 
44  O  ? L HOH . ? A HOH 216 ? 1_555 CO ? G CO . ? A CO 103 ? 1_555 O  B L HOH . ? A HOH 238 ? 7_555 95.1  ? 
45  O  ? L HOH . ? A HOH 237 ? 7_555 CO ? G CO . ? A CO 103 ? 1_555 O  B L HOH . ? A HOH 238 ? 7_555 64.2  ? 
46  O  B L HOH . ? A HOH 238 ? 1_555 CO ? G CO . ? A CO 103 ? 1_555 O  B L HOH . ? A HOH 238 ? 7_555 0.0   ? 
47  O  ? L HOH . ? A HOH 201 ? 3_555 CO ? H CO . ? B CO 101 ? 1_555 N7 ? B DG  1 ? B DG  1   ? 1_555 90.7  ? 
48  O  ? L HOH . ? A HOH 201 ? 3_555 CO ? H CO . ? B CO 101 ? 1_555 N7 ? B DG  9 ? B DG  9   ? 1_555 94.1  ? 
49  N7 ? B DG  1 ? B DG  1   ? 1_555 CO ? H CO . ? B CO 101 ? 1_555 N7 ? B DG  9 ? B DG  9   ? 1_555 175.2 ? 
50  O  ? L HOH . ? A HOH 201 ? 3_555 CO ? H CO . ? B CO 101 ? 1_555 O  ? M HOH . ? B HOH 208 ? 1_555 88.1  ? 
51  N7 ? B DG  1 ? B DG  1   ? 1_555 CO ? H CO . ? B CO 101 ? 1_555 O  ? M HOH . ? B HOH 208 ? 1_555 89.0  ? 
52  N7 ? B DG  9 ? B DG  9   ? 1_555 CO ? H CO . ? B CO 101 ? 1_555 O  ? M HOH . ? B HOH 208 ? 1_555 90.7  ? 
53  O  ? L HOH . ? A HOH 201 ? 3_555 CO ? H CO . ? B CO 101 ? 1_555 O  ? M HOH . ? B HOH 210 ? 1_555 91.7  ? 
54  N7 ? B DG  1 ? B DG  1   ? 1_555 CO ? H CO . ? B CO 101 ? 1_555 O  ? M HOH . ? B HOH 210 ? 1_555 93.4  ? 
55  N7 ? B DG  9 ? B DG  9   ? 1_555 CO ? H CO . ? B CO 101 ? 1_555 O  ? M HOH . ? B HOH 210 ? 1_555 86.9  ? 
56  O  ? M HOH . ? B HOH 208 ? 1_555 CO ? H CO . ? B CO 101 ? 1_555 O  ? M HOH . ? B HOH 210 ? 1_555 177.6 ? 
57  O  ? L HOH . ? A HOH 201 ? 3_555 CO ? H CO . ? B CO 101 ? 1_555 O  ? M HOH . ? B HOH 218 ? 1_555 178.7 ? 
58  N7 ? B DG  1 ? B DG  1   ? 1_555 CO ? H CO . ? B CO 101 ? 1_555 O  ? M HOH . ? B HOH 218 ? 1_555 88.5  ? 
59  N7 ? B DG  9 ? B DG  9   ? 1_555 CO ? H CO . ? B CO 101 ? 1_555 O  ? M HOH . ? B HOH 218 ? 1_555 86.7  ? 
60  O  ? M HOH . ? B HOH 208 ? 1_555 CO ? H CO . ? B CO 101 ? 1_555 O  ? M HOH . ? B HOH 218 ? 1_555 90.8  ? 
61  O  ? M HOH . ? B HOH 210 ? 1_555 CO ? H CO . ? B CO 101 ? 1_555 O  ? M HOH . ? B HOH 218 ? 1_555 89.4  ? 
62  O  ? L HOH . ? A HOH 212 ? 1_555 CO ? K CO . ? D CO 101 ? 1_555 O  ? N HOH . ? C HOH 203 ? 1_555 92.5  ? 
63  O  ? L HOH . ? A HOH 212 ? 1_555 CO ? K CO . ? D CO 101 ? 1_555 N7 ? D DG  9 ? D DG  9   ? 1_555 90.0  ? 
64  O  ? N HOH . ? C HOH 203 ? 1_555 CO ? K CO . ? D CO 101 ? 1_555 N7 ? D DG  9 ? D DG  9   ? 1_555 94.8  ? 
65  O  ? L HOH . ? A HOH 212 ? 1_555 CO ? K CO . ? D CO 101 ? 1_555 O  ? O HOH . ? D HOH 204 ? 1_555 172.4 ? 
66  O  ? N HOH . ? C HOH 203 ? 1_555 CO ? K CO . ? D CO 101 ? 1_555 O  ? O HOH . ? D HOH 204 ? 1_555 89.7  ? 
67  N7 ? D DG  9 ? D DG  9   ? 1_555 CO ? K CO . ? D CO 101 ? 1_555 O  ? O HOH . ? D HOH 204 ? 1_555 97.0  ? 
68  O  ? L HOH . ? A HOH 212 ? 1_555 CO ? K CO . ? D CO 101 ? 1_555 O  ? O HOH . ? D HOH 206 ? 1_555 82.4  ? 
69  O  ? N HOH . ? C HOH 203 ? 1_555 CO ? K CO . ? D CO 101 ? 1_555 O  ? O HOH . ? D HOH 206 ? 1_555 173.7 ? 
70  N7 ? D DG  9 ? D DG  9   ? 1_555 CO ? K CO . ? D CO 101 ? 1_555 O  ? O HOH . ? D HOH 206 ? 1_555 88.9  ? 
71  O  ? O HOH . ? D HOH 204 ? 1_555 CO ? K CO . ? D CO 101 ? 1_555 O  ? O HOH . ? D HOH 206 ? 1_555 94.9  ? 
72  O  ? L HOH . ? A HOH 212 ? 1_555 CO ? K CO . ? D CO 101 ? 1_555 O  ? O HOH . ? D HOH 209 ? 1_555 90.8  ? 
73  O  ? N HOH . ? C HOH 203 ? 1_555 CO ? K CO . ? D CO 101 ? 1_555 O  ? O HOH . ? D HOH 209 ? 1_555 85.6  ? 
74  N7 ? D DG  9 ? D DG  9   ? 1_555 CO ? K CO . ? D CO 101 ? 1_555 O  ? O HOH . ? D HOH 209 ? 1_555 179.1 ? 
75  O  ? O HOH . ? D HOH 204 ? 1_555 CO ? K CO . ? D CO 101 ? 1_555 O  ? O HOH . ? D HOH 209 ? 1_555 82.2  ? 
76  O  ? O HOH . ? D HOH 206 ? 1_555 CO ? K CO . ? D CO 101 ? 1_555 O  ? O HOH . ? D HOH 209 ? 1_555 90.8  ? 
77  O  ? L HOH . ? A HOH 221 ? 1_655 CO A J CO . ? C CO 101 ? 1_555 C8 ? C DG  9 ? C DG  9   ? 1_555 85.8  ? 
78  O  ? L HOH . ? A HOH 221 ? 1_655 CO A J CO . ? C CO 101 ? 1_555 N7 ? C DG  9 ? C DG  9   ? 1_555 107.2 ? 
79  C8 ? C DG  9 ? C DG  9   ? 1_555 CO A J CO . ? C CO 101 ? 1_555 N7 ? C DG  9 ? C DG  9   ? 1_555 23.6  ? 
80  O  ? L HOH . ? A HOH 221 ? 1_655 CO A J CO . ? C CO 101 ? 1_555 O  ? N HOH . ? C HOH 201 ? 1_555 158.6 ? 
81  C8 ? C DG  9 ? C DG  9   ? 1_555 CO A J CO . ? C CO 101 ? 1_555 O  ? N HOH . ? C HOH 201 ? 1_555 114.1 ? 
82  N7 ? C DG  9 ? C DG  9   ? 1_555 CO A J CO . ? C CO 101 ? 1_555 O  ? N HOH . ? C HOH 201 ? 1_555 93.9  ? 
83  O  ? L HOH . ? A HOH 221 ? 1_655 CO A J CO . ? C CO 101 ? 1_555 O  ? N HOH . ? C HOH 206 ? 1_555 80.8  ? 
84  C8 ? C DG  9 ? C DG  9   ? 1_555 CO A J CO . ? C CO 101 ? 1_555 O  ? N HOH . ? C HOH 206 ? 1_555 95.8  ? 
85  N7 ? C DG  9 ? C DG  9   ? 1_555 CO A J CO . ? C CO 101 ? 1_555 O  ? N HOH . ? C HOH 206 ? 1_555 108.6 ? 
86  O  ? N HOH . ? C HOH 201 ? 1_555 CO A J CO . ? C CO 101 ? 1_555 O  ? N HOH . ? C HOH 206 ? 1_555 88.9  ? 
87  O  ? L HOH . ? A HOH 221 ? 1_655 CO A J CO . ? C CO 101 ? 1_555 O  ? O HOH . ? D HOH 201 ? 1_555 93.0  ? 
88  C8 ? C DG  9 ? C DG  9   ? 1_555 CO A J CO . ? C CO 101 ? 1_555 O  ? O HOH . ? D HOH 201 ? 1_555 120.6 ? 
89  N7 ? C DG  9 ? C DG  9   ? 1_555 CO A J CO . ? C CO 101 ? 1_555 O  ? O HOH . ? D HOH 201 ? 1_555 108.5 ? 
90  O  ? N HOH . ? C HOH 201 ? 1_555 CO A J CO . ? C CO 101 ? 1_555 O  ? O HOH . ? D HOH 201 ? 1_555 83.9  ? 
91  O  ? N HOH . ? C HOH 206 ? 1_555 CO A J CO . ? C CO 101 ? 1_555 O  ? O HOH . ? D HOH 201 ? 1_555 142.6 ? 
92  O  ? L HOH . ? A HOH 221 ? 1_655 CO B J CO . ? C CO 101 ? 1_555 O  ? N HOH . ? C HOH 201 ? 1_555 137.1 ? 
93  O  ? L HOH . ? A HOH 221 ? 1_655 CO B J CO . ? C CO 101 ? 1_555 O  ? N HOH . ? C HOH 206 ? 1_555 83.2  ? 
94  O  ? N HOH . ? C HOH 201 ? 1_555 CO B J CO . ? C CO 101 ? 1_555 O  ? N HOH . ? C HOH 206 ? 1_555 87.2  ? 
95  O  ? L HOH . ? A HOH 221 ? 1_655 CO B J CO . ? C CO 101 ? 1_555 O  ? N HOH . ? C HOH 208 ? 1_555 99.8  ? 
96  O  ? N HOH . ? C HOH 201 ? 1_555 CO B J CO . ? C CO 101 ? 1_555 O  ? N HOH . ? C HOH 208 ? 1_555 123.1 ? 
97  O  ? N HOH . ? C HOH 206 ? 1_555 CO B J CO . ? C CO 101 ? 1_555 O  ? N HOH . ? C HOH 208 ? 1_555 100.4 ? 
98  O  ? L HOH . ? A HOH 221 ? 1_655 CO B J CO . ? C CO 101 ? 1_555 O  ? O HOH . ? D HOH 201 ? 1_555 92.4  ? 
99  O  ? N HOH . ? C HOH 201 ? 1_555 CO B J CO . ? C CO 101 ? 1_555 O  ? O HOH . ? D HOH 201 ? 1_555 80.0  ? 
100 O  ? N HOH . ? C HOH 206 ? 1_555 CO B J CO . ? C CO 101 ? 1_555 O  ? O HOH . ? D HOH 201 ? 1_555 156.0 ? 
101 O  ? N HOH . ? C HOH 208 ? 1_555 CO B J CO . ? C CO 101 ? 1_555 O  ? O HOH . ? D HOH 201 ? 1_555 103.7 ? 
102 N7 ? B DG  5 ? B DG  5   ? 1_555 CO A I CO . ? B CO 102 ? 1_555 O  A M HOH . ? B HOH 202 ? 1_555 87.7  ? 
103 N7 ? B DG  5 ? B DG  5   ? 1_555 CO A I CO . ? B CO 102 ? 1_555 O  ? M HOH . ? B HOH 213 ? 1_555 95.5  ? 
104 O  A M HOH . ? B HOH 202 ? 1_555 CO A I CO . ? B CO 102 ? 1_555 O  ? M HOH . ? B HOH 213 ? 1_555 158.5 ? 
105 N7 ? B DG  5 ? B DG  5   ? 1_555 CO A I CO . ? B CO 102 ? 1_555 O  ? M HOH . ? B HOH 223 ? 1_555 101.3 ? 
106 O  A M HOH . ? B HOH 202 ? 1_555 CO A I CO . ? B CO 102 ? 1_555 O  ? M HOH . ? B HOH 223 ? 1_555 101.0 ? 
107 O  ? M HOH . ? B HOH 213 ? 1_555 CO A I CO . ? B CO 102 ? 1_555 O  ? M HOH . ? B HOH 223 ? 1_555 99.2  ? 
108 N7 ? B DG  5 ? B DG  5   ? 1_555 CO A I CO . ? B CO 102 ? 1_555 O  ? M HOH . ? B HOH 225 ? 1_555 79.3  ? 
109 O  A M HOH . ? B HOH 202 ? 1_555 CO A I CO . ? B CO 102 ? 1_555 O  ? M HOH . ? B HOH 225 ? 1_555 75.7  ? 
110 O  ? M HOH . ? B HOH 213 ? 1_555 CO A I CO . ? B CO 102 ? 1_555 O  ? M HOH . ? B HOH 225 ? 1_555 84.0  ? 
111 O  ? M HOH . ? B HOH 223 ? 1_555 CO A I CO . ? B CO 102 ? 1_555 O  ? M HOH . ? B HOH 225 ? 1_555 176.7 ? 
112 N7 ? B DG  5 ? B DG  5   ? 1_555 CO A I CO . ? B CO 102 ? 1_555 O  A M HOH . ? B HOH 227 ? 1_555 149.3 ? 
113 O  A M HOH . ? B HOH 202 ? 1_555 CO A I CO . ? B CO 102 ? 1_555 O  A M HOH . ? B HOH 227 ? 1_555 74.7  ? 
114 O  ? M HOH . ? B HOH 213 ? 1_555 CO A I CO . ? B CO 102 ? 1_555 O  A M HOH . ? B HOH 227 ? 1_555 92.6  ? 
115 O  ? M HOH . ? B HOH 223 ? 1_555 CO A I CO . ? B CO 102 ? 1_555 O  A M HOH . ? B HOH 227 ? 1_555 106.5 ? 
116 O  ? M HOH . ? B HOH 225 ? 1_555 CO A I CO . ? B CO 102 ? 1_555 O  A M HOH . ? B HOH 227 ? 1_555 72.2  ? 
117 N7 ? B DG  5 ? B DG  5   ? 1_555 CO B I CO . ? B CO 102 ? 1_555 O  B M HOH . ? B HOH 202 ? 1_555 86.9  ? 
118 N7 ? B DG  5 ? B DG  5   ? 1_555 CO B I CO . ? B CO 102 ? 1_555 O  ? M HOH . ? B HOH 213 ? 1_555 81.7  ? 
119 O  B M HOH . ? B HOH 202 ? 1_555 CO B I CO . ? B CO 102 ? 1_555 O  ? M HOH . ? B HOH 213 ? 1_555 113.9 ? 
120 N7 ? B DG  5 ? B DG  5   ? 1_555 CO B I CO . ? B CO 102 ? 1_555 O  ? M HOH . ? B HOH 225 ? 1_555 104.0 ? 
121 O  B M HOH . ? B HOH 202 ? 1_555 CO B I CO . ? B CO 102 ? 1_555 O  ? M HOH . ? B HOH 225 ? 1_555 149.2 ? 
122 O  ? M HOH . ? B HOH 213 ? 1_555 CO B I CO . ? B CO 102 ? 1_555 O  ? M HOH . ? B HOH 225 ? 1_555 96.3  ? 
123 N7 ? B DG  5 ? B DG  5   ? 1_555 CO B I CO . ? B CO 102 ? 1_555 O  B M HOH . ? B HOH 227 ? 1_555 127.6 ? 
124 O  B M HOH . ? B HOH 202 ? 1_555 CO B I CO . ? B CO 102 ? 1_555 O  B M HOH . ? B HOH 227 ? 1_555 80.8  ? 
125 O  ? M HOH . ? B HOH 213 ? 1_555 CO B I CO . ? B CO 102 ? 1_555 O  B M HOH . ? B HOH 227 ? 1_555 58.4  ? 
126 O  ? M HOH . ? B HOH 225 ? 1_555 CO B I CO . ? B CO 102 ? 1_555 O  B M HOH . ? B HOH 227 ? 1_555 112.3 ? 
# 
loop_
_struct_site.id 
_struct_site.pdbx_evidence_code 
_struct_site.pdbx_auth_asym_id 
_struct_site.pdbx_auth_comp_id 
_struct_site.pdbx_auth_seq_id 
_struct_site.pdbx_auth_ins_code 
_struct_site.pdbx_num_residues 
_struct_site.details 
AC1 Software A CO 101 ? 6 'binding site for residue CO A 101' 
AC2 Software A CO 102 ? 6 'binding site for residue CO A 102' 
AC3 Software A CO 103 ? 4 'binding site for residue CO A 103' 
AC4 Software B CO 101 ? 6 'binding site for residue CO B 101' 
AC5 Software B CO 102 ? 6 'binding site for residue CO B 102' 
AC6 Software C CO 101 ? 6 'binding site for residue CO C 101' 
AC7 Software D CO 101 ? 6 'binding site for residue CO D 101' 
# 
loop_
_struct_site_gen.id 
_struct_site_gen.site_id 
_struct_site_gen.pdbx_num_res 
_struct_site_gen.label_comp_id 
_struct_site_gen.label_asym_id 
_struct_site_gen.label_seq_id 
_struct_site_gen.pdbx_auth_ins_code 
_struct_site_gen.auth_comp_id 
_struct_site_gen.auth_asym_id 
_struct_site_gen.auth_seq_id 
_struct_site_gen.label_atom_id 
_struct_site_gen.label_alt_id 
_struct_site_gen.symmetry 
_struct_site_gen.details 
1  AC1 6 DG  A 1 ? DG  A 1   . ? 1_555 ? 
2  AC1 6 DG  A 9 ? DG  A 9   . ? 1_555 ? 
3  AC1 6 HOH L . ? HOH A 207 . ? 1_555 ? 
4  AC1 6 HOH L . ? HOH A 208 . ? 1_555 ? 
5  AC1 6 HOH L . ? HOH A 223 . ? 1_555 ? 
6  AC1 6 HOH M . ? HOH B 209 . ? 4_454 ? 
7  AC2 6 DG  A 5 ? DG  A 5   . ? 1_555 ? 
8  AC2 6 HOH L . ? HOH A 203 . ? 1_555 ? 
9  AC2 6 HOH L . ? HOH A 220 . ? 1_555 ? 
10 AC2 6 HOH L . ? HOH A 222 . ? 1_555 ? 
11 AC2 6 HOH L . ? HOH A 229 . ? 1_555 ? 
12 AC2 6 HOH M . ? HOH B 226 . ? 1_555 ? 
13 AC3 4 HOH L . ? HOH A 216 . ? 1_555 ? 
14 AC3 4 HOH L . ? HOH A 237 . ? 7_555 ? 
15 AC3 4 HOH L . ? HOH A 238 . ? 7_555 ? 
16 AC3 4 HOH L . ? HOH A 238 . ? 1_555 ? 
17 AC4 6 HOH L . ? HOH A 201 . ? 3_555 ? 
18 AC4 6 DG  B 1 ? DG  B 1   . ? 1_555 ? 
19 AC4 6 DG  B 9 ? DG  B 9   . ? 1_555 ? 
20 AC4 6 HOH M . ? HOH B 208 . ? 1_555 ? 
21 AC4 6 HOH M . ? HOH B 210 . ? 1_555 ? 
22 AC4 6 HOH M . ? HOH B 218 . ? 1_555 ? 
23 AC5 6 DG  B 5 ? DG  B 5   . ? 1_555 ? 
24 AC5 6 HOH M . ? HOH B 202 . ? 1_555 ? 
25 AC5 6 HOH M . ? HOH B 213 . ? 1_555 ? 
26 AC5 6 HOH M . ? HOH B 223 . ? 1_555 ? 
27 AC5 6 HOH M . ? HOH B 225 . ? 1_555 ? 
28 AC5 6 HOH M . ? HOH B 227 . ? 1_555 ? 
29 AC6 6 HOH L . ? HOH A 221 . ? 1_655 ? 
30 AC6 6 DG  C 9 ? DG  C 9   . ? 1_555 ? 
31 AC6 6 HOH N . ? HOH C 201 . ? 1_555 ? 
32 AC6 6 HOH N . ? HOH C 206 . ? 1_555 ? 
33 AC6 6 HOH N . ? HOH C 208 . ? 1_555 ? 
34 AC6 6 HOH O . ? HOH D 201 . ? 1_555 ? 
35 AC7 6 HOH L . ? HOH A 212 . ? 1_555 ? 
36 AC7 6 HOH N . ? HOH C 203 . ? 1_555 ? 
37 AC7 6 DG  D 9 ? DG  D 9   . ? 1_555 ? 
38 AC7 6 HOH O . ? HOH D 204 . ? 1_555 ? 
39 AC7 6 HOH O . ? HOH D 206 . ? 1_555 ? 
40 AC7 6 HOH O . ? HOH D 209 . ? 1_555 ? 
# 
_pdbx_struct_special_symmetry.id              1 
_pdbx_struct_special_symmetry.PDB_model_num   1 
_pdbx_struct_special_symmetry.auth_asym_id    A 
_pdbx_struct_special_symmetry.auth_comp_id    HOH 
_pdbx_struct_special_symmetry.auth_seq_id     238 
_pdbx_struct_special_symmetry.PDB_ins_code    ? 
_pdbx_struct_special_symmetry.label_asym_id   L 
_pdbx_struct_special_symmetry.label_comp_id   HOH 
_pdbx_struct_special_symmetry.label_seq_id    . 
# 
loop_
_chem_comp_atom.comp_id 
_chem_comp_atom.atom_id 
_chem_comp_atom.type_symbol 
_chem_comp_atom.pdbx_aromatic_flag 
_chem_comp_atom.pdbx_stereo_config 
_chem_comp_atom.pdbx_ordinal 
CO  CO     CO N N 1   
DA  OP3    O  N N 2   
DA  P      P  N N 3   
DA  OP1    O  N N 4   
DA  OP2    O  N N 5   
DA  "O5'"  O  N N 6   
DA  "C5'"  C  N N 7   
DA  "C4'"  C  N R 8   
DA  "O4'"  O  N N 9   
DA  "C3'"  C  N S 10  
DA  "O3'"  O  N N 11  
DA  "C2'"  C  N N 12  
DA  "C1'"  C  N R 13  
DA  N9     N  Y N 14  
DA  C8     C  Y N 15  
DA  N7     N  Y N 16  
DA  C5     C  Y N 17  
DA  C6     C  Y N 18  
DA  N6     N  N N 19  
DA  N1     N  Y N 20  
DA  C2     C  Y N 21  
DA  N3     N  Y N 22  
DA  C4     C  Y N 23  
DA  HOP3   H  N N 24  
DA  HOP2   H  N N 25  
DA  "H5'"  H  N N 26  
DA  "H5''" H  N N 27  
DA  "H4'"  H  N N 28  
DA  "H3'"  H  N N 29  
DA  "HO3'" H  N N 30  
DA  "H2'"  H  N N 31  
DA  "H2''" H  N N 32  
DA  "H1'"  H  N N 33  
DA  H8     H  N N 34  
DA  H61    H  N N 35  
DA  H62    H  N N 36  
DA  H2     H  N N 37  
DC  OP3    O  N N 38  
DC  P      P  N N 39  
DC  OP1    O  N N 40  
DC  OP2    O  N N 41  
DC  "O5'"  O  N N 42  
DC  "C5'"  C  N N 43  
DC  "C4'"  C  N R 44  
DC  "O4'"  O  N N 45  
DC  "C3'"  C  N S 46  
DC  "O3'"  O  N N 47  
DC  "C2'"  C  N N 48  
DC  "C1'"  C  N R 49  
DC  N1     N  N N 50  
DC  C2     C  N N 51  
DC  O2     O  N N 52  
DC  N3     N  N N 53  
DC  C4     C  N N 54  
DC  N4     N  N N 55  
DC  C5     C  N N 56  
DC  C6     C  N N 57  
DC  HOP3   H  N N 58  
DC  HOP2   H  N N 59  
DC  "H5'"  H  N N 60  
DC  "H5''" H  N N 61  
DC  "H4'"  H  N N 62  
DC  "H3'"  H  N N 63  
DC  "HO3'" H  N N 64  
DC  "H2'"  H  N N 65  
DC  "H2''" H  N N 66  
DC  "H1'"  H  N N 67  
DC  H41    H  N N 68  
DC  H42    H  N N 69  
DC  H5     H  N N 70  
DC  H6     H  N N 71  
DG  OP3    O  N N 72  
DG  P      P  N N 73  
DG  OP1    O  N N 74  
DG  OP2    O  N N 75  
DG  "O5'"  O  N N 76  
DG  "C5'"  C  N N 77  
DG  "C4'"  C  N R 78  
DG  "O4'"  O  N N 79  
DG  "C3'"  C  N S 80  
DG  "O3'"  O  N N 81  
DG  "C2'"  C  N N 82  
DG  "C1'"  C  N R 83  
DG  N9     N  Y N 84  
DG  C8     C  Y N 85  
DG  N7     N  Y N 86  
DG  C5     C  Y N 87  
DG  C6     C  N N 88  
DG  O6     O  N N 89  
DG  N1     N  N N 90  
DG  C2     C  N N 91  
DG  N2     N  N N 92  
DG  N3     N  N N 93  
DG  C4     C  Y N 94  
DG  HOP3   H  N N 95  
DG  HOP2   H  N N 96  
DG  "H5'"  H  N N 97  
DG  "H5''" H  N N 98  
DG  "H4'"  H  N N 99  
DG  "H3'"  H  N N 100 
DG  "HO3'" H  N N 101 
DG  "H2'"  H  N N 102 
DG  "H2''" H  N N 103 
DG  "H1'"  H  N N 104 
DG  H8     H  N N 105 
DG  H1     H  N N 106 
DG  H21    H  N N 107 
DG  H22    H  N N 108 
DT  OP3    O  N N 109 
DT  P      P  N N 110 
DT  OP1    O  N N 111 
DT  OP2    O  N N 112 
DT  "O5'"  O  N N 113 
DT  "C5'"  C  N N 114 
DT  "C4'"  C  N R 115 
DT  "O4'"  O  N N 116 
DT  "C3'"  C  N S 117 
DT  "O3'"  O  N N 118 
DT  "C2'"  C  N N 119 
DT  "C1'"  C  N R 120 
DT  N1     N  N N 121 
DT  C2     C  N N 122 
DT  O2     O  N N 123 
DT  N3     N  N N 124 
DT  C4     C  N N 125 
DT  O4     O  N N 126 
DT  C5     C  N N 127 
DT  C7     C  N N 128 
DT  C6     C  N N 129 
DT  HOP3   H  N N 130 
DT  HOP2   H  N N 131 
DT  "H5'"  H  N N 132 
DT  "H5''" H  N N 133 
DT  "H4'"  H  N N 134 
DT  "H3'"  H  N N 135 
DT  "HO3'" H  N N 136 
DT  "H2'"  H  N N 137 
DT  "H2''" H  N N 138 
DT  "H1'"  H  N N 139 
DT  H3     H  N N 140 
DT  H71    H  N N 141 
DT  H72    H  N N 142 
DT  H73    H  N N 143 
DT  H6     H  N N 144 
HOH O      O  N N 145 
HOH H1     H  N N 146 
HOH H2     H  N N 147 
# 
loop_
_chem_comp_bond.comp_id 
_chem_comp_bond.atom_id_1 
_chem_comp_bond.atom_id_2 
_chem_comp_bond.value_order 
_chem_comp_bond.pdbx_aromatic_flag 
_chem_comp_bond.pdbx_stereo_config 
_chem_comp_bond.pdbx_ordinal 
DA  OP3   P      sing N N 1   
DA  OP3   HOP3   sing N N 2   
DA  P     OP1    doub N N 3   
DA  P     OP2    sing N N 4   
DA  P     "O5'"  sing N N 5   
DA  OP2   HOP2   sing N N 6   
DA  "O5'" "C5'"  sing N N 7   
DA  "C5'" "C4'"  sing N N 8   
DA  "C5'" "H5'"  sing N N 9   
DA  "C5'" "H5''" sing N N 10  
DA  "C4'" "O4'"  sing N N 11  
DA  "C4'" "C3'"  sing N N 12  
DA  "C4'" "H4'"  sing N N 13  
DA  "O4'" "C1'"  sing N N 14  
DA  "C3'" "O3'"  sing N N 15  
DA  "C3'" "C2'"  sing N N 16  
DA  "C3'" "H3'"  sing N N 17  
DA  "O3'" "HO3'" sing N N 18  
DA  "C2'" "C1'"  sing N N 19  
DA  "C2'" "H2'"  sing N N 20  
DA  "C2'" "H2''" sing N N 21  
DA  "C1'" N9     sing N N 22  
DA  "C1'" "H1'"  sing N N 23  
DA  N9    C8     sing Y N 24  
DA  N9    C4     sing Y N 25  
DA  C8    N7     doub Y N 26  
DA  C8    H8     sing N N 27  
DA  N7    C5     sing Y N 28  
DA  C5    C6     sing Y N 29  
DA  C5    C4     doub Y N 30  
DA  C6    N6     sing N N 31  
DA  C6    N1     doub Y N 32  
DA  N6    H61    sing N N 33  
DA  N6    H62    sing N N 34  
DA  N1    C2     sing Y N 35  
DA  C2    N3     doub Y N 36  
DA  C2    H2     sing N N 37  
DA  N3    C4     sing Y N 38  
DC  OP3   P      sing N N 39  
DC  OP3   HOP3   sing N N 40  
DC  P     OP1    doub N N 41  
DC  P     OP2    sing N N 42  
DC  P     "O5'"  sing N N 43  
DC  OP2   HOP2   sing N N 44  
DC  "O5'" "C5'"  sing N N 45  
DC  "C5'" "C4'"  sing N N 46  
DC  "C5'" "H5'"  sing N N 47  
DC  "C5'" "H5''" sing N N 48  
DC  "C4'" "O4'"  sing N N 49  
DC  "C4'" "C3'"  sing N N 50  
DC  "C4'" "H4'"  sing N N 51  
DC  "O4'" "C1'"  sing N N 52  
DC  "C3'" "O3'"  sing N N 53  
DC  "C3'" "C2'"  sing N N 54  
DC  "C3'" "H3'"  sing N N 55  
DC  "O3'" "HO3'" sing N N 56  
DC  "C2'" "C1'"  sing N N 57  
DC  "C2'" "H2'"  sing N N 58  
DC  "C2'" "H2''" sing N N 59  
DC  "C1'" N1     sing N N 60  
DC  "C1'" "H1'"  sing N N 61  
DC  N1    C2     sing N N 62  
DC  N1    C6     sing N N 63  
DC  C2    O2     doub N N 64  
DC  C2    N3     sing N N 65  
DC  N3    C4     doub N N 66  
DC  C4    N4     sing N N 67  
DC  C4    C5     sing N N 68  
DC  N4    H41    sing N N 69  
DC  N4    H42    sing N N 70  
DC  C5    C6     doub N N 71  
DC  C5    H5     sing N N 72  
DC  C6    H6     sing N N 73  
DG  OP3   P      sing N N 74  
DG  OP3   HOP3   sing N N 75  
DG  P     OP1    doub N N 76  
DG  P     OP2    sing N N 77  
DG  P     "O5'"  sing N N 78  
DG  OP2   HOP2   sing N N 79  
DG  "O5'" "C5'"  sing N N 80  
DG  "C5'" "C4'"  sing N N 81  
DG  "C5'" "H5'"  sing N N 82  
DG  "C5'" "H5''" sing N N 83  
DG  "C4'" "O4'"  sing N N 84  
DG  "C4'" "C3'"  sing N N 85  
DG  "C4'" "H4'"  sing N N 86  
DG  "O4'" "C1'"  sing N N 87  
DG  "C3'" "O3'"  sing N N 88  
DG  "C3'" "C2'"  sing N N 89  
DG  "C3'" "H3'"  sing N N 90  
DG  "O3'" "HO3'" sing N N 91  
DG  "C2'" "C1'"  sing N N 92  
DG  "C2'" "H2'"  sing N N 93  
DG  "C2'" "H2''" sing N N 94  
DG  "C1'" N9     sing N N 95  
DG  "C1'" "H1'"  sing N N 96  
DG  N9    C8     sing Y N 97  
DG  N9    C4     sing Y N 98  
DG  C8    N7     doub Y N 99  
DG  C8    H8     sing N N 100 
DG  N7    C5     sing Y N 101 
DG  C5    C6     sing N N 102 
DG  C5    C4     doub Y N 103 
DG  C6    O6     doub N N 104 
DG  C6    N1     sing N N 105 
DG  N1    C2     sing N N 106 
DG  N1    H1     sing N N 107 
DG  C2    N2     sing N N 108 
DG  C2    N3     doub N N 109 
DG  N2    H21    sing N N 110 
DG  N2    H22    sing N N 111 
DG  N3    C4     sing N N 112 
DT  OP3   P      sing N N 113 
DT  OP3   HOP3   sing N N 114 
DT  P     OP1    doub N N 115 
DT  P     OP2    sing N N 116 
DT  P     "O5'"  sing N N 117 
DT  OP2   HOP2   sing N N 118 
DT  "O5'" "C5'"  sing N N 119 
DT  "C5'" "C4'"  sing N N 120 
DT  "C5'" "H5'"  sing N N 121 
DT  "C5'" "H5''" sing N N 122 
DT  "C4'" "O4'"  sing N N 123 
DT  "C4'" "C3'"  sing N N 124 
DT  "C4'" "H4'"  sing N N 125 
DT  "O4'" "C1'"  sing N N 126 
DT  "C3'" "O3'"  sing N N 127 
DT  "C3'" "C2'"  sing N N 128 
DT  "C3'" "H3'"  sing N N 129 
DT  "O3'" "HO3'" sing N N 130 
DT  "C2'" "C1'"  sing N N 131 
DT  "C2'" "H2'"  sing N N 132 
DT  "C2'" "H2''" sing N N 133 
DT  "C1'" N1     sing N N 134 
DT  "C1'" "H1'"  sing N N 135 
DT  N1    C2     sing N N 136 
DT  N1    C6     sing N N 137 
DT  C2    O2     doub N N 138 
DT  C2    N3     sing N N 139 
DT  N3    C4     sing N N 140 
DT  N3    H3     sing N N 141 
DT  C4    O4     doub N N 142 
DT  C4    C5     sing N N 143 
DT  C5    C7     sing N N 144 
DT  C5    C6     doub N N 145 
DT  C7    H71    sing N N 146 
DT  C7    H72    sing N N 147 
DT  C7    H73    sing N N 148 
DT  C6    H6     sing N N 149 
HOH O     H1     sing N N 150 
HOH O     H2     sing N N 151 
# 
loop_
_ndb_struct_conf_na.entry_id 
_ndb_struct_conf_na.feature 
5FHJ 'double helix'        
5FHJ 'b-form double helix' 
5FHJ 'hairpin loop'        
# 
loop_
_ndb_struct_na_base_pair.model_number 
_ndb_struct_na_base_pair.i_label_asym_id 
_ndb_struct_na_base_pair.i_label_comp_id 
_ndb_struct_na_base_pair.i_label_seq_id 
_ndb_struct_na_base_pair.i_symmetry 
_ndb_struct_na_base_pair.j_label_asym_id 
_ndb_struct_na_base_pair.j_label_comp_id 
_ndb_struct_na_base_pair.j_label_seq_id 
_ndb_struct_na_base_pair.j_symmetry 
_ndb_struct_na_base_pair.shear 
_ndb_struct_na_base_pair.stretch 
_ndb_struct_na_base_pair.stagger 
_ndb_struct_na_base_pair.buckle 
_ndb_struct_na_base_pair.propeller 
_ndb_struct_na_base_pair.opening 
_ndb_struct_na_base_pair.pair_number 
_ndb_struct_na_base_pair.pair_name 
_ndb_struct_na_base_pair.i_auth_asym_id 
_ndb_struct_na_base_pair.i_auth_seq_id 
_ndb_struct_na_base_pair.i_PDB_ins_code 
_ndb_struct_na_base_pair.j_auth_asym_id 
_ndb_struct_na_base_pair.j_auth_seq_id 
_ndb_struct_na_base_pair.j_PDB_ins_code 
_ndb_struct_na_base_pair.hbond_type_28 
_ndb_struct_na_base_pair.hbond_type_12 
1 B DG 5  1_555 A DC 2  1_555 -0.240 -0.154 0.016  -7.398  -3.642  -0.100 1  B_DG5:DC2_A  B 5  ? A 2  ? 19 1 
1 B DC 6  1_555 A DG 1  1_555 0.269  -0.150 -0.002 3.579   -1.679  -0.789 2  B_DC6:DG1_A  B 6  ? A 1  ? 19 1 
1 C DG 1  1_555 D DC 10 1_555 -0.312 -0.170 0.228  -10.816 -12.903 -0.368 3  C_DG1:DC10_D C 1  ? D 10 ? 19 1 
1 C DC 2  1_555 D DG 9  1_555 0.286  -0.149 0.253  -7.357  -6.089  1.449  4  C_DC2:DG9_D  C 2  ? D 9  ? 19 1 
1 C DA 3  1_555 D DT 8  1_555 -0.014 -0.130 0.122  -5.357  -15.366 5.190  5  C_DA3:DT8_D  C 3  ? D 8  ? 20 1 
1 C DT 4  1_555 D DA 7  1_555 0.254  -0.187 0.406  -5.254  -11.011 4.164  6  C_DT4:DA7_D  C 4  ? D 7  ? 20 1 
1 C DG 5  1_555 D DC 6  1_555 -0.512 -0.244 -0.043 -8.693  -13.033 1.808  7  C_DG5:DC6_D  C 5  ? D 6  ? 19 1 
1 C DC 6  1_555 D DG 5  1_555 -0.175 -0.087 -0.188 4.474   -10.137 2.352  8  C_DC6:DG5_D  C 6  ? D 5  ? 19 1 
1 C DA 7  1_555 D DT 4  1_555 0.171  0.030  0.096  2.606   -9.977  7.767  9  C_DA7:DT4_D  C 7  ? D 4  ? 20 1 
1 C DT 8  1_555 D DA 3  1_555 -0.262 0.214  0.217  3.812   -11.008 10.313 10 C_DT8:DA3_D  C 8  ? D 3  ? ?  ? 
1 C DG 9  1_555 D DC 2  1_555 -0.475 -0.102 0.312  10.427  -6.714  3.179  11 C_DG9:DC2_D  C 9  ? D 2  ? 19 1 
1 C DC 10 1_555 D DG 1  1_555 0.122  -0.114 0.401  9.597   -17.524 -1.998 12 C_DC10:DG1_D C 10 ? D 1  ? 19 1 
1 A DG 5  1_555 B DC 2  1_555 -0.219 -0.160 -0.057 -3.562  2.422   0.655  13 A_DG5:DC2_B  A 5  ? B 2  ? 19 1 
1 A DC 6  1_555 B DG 1  1_555 0.351  -0.201 -0.107 9.750   -0.428  -0.742 14 A_DC6:DG1_B  A 6  ? B 1  ? 19 1 
# 
loop_
_ndb_struct_na_base_pair_step.model_number 
_ndb_struct_na_base_pair_step.i_label_asym_id_1 
_ndb_struct_na_base_pair_step.i_label_comp_id_1 
_ndb_struct_na_base_pair_step.i_label_seq_id_1 
_ndb_struct_na_base_pair_step.i_symmetry_1 
_ndb_struct_na_base_pair_step.j_label_asym_id_1 
_ndb_struct_na_base_pair_step.j_label_comp_id_1 
_ndb_struct_na_base_pair_step.j_label_seq_id_1 
_ndb_struct_na_base_pair_step.j_symmetry_1 
_ndb_struct_na_base_pair_step.i_label_asym_id_2 
_ndb_struct_na_base_pair_step.i_label_comp_id_2 
_ndb_struct_na_base_pair_step.i_label_seq_id_2 
_ndb_struct_na_base_pair_step.i_symmetry_2 
_ndb_struct_na_base_pair_step.j_label_asym_id_2 
_ndb_struct_na_base_pair_step.j_label_comp_id_2 
_ndb_struct_na_base_pair_step.j_label_seq_id_2 
_ndb_struct_na_base_pair_step.j_symmetry_2 
_ndb_struct_na_base_pair_step.shift 
_ndb_struct_na_base_pair_step.slide 
_ndb_struct_na_base_pair_step.rise 
_ndb_struct_na_base_pair_step.tilt 
_ndb_struct_na_base_pair_step.roll 
_ndb_struct_na_base_pair_step.twist 
_ndb_struct_na_base_pair_step.x_displacement 
_ndb_struct_na_base_pair_step.y_displacement 
_ndb_struct_na_base_pair_step.helical_rise 
_ndb_struct_na_base_pair_step.inclination 
_ndb_struct_na_base_pair_step.tip 
_ndb_struct_na_base_pair_step.helical_twist 
_ndb_struct_na_base_pair_step.step_number 
_ndb_struct_na_base_pair_step.step_name 
_ndb_struct_na_base_pair_step.i_auth_asym_id_1 
_ndb_struct_na_base_pair_step.i_auth_seq_id_1 
_ndb_struct_na_base_pair_step.i_PDB_ins_code_1 
_ndb_struct_na_base_pair_step.j_auth_asym_id_1 
_ndb_struct_na_base_pair_step.j_auth_seq_id_1 
_ndb_struct_na_base_pair_step.j_PDB_ins_code_1 
_ndb_struct_na_base_pair_step.i_auth_asym_id_2 
_ndb_struct_na_base_pair_step.i_auth_seq_id_2 
_ndb_struct_na_base_pair_step.i_PDB_ins_code_2 
_ndb_struct_na_base_pair_step.j_auth_asym_id_2 
_ndb_struct_na_base_pair_step.j_auth_seq_id_2 
_ndb_struct_na_base_pair_step.j_PDB_ins_code_2 
1 B DG 5 1_555 A DC 2  1_555 B DC 6  1_555 A DG 1  1_555 -0.171 -0.207 3.038 0.250  3.980  28.422   -1.247 0.397  2.980 8.056  
-0.507 28.695   1  BB_DG5DC6:DG1DC2_AA  B 5 ? A 2  ? B 6  ? A 1  ? 
1 B DC 6 1_555 A DG 1  1_555 C DG 1  1_555 D DC 10 1_555 -1.200 0.937  7.077 -5.885 -2.604 -100.409 -0.522 -0.976 7.035 1.694  
-3.827 -100.559 2  BC_DC6DG1:DC10DG1_DA B 6 ? A 1  ? C 1  ? D 10 ? 
1 C DG 1 1_555 D DC 10 1_555 C DC 2  1_555 D DG 9  1_555 0.240  1.090  3.298 0.182  -3.026 39.095   1.985  -0.336 3.209 -4.513 
-0.272 39.208   3  CC_DG1DC2:DG9DC10_DD C 1 ? D 10 ? C 2  ? D 9  ? 
1 C DC 2 1_555 D DG 9  1_555 C DA 3  1_555 D DT 8  1_555 -0.341 2.990  3.346 -2.209 -7.328 46.367   4.331  0.254  2.880 -9.233 
2.783  46.960   4  CC_DC2DA3:DT8DG9_DD  C 2 ? D 9  ? C 3  ? D 8  ? 
1 C DA 3 1_555 D DT 8  1_555 C DT 4  1_555 D DA 7  1_555 -0.028 0.899  3.520 -3.708 5.188  29.626   0.567  -0.771 3.599 10.000 
7.147  30.289   5  CC_DA3DT4:DA7DT8_DD  C 3 ? D 8  ? C 4  ? D 7  ? 
1 C DT 4 1_555 D DA 7  1_555 C DG 5  1_555 D DC 6  1_555 -0.270 2.437  3.383 2.071  -6.051 45.669   3.624  0.521  3.039 -7.751 
-2.652 46.091   6  CC_DT4DG5:DC6DA7_DD  C 4 ? D 7  ? C 5  ? D 6  ? 
1 C DG 5 1_555 D DC 6  1_555 C DC 6  1_555 D DG 5  1_555 -0.089 1.197  2.921 0.263  5.796  33.522   1.192  0.191  3.078 9.956  
-0.451 34.006   7  CC_DG5DC6:DG5DC6_DD  C 5 ? D 6  ? C 6  ? D 5  ? 
1 C DC 6 1_555 D DG 5  1_555 C DA 7  1_555 D DT 4  1_555 0.138  2.755  3.404 -1.202 -3.843 48.907   3.610  -0.258 3.188 -4.633 
1.449  49.062   8  CC_DC6DA7:DT4DG5_DD  C 6 ? D 5  ? C 7  ? D 4  ? 
1 C DA 7 1_555 D DT 4  1_555 C DT 8  1_555 D DA 3  1_555 0.090  0.724  3.365 1.435  8.053  23.284   -0.934 0.258  3.419 19.209 
-3.422 24.661   9  CC_DA7DT8:DA3DT4_DD  C 7 ? D 4  ? C 8  ? D 3  ? 
1 C DT 8 1_555 D DA 3  1_555 C DG 9  1_555 D DC 2  1_555 0.231  3.142  3.223 3.057  -7.471 47.599   4.380  -0.064 2.738 -9.179 
-3.757 48.240   10 CC_DT8DG9:DC2DA3_DD  C 8 ? D 3  ? C 9  ? D 2  ? 
1 C DG 9 1_555 D DC 2  1_555 C DC 10 1_555 D DG 1  1_555 -0.241 0.840  3.404 -0.917 -3.108 41.710   1.512  0.238  3.340 -4.357 
1.286  41.830   11 CC_DG9DC10:DG1DC2_DD C 9 ? D 2  ? C 10 ? D 1  ? 
1 A DG 5 1_555 B DC 2  1_555 A DC 6  1_555 B DG 1  1_555 -0.197 -0.201 3.022 0.650  3.449  28.821   -1.100 0.524  2.973 6.896  
-1.299 29.030   12 AA_DG5DC6:DG1DC2_BB  A 5 ? B 2  ? A 6  ? B 1  ? 
# 
_atom_sites.entry_id                    5FHJ 
_atom_sites.fract_transf_matrix[1][1]   -0.00728561 
_atom_sites.fract_transf_matrix[1][2]   0.01622371 
_atom_sites.fract_transf_matrix[1][3]   0.01043332 
_atom_sites.fract_transf_matrix[2][1]   0.01507848 
_atom_sites.fract_transf_matrix[2][2]   0.01174548 
_atom_sites.fract_transf_matrix[2][3]   -0.00773476 
_atom_sites.fract_transf_matrix[3][1]   -0.00525007 
_atom_sites.fract_transf_matrix[3][2]   0.00213715 
_atom_sites.fract_transf_matrix[3][3]   -0.00698938 
_atom_sites.fract_transf_vector[1]      0.423557 
_atom_sites.fract_transf_vector[2]      0.536910 
_atom_sites.fract_transf_vector[3]      0.120837 
# 
loop_
_atom_type.symbol 
C  
CO 
N  
O  
P  
# 
loop_
_atom_site.group_PDB 
_atom_site.id 
_atom_site.type_symbol 
_atom_site.label_atom_id 
_atom_site.label_alt_id 
_atom_site.label_comp_id 
_atom_site.label_asym_id 
_atom_site.label_entity_id 
_atom_site.label_seq_id 
_atom_site.pdbx_PDB_ins_code 
_atom_site.Cartn_x 
_atom_site.Cartn_y 
_atom_site.Cartn_z 
_atom_site.occupancy 
_atom_site.B_iso_or_equiv 
_atom_site.pdbx_formal_charge 
_atom_site.auth_seq_id 
_atom_site.auth_comp_id 
_atom_site.auth_asym_id 
_atom_site.auth_atom_id 
_atom_site.pdbx_PDB_model_num 
ATOM   1   O  "O5'" . DG  A 1 1  ? -1.874  -13.508 1.151   1.00 29.65 ? 1   DG  A "O5'" 1 
ATOM   2   C  "C5'" . DG  A 1 1  ? -3.067  -13.065 0.528   1.00 26.28 ? 1   DG  A "C5'" 1 
ATOM   3   C  "C4'" . DG  A 1 1  ? -2.873  -12.918 -0.974  1.00 27.82 ? 1   DG  A "C4'" 1 
ATOM   4   O  "O4'" . DG  A 1 1  ? -1.856  -11.922 -1.242  1.00 23.94 ? 1   DG  A "O4'" 1 
ATOM   5   C  "C3'" . DG  A 1 1  ? -2.429  -14.177 -1.701  1.00 27.58 ? 1   DG  A "C3'" 1 
ATOM   6   O  "O3'" . DG  A 1 1  ? -3.012  -14.212 -3.000  1.00 29.95 ? 1   DG  A "O3'" 1 
ATOM   7   C  "C2'" . DG  A 1 1  ? -0.907  -14.032 -1.761  1.00 27.74 ? 1   DG  A "C2'" 1 
ATOM   8   C  "C1'" . DG  A 1 1  ? -0.707  -12.519 -1.820  1.00 24.71 ? 1   DG  A "C1'" 1 
ATOM   9   N  N9    . DG  A 1 1  ? 0.463   -12.054 -1.069  1.00 24.55 ? 1   DG  A N9    1 
ATOM   10  C  C8    . DG  A 1 1  ? 0.907   -12.520 0.151   1.00 21.54 ? 1   DG  A C8    1 
ATOM   11  N  N7    . DG  A 1 1  ? 1.967   -11.897 0.592   1.00 18.63 ? 1   DG  A N7    1 
ATOM   12  C  C5    . DG  A 1 1  ? 2.249   -10.959 -0.399  1.00 22.92 ? 1   DG  A C5    1 
ATOM   13  C  C6    . DG  A 1 1  ? 3.286   -9.995  -0.475  1.00 20.11 ? 1   DG  A C6    1 
ATOM   14  O  O6    . DG  A 1 1  ? 4.189   -9.775  0.341   1.00 22.61 ? 1   DG  A O6    1 
ATOM   15  N  N1    . DG  A 1 1  ? 3.207   -9.240  -1.645  1.00 20.52 ? 1   DG  A N1    1 
ATOM   16  C  C2    . DG  A 1 1  ? 2.251   -9.399  -2.616  1.00 21.49 ? 1   DG  A C2    1 
ATOM   17  N  N2    . DG  A 1 1  ? 2.339   -8.575  -3.672  1.00 20.63 ? 1   DG  A N2    1 
ATOM   18  N  N3    . DG  A 1 1  ? 1.270   -10.296 -2.558  1.00 21.61 ? 1   DG  A N3    1 
ATOM   19  C  C4    . DG  A 1 1  ? 1.331   -11.040 -1.425  1.00 24.09 ? 1   DG  A C4    1 
ATOM   20  P  P     . DC  A 1 2  ? -2.878  -15.519 -3.920  1.00 34.04 ? 2   DC  A P     1 
ATOM   21  O  OP1   . DC  A 1 2  ? -4.081  -15.561 -4.784  1.00 34.40 ? 2   DC  A OP1   1 
ATOM   22  O  OP2   . DC  A 1 2  ? -2.538  -16.671 -3.058  1.00 35.59 ? 2   DC  A OP2   1 
ATOM   23  O  "O5'" . DC  A 1 2  ? -1.607  -15.205 -4.829  1.00 34.48 ? 2   DC  A "O5'" 1 
ATOM   24  C  "C5'" . DC  A 1 2  ? -1.651  -14.102 -5.722  1.00 30.82 ? 2   DC  A "C5'" 1 
ATOM   25  C  "C4'" . DC  A 1 2  ? -0.259  -13.737 -6.197  1.00 28.77 ? 2   DC  A "C4'" 1 
ATOM   26  O  "O4'" . DC  A 1 2  ? 0.511   -13.232 -5.098  1.00 25.53 ? 2   DC  A "O4'" 1 
ATOM   27  C  "C3'" . DC  A 1 2  ? 0.562   -14.903 -6.742  1.00 29.71 ? 2   DC  A "C3'" 1 
ATOM   28  O  "O3'" . DC  A 1 2  ? 0.495   -14.916 -8.163  1.00 33.00 ? 2   DC  A "O3'" 1 
ATOM   29  C  "C2'" . DC  A 1 2  ? 1.997   -14.627 -6.238  1.00 31.45 ? 2   DC  A "C2'" 1 
ATOM   30  C  "C1'" . DC  A 1 2  ? 1.859   -13.313 -5.467  1.00 27.72 ? 2   DC  A "C1'" 1 
ATOM   31  N  N1    . DC  A 1 2  ? 2.683   -13.246 -4.241  1.00 27.08 ? 2   DC  A N1    1 
ATOM   32  C  C2    . DC  A 1 2  ? 3.659   -12.252 -4.119  1.00 27.43 ? 2   DC  A C2    1 
ATOM   33  O  O2    . DC  A 1 2  ? 3.817   -11.445 -5.047  1.00 24.82 ? 2   DC  A O2    1 
ATOM   34  N  N3    . DC  A 1 2  ? 4.402   -12.200 -2.991  1.00 25.49 ? 2   DC  A N3    1 
ATOM   35  C  C4    . DC  A 1 2  ? 4.196   -13.092 -2.015  1.00 27.25 ? 2   DC  A C4    1 
ATOM   36  N  N4    . DC  A 1 2  ? 4.950   -13.005 -0.918  1.00 25.20 ? 2   DC  A N4    1 
ATOM   37  C  C5    . DC  A 1 2  ? 3.202   -14.112 -2.123  1.00 27.13 ? 2   DC  A C5    1 
ATOM   38  C  C6    . DC  A 1 2  ? 2.476   -14.149 -3.241  1.00 30.18 ? 2   DC  A C6    1 
ATOM   39  P  P     . DA  A 1 3  ? -0.045  -16.216 -8.937  1.00 34.36 ? 3   DA  A P     1 
ATOM   40  O  OP1   . DA  A 1 3  ? -1.202  -16.755 -8.190  1.00 37.04 ? 3   DA  A OP1   1 
ATOM   41  O  OP2   . DA  A 1 3  ? 1.135   -17.070 -9.201  1.00 30.87 ? 3   DA  A OP2   1 
ATOM   42  O  "O5'" . DA  A 1 3  ? -0.562  -15.644 -10.335 1.00 36.16 ? 3   DA  A "O5'" 1 
ATOM   43  C  "C5'" . DA  A 1 3  ? -1.685  -14.767 -10.370 1.00 32.63 ? 3   DA  A "C5'" 1 
ATOM   44  C  "C4'" . DA  A 1 3  ? -1.504  -13.702 -11.437 1.00 36.68 ? 3   DA  A "C4'" 1 
ATOM   45  O  "O4'" . DA  A 1 3  ? -0.417  -12.824 -11.055 1.00 33.26 ? 3   DA  A "O4'" 1 
ATOM   46  C  "C3'" . DA  A 1 3  ? -1.150  -14.229 -12.825 1.00 37.56 ? 3   DA  A "C3'" 1 
ATOM   47  O  "O3'" . DA  A 1 3  ? -1.746  -13.408 -13.817 1.00 41.37 ? 3   DA  A "O3'" 1 
ATOM   48  C  "C2'" . DA  A 1 3  ? 0.368   -14.113 -12.854 1.00 36.74 ? 3   DA  A "C2'" 1 
ATOM   49  C  "C1'" . DA  A 1 3  ? 0.585   -12.838 -12.047 1.00 31.41 ? 3   DA  A "C1'" 1 
ATOM   50  N  N9    . DA  A 1 3  ? 1.883   -12.785 -11.386 1.00 32.08 ? 3   DA  A N9    1 
ATOM   51  C  C8    . DA  A 1 3  ? 2.161   -13.091 -10.081 1.00 31.53 ? 3   DA  A C8    1 
ATOM   52  N  N7    . DA  A 1 3  ? 3.428   -12.956 -9.768  1.00 31.27 ? 3   DA  A N7    1 
ATOM   53  C  C5    . DA  A 1 3  ? 4.017   -12.532 -10.949 1.00 32.52 ? 3   DA  A C5    1 
ATOM   54  C  C6    . DA  A 1 3  ? 5.345   -12.208 -11.284 1.00 34.54 ? 3   DA  A C6    1 
ATOM   55  N  N6    . DA  A 1 3  ? 6.359   -12.268 -10.416 1.00 35.78 ? 3   DA  A N6    1 
ATOM   56  N  N1    . DA  A 1 3  ? 5.591   -11.819 -12.555 1.00 33.58 ? 3   DA  A N1    1 
ATOM   57  C  C2    . DA  A 1 3  ? 4.574   -11.761 -13.420 1.00 31.63 ? 3   DA  A C2    1 
ATOM   58  N  N3    . DA  A 1 3  ? 3.289   -12.041 -13.221 1.00 34.49 ? 3   DA  A N3    1 
ATOM   59  C  C4    . DA  A 1 3  ? 3.077   -12.422 -11.952 1.00 33.24 ? 3   DA  A C4    1 
ATOM   60  P  P     . DT  A 1 4  ? -2.341  -14.065 -15.155 1.00 47.01 ? 4   DT  A P     1 
ATOM   61  O  OP1   . DT  A 1 4  ? -1.771  -15.427 -15.253 1.00 42.84 ? 4   DT  A OP1   1 
ATOM   62  O  OP2   . DT  A 1 4  ? -2.136  -13.099 -16.260 1.00 58.46 ? 4   DT  A OP2   1 
ATOM   63  O  "O5'" . DT  A 1 4  ? -3.907  -14.191 -14.855 1.00 45.28 ? 4   DT  A "O5'" 1 
ATOM   64  C  "C5'" . DT  A 1 4  ? -4.732  -13.025 -14.865 1.00 44.01 ? 4   DT  A "C5'" 1 
ATOM   65  C  "C4'" . DT  A 1 4  ? -5.963  -13.211 -13.989 1.00 49.39 ? 4   DT  A "C4'" 1 
ATOM   66  O  "O4'" . DT  A 1 4  ? -6.788  -14.280 -14.513 1.00 53.22 ? 4   DT  A "O4'" 1 
ATOM   67  C  "C3'" . DT  A 1 4  ? -5.679  -13.583 -12.543 1.00 38.19 ? 4   DT  A "C3'" 1 
ATOM   68  O  "O3'" . DT  A 1 4  ? -6.683  -13.037 -11.704 1.00 37.56 ? 4   DT  A "O3'" 1 
ATOM   69  C  "C2'" . DT  A 1 4  ? -5.740  -15.107 -12.567 1.00 47.81 ? 4   DT  A "C2'" 1 
ATOM   70  C  "C1'" . DT  A 1 4  ? -6.836  -15.357 -13.595 1.00 54.70 ? 4   DT  A "C1'" 1 
ATOM   71  N  N1    . DT  A 1 4  ? -6.644  -16.607 -14.359 1.00 62.96 ? 4   DT  A N1    1 
ATOM   72  C  C2    . DT  A 1 4  ? -7.736  -17.381 -14.671 1.00 70.88 ? 4   DT  A C2    1 
ATOM   73  O  O2    . DT  A 1 4  ? -8.873  -17.097 -14.341 1.00 74.26 ? 4   DT  A O2    1 
ATOM   74  N  N3    . DT  A 1 4  ? -7.448  -18.510 -15.390 1.00 72.49 ? 4   DT  A N3    1 
ATOM   75  C  C4    . DT  A 1 4  ? -6.202  -18.931 -15.818 1.00 74.61 ? 4   DT  A C4    1 
ATOM   76  O  O4    . DT  A 1 4  ? -6.043  -19.965 -16.460 1.00 83.71 ? 4   DT  A O4    1 
ATOM   77  C  C5    . DT  A 1 4  ? -5.101  -18.069 -15.456 1.00 72.31 ? 4   DT  A C5    1 
ATOM   78  C  C7    . DT  A 1 4  ? -3.700  -18.420 -15.865 1.00 66.46 ? 4   DT  A C7    1 
ATOM   79  C  C6    . DT  A 1 4  ? -5.374  -16.962 -14.754 1.00 63.75 ? 4   DT  A C6    1 
ATOM   80  P  P     . DG  A 1 5  ? -6.373  -11.723 -10.840 1.00 36.89 ? 5   DG  A P     1 
ATOM   81  O  OP1   . DG  A 1 5  ? -7.463  -11.557 -9.859  1.00 39.35 ? 5   DG  A OP1   1 
ATOM   82  O  OP2   . DG  A 1 5  ? -6.082  -10.611 -11.771 1.00 38.73 ? 5   DG  A OP2   1 
ATOM   83  O  "O5'" . DG  A 1 5  ? -5.035  -12.106 -10.060 1.00 32.47 ? 5   DG  A "O5'" 1 
ATOM   84  C  "C5'" . DG  A 1 5  ? -5.037  -13.170 -9.123  1.00 33.74 ? 5   DG  A "C5'" 1 
ATOM   85  C  "C4'" . DG  A 1 5  ? -4.343  -12.747 -7.850  1.00 30.73 ? 5   DG  A "C4'" 1 
ATOM   86  O  "O4'" . DG  A 1 5  ? -2.967  -12.408 -8.142  1.00 30.98 ? 5   DG  A "O4'" 1 
ATOM   87  C  "C3'" . DG  A 1 5  ? -4.941  -11.527 -7.171  1.00 30.71 ? 5   DG  A "C3'" 1 
ATOM   88  O  "O3'" . DG  A 1 5  ? -4.831  -11.665 -5.768  1.00 27.61 ? 5   DG  A "O3'" 1 
ATOM   89  C  "C2'" . DG  A 1 5  ? -4.092  -10.371 -7.706  1.00 26.63 ? 5   DG  A "C2'" 1 
ATOM   90  C  "C1'" . DG  A 1 5  ? -2.735  -11.031 -7.918  1.00 29.27 ? 5   DG  A "C1'" 1 
ATOM   91  N  N9    . DG  A 1 5  ? -1.989  -10.518 -9.069  1.00 27.90 ? 5   DG  A N9    1 
ATOM   92  C  C8    . DG  A 1 5  ? -2.481  -10.225 -10.325 1.00 31.03 ? 5   DG  A C8    1 
ATOM   93  N  N7    . DG  A 1 5  ? -1.561  -9.807  -11.157 1.00 24.25 ? 5   DG  A N7    1 
ATOM   94  C  C5    . DG  A 1 5  ? -0.387  -9.833  -10.407 1.00 24.94 ? 5   DG  A C5    1 
ATOM   95  C  C6    . DG  A 1 5  ? 0.941   -9.491  -10.766 1.00 25.81 ? 5   DG  A C6    1 
ATOM   96  O  O6    . DG  A 1 5  ? 1.362   -9.082  -11.859 1.00 25.40 ? 5   DG  A O6    1 
ATOM   97  N  N1    . DG  A 1 5  ? 1.826   -9.668  -9.707  1.00 24.11 ? 5   DG  A N1    1 
ATOM   98  C  C2    . DG  A 1 5  ? 1.474   -10.115 -8.455  1.00 25.12 ? 5   DG  A C2    1 
ATOM   99  N  N2    . DG  A 1 5  ? 2.464   -10.219 -7.561  1.00 22.80 ? 5   DG  A N2    1 
ATOM   100 N  N3    . DG  A 1 5  ? 0.238   -10.437 -8.104  1.00 22.60 ? 5   DG  A N3    1 
ATOM   101 C  C4    . DG  A 1 5  ? -0.637  -10.276 -9.124  1.00 26.60 ? 5   DG  A C4    1 
ATOM   102 P  P     . DC  A 1 6  ? -5.650  -10.692 -4.793  1.00 33.41 ? 6   DC  A P     1 
ATOM   103 O  OP1   . DC  A 1 6  ? -6.125  -11.508 -3.649  1.00 36.89 ? 6   DC  A OP1   1 
ATOM   104 O  OP2   . DC  A 1 6  ? -6.606  -9.913  -5.610  1.00 32.25 ? 6   DC  A OP2   1 
ATOM   105 O  "O5'" . DC  A 1 6  ? -4.543  -9.679  -4.266  1.00 29.95 ? 6   DC  A "O5'" 1 
ATOM   106 C  "C5'" . DC  A 1 6  ? -3.418  -10.168 -3.560  1.00 29.28 ? 6   DC  A "C5'" 1 
ATOM   107 C  "C4'" . DC  A 1 6  ? -2.327  -9.126  -3.531  1.00 27.72 ? 6   DC  A "C4'" 1 
ATOM   108 O  "O4'" . DC  A 1 6  ? -1.764  -8.988  -4.847  1.00 26.15 ? 6   DC  A "O4'" 1 
ATOM   109 C  "C3'" . DC  A 1 6  ? -2.801  -7.725  -3.146  1.00 25.47 ? 6   DC  A "C3'" 1 
ATOM   110 O  "O3'" . DC  A 1 6  ? -2.342  -7.406  -1.850  1.00 25.61 ? 6   DC  A "O3'" 1 
ATOM   111 C  "C2'" . DC  A 1 6  ? -2.177  -6.800  -4.207  1.00 25.73 ? 6   DC  A "C2'" 1 
ATOM   112 C  "C1'" . DC  A 1 6  ? -1.202  -7.714  -4.935  1.00 24.03 ? 6   DC  A "C1'" 1 
ATOM   113 N  N1    . DC  A 1 6  ? -1.042  -7.383  -6.369  1.00 22.95 ? 6   DC  A N1    1 
ATOM   114 C  C2    . DC  A 1 6  ? 0.242   -7.185  -6.897  1.00 22.30 ? 6   DC  A C2    1 
ATOM   115 O  O2    . DC  A 1 6  ? 1.225   -7.283  -6.149  1.00 23.67 ? 6   DC  A O2    1 
ATOM   116 N  N3    . DC  A 1 6  ? 0.369   -6.887  -8.215  1.00 20.58 ? 6   DC  A N3    1 
ATOM   117 C  C4    . DC  A 1 6  ? -0.718  -6.790  -8.984  1.00 25.14 ? 6   DC  A C4    1 
ATOM   118 N  N4    . DC  A 1 6  ? -0.548  -6.495  -10.277 1.00 21.83 ? 6   DC  A N4    1 
ATOM   119 C  C5    . DC  A 1 6  ? -2.032  -6.993  -8.462  1.00 27.25 ? 6   DC  A C5    1 
ATOM   120 C  C6    . DC  A 1 6  ? -2.147  -7.286  -7.164  1.00 25.02 ? 6   DC  A C6    1 
ATOM   121 P  P     . DA  A 1 7  ? -3.383  -7.125  -0.660  1.00 26.16 ? 7   DA  A P     1 
ATOM   122 O  OP1   . DA  A 1 7  ? -4.629  -7.866  -0.950  1.00 25.42 ? 7   DA  A OP1   1 
ATOM   123 O  OP2   . DA  A 1 7  ? -3.406  -5.668  -0.408  1.00 26.16 ? 7   DA  A OP2   1 
ATOM   124 O  "O5'" . DA  A 1 7  ? -2.683  -7.820  0.592   1.00 25.53 ? 7   DA  A "O5'" 1 
ATOM   125 C  "C5'" . DA  A 1 7  ? -2.476  -9.216  0.578   1.00 23.98 ? 7   DA  A "C5'" 1 
ATOM   126 C  "C4'" . DA  A 1 7  ? -1.203  -9.578  1.316   1.00 23.38 ? 7   DA  A "C4'" 1 
ATOM   127 O  "O4'" . DA  A 1 7  ? -0.055  -9.137  0.547   1.00 24.06 ? 7   DA  A "O4'" 1 
ATOM   128 C  "C3'" . DA  A 1 7  ? -1.060  -8.950  2.695   1.00 22.66 ? 7   DA  A "C3'" 1 
ATOM   129 O  "O3'" . DA  A 1 7  ? -0.495  -9.893  3.583   1.00 24.08 ? 7   DA  A "O3'" 1 
ATOM   130 C  "C2'" . DA  A 1 7  ? -0.113  -7.776  2.454   1.00 23.38 ? 7   DA  A "C2'" 1 
ATOM   131 C  "C1'" . DA  A 1 7  ? 0.769   -8.312  1.338   1.00 25.28 ? 7   DA  A "C1'" 1 
ATOM   132 N  N9    . DA  A 1 7  ? 1.319   -7.265  0.487   1.00 23.73 ? 7   DA  A N9    1 
ATOM   133 C  C8    . DA  A 1 7  ? 0.859   -6.869  -0.741  1.00 24.22 ? 7   DA  A C8    1 
ATOM   134 N  N7    . DA  A 1 7  ? 1.553   -5.888  -1.275  1.00 24.99 ? 7   DA  A N7    1 
ATOM   135 C  C5    . DA  A 1 7  ? 2.528   -5.621  -0.332  1.00 22.56 ? 7   DA  A C5    1 
ATOM   136 C  C6    . DA  A 1 7  ? 3.583   -4.684  -0.295  1.00 27.11 ? 7   DA  A C6    1 
ATOM   137 N  N6    . DA  A 1 7  ? 3.829   -3.812  -1.279  1.00 26.65 ? 7   DA  A N6    1 
ATOM   138 N  N1    . DA  A 1 7  ? 4.376   -4.681  0.794   1.00 29.49 ? 7   DA  A N1    1 
ATOM   139 C  C2    . DA  A 1 7  ? 4.127   -5.556  1.776   1.00 31.11 ? 7   DA  A C2    1 
ATOM   140 N  N3    . DA  A 1 7  ? 3.169   -6.481  1.855   1.00 24.68 ? 7   DA  A N3    1 
ATOM   141 C  C4    . DA  A 1 7  ? 2.398   -6.460  0.760   1.00 25.84 ? 7   DA  A C4    1 
ATOM   142 P  P     . DT  A 1 8  ? -1.404  -11.057 4.215   1.00 25.89 ? 8   DT  A P     1 
ATOM   143 O  OP1   . DT  A 1 8  ? -1.123  -12.326 3.516   1.00 24.80 ? 8   DT  A OP1   1 
ATOM   144 O  OP2   . DT  A 1 8  ? -2.797  -10.562 4.288   1.00 27.04 ? 8   DT  A OP2   1 
ATOM   145 O  "O5'" . DT  A 1 8  ? -0.833  -11.186 5.698   1.00 24.86 ? 8   DT  A "O5'" 1 
ATOM   146 C  "C5'" . DT  A 1 8  ? -1.008  -10.113 6.610   1.00 27.25 ? 8   DT  A "C5'" 1 
ATOM   147 C  "C4'" . DT  A 1 8  ? 0.033   -10.159 7.714   1.00 28.27 ? 8   DT  A "C4'" 1 
ATOM   148 O  "O4'" . DT  A 1 8  ? -0.028  -11.443 8.388   1.00 24.85 ? 8   DT  A "O4'" 1 
ATOM   149 C  "C3'" . DT  A 1 8  ? 1.474   -9.989  7.254   1.00 24.55 ? 8   DT  A "C3'" 1 
ATOM   150 O  "O3'" . DT  A 1 8  ? 2.193   -9.251  8.227   1.00 23.54 ? 8   DT  A "O3'" 1 
ATOM   151 C  "C2'" . DT  A 1 8  ? 1.973   -11.431 7.152   1.00 25.34 ? 8   DT  A "C2'" 1 
ATOM   152 C  "C1'" . DT  A 1 8  ? 1.215   -12.107 8.288   1.00 21.87 ? 8   DT  A "C1'" 1 
ATOM   153 N  N1    . DT  A 1 8  ? 0.946   -13.557 8.052   1.00 21.87 ? 8   DT  A N1    1 
ATOM   154 C  C2    . DT  A 1 8  ? 1.456   -14.490 8.932   1.00 23.59 ? 8   DT  A C2    1 
ATOM   155 O  O2    . DT  A 1 8  ? 2.129   -14.191 9.899   1.00 23.07 ? 8   DT  A O2    1 
ATOM   156 N  N3    . DT  A 1 8  ? 1.147   -15.792 8.634   1.00 21.33 ? 8   DT  A N3    1 
ATOM   157 C  C4    . DT  A 1 8  ? 0.393   -16.246 7.566   1.00 25.09 ? 8   DT  A C4    1 
ATOM   158 O  O4    . DT  A 1 8  ? 0.172   -17.439 7.378   1.00 24.46 ? 8   DT  A O4    1 
ATOM   159 C  C5    . DT  A 1 8  ? -0.115  -15.218 6.681   1.00 22.09 ? 8   DT  A C5    1 
ATOM   160 C  C7    . DT  A 1 8  ? -0.948  -15.597 5.488   1.00 25.37 ? 8   DT  A C7    1 
ATOM   161 C  C6    . DT  A 1 8  ? 0.180   -13.938 6.967   1.00 24.42 ? 8   DT  A C6    1 
ATOM   162 P  P     . DG  A 1 9  ? 3.545   -8.490  7.831   1.00 26.37 ? 9   DG  A P     1 
ATOM   163 O  OP1   . DG  A 1 9  ? 3.817   -7.505  8.899   1.00 28.19 ? 9   DG  A OP1   1 
ATOM   164 O  OP2   . DG  A 1 9  ? 3.425   -8.043  6.424   1.00 26.39 ? 9   DG  A OP2   1 
ATOM   165 O  "O5'" . DG  A 1 9  ? 4.650   -9.630  7.880   1.00 24.88 ? 9   DG  A "O5'" 1 
ATOM   166 C  "C5'" . DG  A 1 9  ? 4.968   -10.245 9.121   1.00 24.74 ? 9   DG  A "C5'" 1 
ATOM   167 C  "C4'" . DG  A 1 9  ? 5.967   -11.370 8.927   1.00 26.78 ? 9   DG  A "C4'" 1 
ATOM   168 O  "O4'" . DG  A 1 9  ? 5.327   -12.490 8.272   1.00 22.40 ? 9   DG  A "O4'" 1 
ATOM   169 C  "C3'" . DG  A 1 9  ? 7.181   -11.032 8.065   1.00 30.66 ? 9   DG  A "C3'" 1 
ATOM   170 O  "O3'" . DG  A 1 9  ? 8.297   -11.751 8.547   1.00 29.08 ? 9   DG  A "O3'" 1 
ATOM   171 C  "C2'" . DG  A 1 9  ? 6.759   -11.539 6.689   1.00 27.42 ? 9   DG  A "C2'" 1 
ATOM   172 C  "C1'" . DG  A 1 9  ? 6.024   -12.808 7.085   1.00 22.83 ? 9   DG  A "C1'" 1 
ATOM   173 N  N9    . DG  A 1 9  ? 5.049   -13.285 6.111   1.00 23.92 ? 9   DG  A N9    1 
ATOM   174 C  C8    . DG  A 1 9  ? 4.539   -12.612 5.021   1.00 23.73 ? 9   DG  A C8    1 
ATOM   175 N  N7    . DG  A 1 9  ? 3.664   -13.313 4.343   1.00 21.44 ? 9   DG  A N7    1 
ATOM   176 C  C5    . DG  A 1 9  ? 3.591   -14.520 5.037   1.00 26.39 ? 9   DG  A C5    1 
ATOM   177 C  C6    . DG  A 1 9  ? 2.815   -15.678 4.787   1.00 24.52 ? 9   DG  A C6    1 
ATOM   178 O  O6    . DG  A 1 9  ? 2.007   -15.879 3.876   1.00 24.11 ? 9   DG  A O6    1 
ATOM   179 N  N1    . DG  A 1 9  ? 3.051   -16.672 5.739   1.00 22.50 ? 9   DG  A N1    1 
ATOM   180 C  C2    . DG  A 1 9  ? 3.923   -16.559 6.794   1.00 23.79 ? 9   DG  A C2    1 
ATOM   181 N  N2    . DG  A 1 9  ? 4.020   -17.624 7.612   1.00 23.30 ? 9   DG  A N2    1 
ATOM   182 N  N3    . DG  A 1 9  ? 4.651   -15.483 7.038   1.00 22.66 ? 9   DG  A N3    1 
ATOM   183 C  C4    . DG  A 1 9  ? 4.436   -14.509 6.122   1.00 25.65 ? 9   DG  A C4    1 
ATOM   184 P  P     . DC  A 1 10 ? 9.755   -11.084 8.538   1.00 49.33 ? 10  DC  A P     1 
ATOM   185 O  OP1   . DC  A 1 10 ? 9.628   -9.715  9.091   1.00 44.20 ? 10  DC  A OP1   1 
ATOM   186 O  OP2   . DC  A 1 10 ? 10.313  -11.302 7.183   1.00 44.43 ? 10  DC  A OP2   1 
ATOM   187 O  "O5'" . DC  A 1 10 ? 10.588  -11.983 9.568   1.00 47.56 ? 10  DC  A "O5'" 1 
ATOM   188 C  "C5'" . DC  A 1 10 ? 10.189  -12.045 10.930  1.00 44.55 ? 10  DC  A "C5'" 1 
ATOM   189 C  "C4'" . DC  A 1 10 ? 10.870  -13.198 11.648  1.00 49.43 ? 10  DC  A "C4'" 1 
ATOM   190 O  "O4'" . DC  A 1 10 ? 10.264  -14.448 11.248  1.00 50.35 ? 10  DC  A "O4'" 1 
ATOM   191 C  "C3'" . DC  A 1 10 ? 12.371  -13.333 11.377  1.00 51.88 ? 10  DC  A "C3'" 1 
ATOM   192 O  "O3'" . DC  A 1 10 ? 13.099  -13.174 12.587  1.00 68.98 ? 10  DC  A "O3'" 1 
ATOM   193 C  "C2'" . DC  A 1 10 ? 12.540  -14.744 10.796  1.00 53.19 ? 10  DC  A "C2'" 1 
ATOM   194 C  "C1'" . DC  A 1 10 ? 11.249  -15.446 11.199  1.00 45.29 ? 10  DC  A "C1'" 1 
ATOM   195 N  N1    . DC  A 1 10 ? 10.815  -16.467 10.210  1.00 42.98 ? 10  DC  A N1    1 
ATOM   196 C  C2    . DC  A 1 10 ? 11.097  -17.821 10.429  1.00 37.55 ? 10  DC  A C2    1 
ATOM   197 O  O2    . DC  A 1 10 ? 11.699  -18.152 11.454  1.00 46.04 ? 10  DC  A O2    1 
ATOM   198 N  N3    . DC  A 1 10 ? 10.696  -18.734 9.511   1.00 45.49 ? 10  DC  A N3    1 
ATOM   199 C  C4    . DC  A 1 10 ? 10.047  -18.332 8.415   1.00 39.26 ? 10  DC  A C4    1 
ATOM   200 N  N4    . DC  A 1 10 ? 9.667   -19.263 7.530   1.00 42.80 ? 10  DC  A N4    1 
ATOM   201 C  C5    . DC  A 1 10 ? 9.757   -16.961 8.175   1.00 39.94 ? 10  DC  A C5    1 
ATOM   202 C  C6    . DC  A 1 10 ? 10.156  -16.072 9.086   1.00 39.93 ? 10  DC  A C6    1 
ATOM   203 O  "O5'" . DG  B 1 1  ? 8.732   -2.667  -12.114 1.00 37.55 ? 1   DG  B "O5'" 1 
ATOM   204 C  "C5'" . DG  B 1 1  ? 9.401   -2.161  -10.964 1.00 29.76 ? 1   DG  B "C5'" 1 
ATOM   205 C  "C4'" . DG  B 1 1  ? 9.477   -3.221  -9.878  1.00 30.10 ? 1   DG  B "C4'" 1 
ATOM   206 O  "O4'" . DG  B 1 1  ? 8.138   -3.610  -9.479  1.00 24.71 ? 1   DG  B "O4'" 1 
ATOM   207 C  "C3'" . DG  B 1 1  ? 10.196  -4.501  -10.276 1.00 29.87 ? 1   DG  B "C3'" 1 
ATOM   208 O  "O3'" . DG  B 1 1  ? 10.992  -4.968  -9.192  1.00 30.34 ? 1   DG  B "O3'" 1 
ATOM   209 C  "C2'" . DG  B 1 1  ? 9.057   -5.467  -10.624 1.00 27.27 ? 1   DG  B "C2'" 1 
ATOM   210 C  "C1'" . DG  B 1 1  ? 7.917   -4.983  -9.731  1.00 22.20 ? 1   DG  B "C1'" 1 
ATOM   211 N  N9    . DG  B 1 1  ? 6.587   -5.116  -10.336 1.00 22.12 ? 1   DG  B N9    1 
ATOM   212 C  C8    . DG  B 1 1  ? 6.219   -4.794  -11.626 1.00 24.85 ? 1   DG  B C8    1 
ATOM   213 N  N7    . DG  B 1 1  ? 4.951   -5.005  -11.876 1.00 18.47 ? 1   DG  B N7    1 
ATOM   214 C  C5    . DG  B 1 1  ? 4.445   -5.496  -10.673 1.00 23.20 ? 1   DG  B C5    1 
ATOM   215 C  C6    . DG  B 1 1  ? 3.130   -5.901  -10.328 1.00 19.74 ? 1   DG  B C6    1 
ATOM   216 O  O6    . DG  B 1 1  ? 2.113   -5.908  -11.043 1.00 21.25 ? 1   DG  B O6    1 
ATOM   217 N  N1    . DG  B 1 1  ? 3.051   -6.324  -9.002  1.00 21.07 ? 1   DG  B N1    1 
ATOM   218 C  C2    . DG  B 1 1  ? 4.109   -6.359  -8.125  1.00 21.63 ? 1   DG  B C2    1 
ATOM   219 N  N2    . DG  B 1 1  ? 3.837   -6.800  -6.888  1.00 20.06 ? 1   DG  B N2    1 
ATOM   220 N  N3    . DG  B 1 1  ? 5.345   -5.985  -8.432  1.00 20.28 ? 1   DG  B N3    1 
ATOM   221 C  C4    . DG  B 1 1  ? 5.440   -5.564  -9.717  1.00 22.76 ? 1   DG  B C4    1 
ATOM   222 P  P     . DC  B 1 2  ? 12.011  -6.190  -9.405  1.00 33.65 ? 2   DC  B P     1 
ATOM   223 O  OP1   . DC  B 1 2  ? 13.129  -6.011  -8.449  1.00 36.11 ? 2   DC  B OP1   1 
ATOM   224 O  OP2   . DC  B 1 2  ? 12.274  -6.335  -10.855 1.00 37.01 ? 2   DC  B OP2   1 
ATOM   225 O  "O5'" . DC  B 1 2  ? 11.169  -7.457  -8.945  1.00 33.90 ? 2   DC  B "O5'" 1 
ATOM   226 C  "C5'" . DC  B 1 2  ? 10.742  -7.556  -7.600  1.00 30.98 ? 2   DC  B "C5'" 1 
ATOM   227 C  "C4'" . DC  B 1 2  ? 9.707   -8.649  -7.447  1.00 28.41 ? 2   DC  B "C4'" 1 
ATOM   228 O  "O4'" . DC  B 1 2  ? 8.503   -8.273  -8.135  1.00 25.74 ? 2   DC  B "O4'" 1 
ATOM   229 C  "C3'" . DC  B 1 2  ? 10.102  -9.999  -8.039  1.00 30.78 ? 2   DC  B "C3'" 1 
ATOM   230 O  "O3'" . DC  B 1 2  ? 10.511  -10.877 -6.996  1.00 32.24 ? 2   DC  B "O3'" 1 
ATOM   231 C  "C2'" . DC  B 1 2  ? 8.825   -10.505 -8.738  1.00 28.93 ? 2   DC  B "C2'" 1 
ATOM   232 C  "C1'" . DC  B 1 2  ? 7.782   -9.439  -8.390  1.00 24.92 ? 2   DC  B "C1'" 1 
ATOM   233 N  N1    . DC  B 1 2  ? 6.815   -9.161  -9.483  1.00 26.13 ? 2   DC  B N1    1 
ATOM   234 C  C2    . DC  B 1 2  ? 5.455   -9.380  -9.265  1.00 25.10 ? 2   DC  B C2    1 
ATOM   235 O  O2    . DC  B 1 2  ? 5.087   -9.804  -8.164  1.00 23.90 ? 2   DC  B O2    1 
ATOM   236 N  N3    . DC  B 1 2  ? 4.577   -9.121  -10.266 1.00 23.15 ? 2   DC  B N3    1 
ATOM   237 C  C4    . DC  B 1 2  ? 5.023   -8.663  -11.439 1.00 24.63 ? 2   DC  B C4    1 
ATOM   238 N  N4    . DC  B 1 2  ? 4.122   -8.420  -12.397 1.00 23.56 ? 2   DC  B N4    1 
ATOM   239 C  C5    . DC  B 1 2  ? 6.409   -8.432  -11.678 1.00 23.60 ? 2   DC  B C5    1 
ATOM   240 C  C6    . DC  B 1 2  ? 7.261   -8.691  -10.683 1.00 26.93 ? 2   DC  B C6    1 
ATOM   241 P  P     . DA  B 1 3  ? 11.971  -11.545 -7.022  1.00 35.51 ? 3   DA  B P     1 
ATOM   242 O  OP1   . DA  B 1 3  ? 12.904  -10.570 -7.620  1.00 33.64 ? 3   DA  B OP1   1 
ATOM   243 O  OP2   . DA  B 1 3  ? 11.836  -12.898 -7.593  1.00 31.21 ? 3   DA  B OP2   1 
ATOM   244 O  "O5'" . DA  B 1 3  ? 12.334  -11.708 -5.478  1.00 30.73 ? 3   DA  B "O5'" 1 
ATOM   245 C  "C5'" . DA  B 1 3  ? 12.561  -10.552 -4.682  1.00 27.77 ? 3   DA  B "C5'" 1 
ATOM   246 C  "C4'" . DA  B 1 3  ? 12.013  -10.745 -3.277  1.00 32.67 ? 3   DA  B "C4'" 1 
ATOM   247 O  "O4'" . DA  B 1 3  ? 10.562  -10.800 -3.328  1.00 30.70 ? 3   DA  B "O4'" 1 
ATOM   248 C  "C3'" . DA  B 1 3  ? 12.456  -12.029 -2.580  1.00 32.17 ? 3   DA  B "C3'" 1 
ATOM   249 O  "O3'" . DA  B 1 3  ? 12.589  -11.803 -1.190  1.00 36.64 ? 3   DA  B "O3'" 1 
ATOM   250 C  "C2'" . DA  B 1 3  ? 11.304  -12.981 -2.870  1.00 33.59 ? 3   DA  B "C2'" 1 
ATOM   251 C  "C1'" . DA  B 1 3  ? 10.110  -12.036 -2.819  1.00 31.92 ? 3   DA  B "C1'" 1 
ATOM   252 N  N9    . DA  B 1 3  ? 8.983   -12.491 -3.627  1.00 29.84 ? 3   DA  B N9    1 
ATOM   253 C  C8    . DA  B 1 3  ? 8.597   -12.020 -4.854  1.00 29.24 ? 3   DA  B C8    1 
ATOM   254 N  N7    . DA  B 1 3  ? 7.549   -12.635 -5.349  1.00 27.61 ? 3   DA  B N7    1 
ATOM   255 C  C5    . DA  B 1 3  ? 7.228   -13.578 -4.381  1.00 29.97 ? 3   DA  B C5    1 
ATOM   256 C  C6    . DA  B 1 3  ? 6.213   -14.554 -4.304  1.00 27.95 ? 3   DA  B C6    1 
ATOM   257 N  N6    . DA  B 1 3  ? 5.298   -14.743 -5.257  1.00 27.49 ? 3   DA  B N6    1 
ATOM   258 N  N1    . DA  B 1 3  ? 6.177   -15.332 -3.201  1.00 32.60 ? 3   DA  B N1    1 
ATOM   259 C  C2    . DA  B 1 3  ? 7.097   -15.142 -2.247  1.00 27.79 ? 3   DA  B C2    1 
ATOM   260 N  N3    . DA  B 1 3  ? 8.094   -14.263 -2.209  1.00 31.45 ? 3   DA  B N3    1 
ATOM   261 C  C4    . DA  B 1 3  ? 8.105   -13.503 -3.317  1.00 30.35 ? 3   DA  B C4    1 
ATOM   262 P  P     . DT  B 1 4  ? 13.530  -12.765 -0.311  1.00 46.16 ? 4   DT  B P     1 
ATOM   263 O  OP1   . DT  B 1 4  ? 13.881  -13.935 -1.144  1.00 45.31 ? 4   DT  B OP1   1 
ATOM   264 O  OP2   . DT  B 1 4  ? 12.870  -12.968 1.000   1.00 45.83 ? 4   DT  B OP2   1 
ATOM   265 O  "O5'" . DT  B 1 4  ? 14.862  -11.908 -0.118  1.00 42.24 ? 4   DT  B "O5'" 1 
ATOM   266 C  "C5'" . DT  B 1 4  ? 14.857  -10.768 0.731   1.00 46.78 ? 4   DT  B "C5'" 1 
ATOM   267 C  "C4'" . DT  B 1 4  ? 15.671  -9.635  0.128   1.00 48.30 ? 4   DT  B "C4'" 1 
ATOM   268 O  "O4'" . DT  B 1 4  ? 17.024  -10.092 -0.134  1.00 54.77 ? 4   DT  B "O4'" 1 
ATOM   269 C  "C3'" . DT  B 1 4  ? 15.145  -9.092  -1.200  1.00 44.15 ? 4   DT  B "C3'" 1 
ATOM   270 O  "O3'" . DT  B 1 4  ? 15.303  -7.683  -1.238  1.00 40.31 ? 4   DT  B "O3'" 1 
ATOM   271 C  "C2'" . DT  B 1 4  ? 16.035  -9.782  -2.229  1.00 55.29 ? 4   DT  B "C2'" 1 
ATOM   272 C  "C1'" . DT  B 1 4  ? 17.358  -9.842  -1.482  1.00 61.70 ? 4   DT  B "C1'" 1 
ATOM   273 N  N1    . DT  B 1 4  ? 18.255  -10.930 -1.948  1.00 66.56 ? 4   DT  B N1    1 
ATOM   274 C  C2    . DT  B 1 4  ? 19.093  -10.710 -3.019  1.00 75.64 ? 4   DT  B C2    1 
ATOM   275 O  O2    . DT  B 1 4  ? 19.145  -9.654  -3.623  1.00 78.78 ? 4   DT  B O2    1 
ATOM   276 N  N3    . DT  B 1 4  ? 19.875  -11.781 -3.361  1.00 80.05 ? 4   DT  B N3    1 
ATOM   277 C  C4    . DT  B 1 4  ? 19.902  -13.022 -2.750  1.00 81.53 ? 4   DT  B C4    1 
ATOM   278 O  O4    . DT  B 1 4  ? 20.642  -13.925 -3.129  1.00 87.10 ? 4   DT  B O4    1 
ATOM   279 C  C5    . DT  B 1 4  ? 18.999  -13.183 -1.635  1.00 77.59 ? 4   DT  B C5    1 
ATOM   280 C  C7    . DT  B 1 4  ? 18.937  -14.484 -0.892  1.00 75.35 ? 4   DT  B C7    1 
ATOM   281 C  C6    . DT  B 1 4  ? 18.230  -12.141 -1.294  1.00 71.83 ? 4   DT  B C6    1 
ATOM   282 P  P     . DG  B 1 5  ? 14.033  -6.726  -1.026  1.00 46.22 ? 5   DG  B P     1 
ATOM   283 O  OP1   . DG  B 1 5  ? 14.467  -5.328  -1.235  1.00 38.99 ? 5   DG  B OP1   1 
ATOM   284 O  OP2   . DG  B 1 5  ? 13.374  -7.108  0.241   1.00 45.61 ? 5   DG  B OP2   1 
ATOM   285 O  "O5'" . DG  B 1 5  ? 13.068  -7.123  -2.232  1.00 37.49 ? 5   DG  B "O5'" 1 
ATOM   286 C  "C5'" . DG  B 1 5  ? 13.499  -6.946  -3.567  1.00 31.53 ? 5   DG  B "C5'" 1 
ATOM   287 C  "C4'" . DG  B 1 5  ? 12.358  -6.441  -4.423  1.00 33.24 ? 5   DG  B "C4'" 1 
ATOM   288 O  "O4'" . DG  B 1 5  ? 11.254  -7.375  -4.352  1.00 30.78 ? 5   DG  B "O4'" 1 
ATOM   289 C  "C3'" . DG  B 1 5  ? 11.796  -5.092  -4.006  1.00 31.49 ? 5   DG  B "C3'" 1 
ATOM   290 O  "O3'" . DG  B 1 5  ? 11.408  -4.358  -5.159  1.00 31.58 ? 5   DG  B "O3'" 1 
ATOM   291 C  "C2'" . DG  B 1 5  ? 10.597  -5.465  -3.130  1.00 30.33 ? 5   DG  B "C2'" 1 
ATOM   292 C  "C1'" . DG  B 1 5  ? 10.121  -6.765  -3.766  1.00 29.01 ? 5   DG  B "C1'" 1 
ATOM   293 N  N9    . DG  B 1 5  ? 9.543   -7.715  -2.816  1.00 26.35 ? 5   DG  B N9    1 
ATOM   294 C  C8    . DG  B 1 5  ? 10.008  -8.018  -1.555  1.00 30.18 ? 5   DG  B C8    1 
ATOM   295 N  N7    . DG  B 1 5  ? 9.291   -8.922  -0.943  1.00 25.70 ? 5   DG  B N7    1 
ATOM   296 C  C5    . DG  B 1 5  ? 8.294   -9.244  -1.858  1.00 25.97 ? 5   DG  B C5    1 
ATOM   297 C  C6    . DG  B 1 5  ? 7.222   -10.165 -1.759  1.00 27.16 ? 5   DG  B C6    1 
ATOM   298 O  O6    . DG  B 1 5  ? 6.927   -10.907 -0.811  1.00 28.15 ? 5   DG  B O6    1 
ATOM   299 N  N1    . DG  B 1 5  ? 6.445   -10.179 -2.914  1.00 23.91 ? 5   DG  B N1    1 
ATOM   300 C  C2    . DG  B 1 5  ? 6.673   -9.402  -4.025  1.00 24.43 ? 5   DG  B C2    1 
ATOM   301 N  N2    . DG  B 1 5  ? 5.813   -9.555  -5.044  1.00 21.83 ? 5   DG  B N2    1 
ATOM   302 N  N3    . DG  B 1 5  ? 7.673   -8.535  -4.131  1.00 22.77 ? 5   DG  B N3    1 
ATOM   303 C  C4    . DG  B 1 5  ? 8.440   -8.510  -3.015  1.00 24.63 ? 5   DG  B C4    1 
ATOM   304 P  P     . DC  B 1 6  ? 11.051  -2.798  -5.044  1.00 36.44 ? 6   DC  B P     1 
ATOM   305 O  OP1   . DC  B 1 6  ? 11.571  -2.137  -6.263  1.00 37.42 ? 6   DC  B OP1   1 
ATOM   306 O  OP2   . DC  B 1 6  ? 11.443  -2.325  -3.700  1.00 38.52 ? 6   DC  B OP2   1 
ATOM   307 O  "O5'" . DC  B 1 6  ? 9.459   -2.777  -5.105  1.00 30.64 ? 6   DC  B "O5'" 1 
ATOM   308 C  "C5'" . DC  B 1 6  ? 8.802   -3.312  -6.237  1.00 30.60 ? 6   DC  B "C5'" 1 
ATOM   309 C  "C4'" . DC  B 1 6  ? 7.337   -3.547  -5.943  1.00 25.38 ? 6   DC  B "C4'" 1 
ATOM   310 O  "O4'" . DC  B 1 6  ? 7.193   -4.668  -5.048  1.00 26.33 ? 6   DC  B "O4'" 1 
ATOM   311 C  "C3'" . DC  B 1 6  ? 6.626   -2.378  -5.258  1.00 26.37 ? 6   DC  B "C3'" 1 
ATOM   312 O  "O3'" . DC  B 1 6  ? 5.687   -1.811  -6.143  1.00 28.05 ? 6   DC  B "O3'" 1 
ATOM   313 C  "C2'" . DC  B 1 6  ? 5.934   -3.007  -4.033  1.00 26.18 ? 6   DC  B "C2'" 1 
ATOM   314 C  "C1'" . DC  B 1 6  ? 6.001   -4.495  -4.337  1.00 25.93 ? 6   DC  B "C1'" 1 
ATOM   315 N  N1    . DC  B 1 6  ? 6.051   -5.340  -3.123  1.00 21.98 ? 6   DC  B N1    1 
ATOM   316 C  C2    . DC  B 1 6  ? 5.137   -6.390  -2.967  1.00 21.86 ? 6   DC  B C2    1 
ATOM   317 O  O2    . DC  B 1 6  ? 4.298   -6.600  -3.855  1.00 21.13 ? 6   DC  B O2    1 
ATOM   318 N  N3    . DC  B 1 6  ? 5.201   -7.153  -1.846  1.00 22.96 ? 6   DC  B N3    1 
ATOM   319 C  C4    . DC  B 1 6  ? 6.122   -6.896  -0.913  1.00 26.69 ? 6   DC  B C4    1 
ATOM   320 N  N4    . DC  B 1 6  ? 6.144   -7.675  0.177   1.00 25.04 ? 6   DC  B N4    1 
ATOM   321 C  C5    . DC  B 1 6  ? 7.061   -5.830  -1.057  1.00 25.67 ? 6   DC  B C5    1 
ATOM   322 C  C6    . DC  B 1 6  ? 6.990   -5.087  -2.166  1.00 22.03 ? 6   DC  B C6    1 
ATOM   323 P  P     . DA  B 1 7  ? 5.711   -0.237  -6.454  1.00 32.40 ? 7   DA  B P     1 
ATOM   324 O  OP1   . DA  B 1 7  ? 7.097   0.238   -6.264  1.00 30.68 ? 7   DA  B OP1   1 
ATOM   325 O  OP2   . DA  B 1 7  ? 4.586   0.382   -5.726  1.00 32.88 ? 7   DA  B OP2   1 
ATOM   326 O  "O5'" . DA  B 1 7  ? 5.366   -0.165  -8.014  1.00 26.94 ? 7   DA  B "O5'" 1 
ATOM   327 C  "C5'" . DA  B 1 7  ? 6.218   -0.802  -8.946  1.00 24.81 ? 7   DA  B "C5'" 1 
ATOM   328 C  "C4'" . DA  B 1 7  ? 5.410   -1.441  -10.059 1.00 24.11 ? 7   DA  B "C4'" 1 
ATOM   329 O  "O4'" . DA  B 1 7  ? 4.689   -2.586  -9.534  1.00 24.87 ? 7   DA  B "O4'" 1 
ATOM   330 C  "C3'" . DA  B 1 7  ? 4.361   -0.535  -10.695 1.00 25.34 ? 7   DA  B "C3'" 1 
ATOM   331 O  "O3'" . DA  B 1 7  ? 4.284   -0.798  -12.072 1.00 27.37 ? 7   DA  B "O3'" 1 
ATOM   332 C  "C2'" . DA  B 1 7  ? 3.073   -0.944  -9.990  1.00 23.35 ? 7   DA  B "C2'" 1 
ATOM   333 C  "C1'" . DA  B 1 7  ? 3.303   -2.432  -9.759  1.00 24.36 ? 7   DA  B "C1'" 1 
ATOM   334 N  N9    . DA  B 1 7  ? 2.576   -2.928  -8.593  1.00 23.30 ? 7   DA  B N9    1 
ATOM   335 C  C8    . DA  B 1 7  ? 3.086   -3.213  -7.354  1.00 24.41 ? 7   DA  B C8    1 
ATOM   336 N  N7    . DA  B 1 7  ? 2.181   -3.611  -6.489  1.00 24.22 ? 7   DA  B N7    1 
ATOM   337 C  C5    . DA  B 1 7  ? 0.993   -3.565  -7.202  1.00 22.70 ? 7   DA  B C5    1 
ATOM   338 C  C6    . DA  B 1 7  ? -0.341  -3.863  -6.852  1.00 26.19 ? 7   DA  B C6    1 
ATOM   339 N  N6    . DA  B 1 7  ? -0.706  -4.280  -5.635  1.00 25.58 ? 7   DA  B N6    1 
ATOM   340 N  N1    . DA  B 1 7  ? -1.288  -3.711  -7.800  1.00 26.19 ? 7   DA  B N1    1 
ATOM   341 C  C2    . DA  B 1 7  ? -0.920  -3.290  -9.019  1.00 27.00 ? 7   DA  B C2    1 
ATOM   342 N  N3    . DA  B 1 7  ? 0.297   -2.978  -9.466  1.00 26.05 ? 7   DA  B N3    1 
ATOM   343 C  C4    . DA  B 1 7  ? 1.218   -3.140  -8.500  1.00 23.72 ? 7   DA  B C4    1 
ATOM   344 P  P     . DT  B 1 8  ? 5.236   -0.012  -13.095 1.00 25.53 ? 8   DT  B P     1 
ATOM   345 O  OP1   . DT  B 1 8  ? 6.087   -1.007  -13.776 1.00 23.84 ? 8   DT  B OP1   1 
ATOM   346 O  OP2   . DT  B 1 8  ? 5.859   1.105   -12.356 1.00 24.85 ? 8   DT  B OP2   1 
ATOM   347 O  "O5'" . DT  B 1 8  ? 4.219   0.582   -14.164 1.00 25.14 ? 8   DT  B "O5'" 1 
ATOM   348 C  "C5'" . DT  B 1 8  ? 3.262   1.549   -13.760 1.00 23.29 ? 8   DT  B "C5'" 1 
ATOM   349 C  "C4'" . DT  B 1 8  ? 2.060   1.541   -14.684 1.00 24.69 ? 8   DT  B "C4'" 1 
ATOM   350 O  "O4'" . DT  B 1 8  ? 2.496   1.747   -16.053 1.00 25.62 ? 8   DT  B "O4'" 1 
ATOM   351 C  "C3'" . DT  B 1 8  ? 1.252   0.245   -14.703 1.00 22.85 ? 8   DT  B "C3'" 1 
ATOM   352 O  "O3'" . DT  B 1 8  ? -0.105  0.555   -14.965 1.00 25.29 ? 8   DT  B "O3'" 1 
ATOM   353 C  "C2'" . DT  B 1 8  ? 1.882   -0.523  -15.863 1.00 24.32 ? 8   DT  B "C2'" 1 
ATOM   354 C  "C1'" . DT  B 1 8  ? 2.177   0.614   -16.837 1.00 23.78 ? 8   DT  B "C1'" 1 
ATOM   355 N  N1    . DT  B 1 8  ? 3.317   0.348   -17.758 1.00 21.41 ? 8   DT  B N1    1 
ATOM   356 C  C2    . DT  B 1 8  ? 3.138   0.538   -19.109 1.00 21.25 ? 8   DT  B C2    1 
ATOM   357 O  O2    . DT  B 1 8  ? 2.083   0.893   -19.595 1.00 23.44 ? 8   DT  B O2    1 
ATOM   358 N  N3    . DT  B 1 8  ? 4.239   0.282   -19.877 1.00 21.67 ? 8   DT  B N3    1 
ATOM   359 C  C4    . DT  B 1 8  ? 5.484   -0.123  -19.439 1.00 23.76 ? 8   DT  B C4    1 
ATOM   360 O  O4    . DT  B 1 8  ? 6.414   -0.328  -20.209 1.00 24.50 ? 8   DT  B O4    1 
ATOM   361 C  C5    . DT  B 1 8  ? 5.613   -0.293  -18.006 1.00 24.11 ? 8   DT  B C5    1 
ATOM   362 C  C7    . DT  B 1 8  ? 6.923   -0.730  -17.412 1.00 23.56 ? 8   DT  B C7    1 
ATOM   363 C  C6    . DT  B 1 8  ? 4.536   -0.041  -17.244 1.00 22.58 ? 8   DT  B C6    1 
ATOM   364 P  P     . DG  B 1 9  ? -1.277  -0.451  -14.530 1.00 26.06 ? 9   DG  B P     1 
ATOM   365 O  OP1   . DG  B 1 9  ? -2.540  0.317   -14.611 1.00 27.88 ? 9   DG  B OP1   1 
ATOM   366 O  OP2   . DG  B 1 9  ? -0.888  -1.097  -13.254 1.00 25.19 ? 9   DG  B OP2   1 
ATOM   367 O  "O5'" . DG  B 1 9  ? -1.273  -1.570  -15.667 1.00 24.18 ? 9   DG  B "O5'" 1 
ATOM   368 C  "C5'" . DG  B 1 9  ? -1.736  -1.256  -16.972 1.00 27.09 ? 9   DG  B "C5'" 1 
ATOM   369 C  "C4'" . DG  B 1 9  ? -1.398  -2.366  -17.953 1.00 29.61 ? 9   DG  B "C4'" 1 
ATOM   370 O  "O4'" . DG  B 1 9  ? 0.043   -2.520  -18.048 1.00 24.34 ? 9   DG  B "O4'" 1 
ATOM   371 C  "C3'" . DG  B 1 9  ? -1.941  -3.754  -17.593 1.00 32.09 ? 9   DG  B "C3'" 1 
ATOM   372 O  "O3'" . DG  B 1 9  ? -2.355  -4.412  -18.774 1.00 34.14 ? 9   DG  B "O3'" 1 
ATOM   373 C  "C2'" . DG  B 1 9  ? -0.719  -4.441  -16.991 1.00 25.59 ? 9   DG  B "C2'" 1 
ATOM   374 C  "C1'" . DG  B 1 9  ? 0.364   -3.883  -17.893 1.00 24.89 ? 9   DG  B "C1'" 1 
ATOM   375 N  N9    . DG  B 1 9  ? 1.719   -3.995  -17.360 1.00 23.64 ? 9   DG  B N9    1 
ATOM   376 C  C8    . DG  B 1 9  ? 2.098   -4.320  -16.078 1.00 23.67 ? 9   DG  B C8    1 
ATOM   377 N  N7    . DG  B 1 9  ? 3.395   -4.344  -15.913 1.00 19.12 ? 9   DG  B N7    1 
ATOM   378 C  C5    . DG  B 1 9  ? 3.902   -4.015  -17.166 1.00 26.16 ? 9   DG  B C5    1 
ATOM   379 C  C6    . DG  B 1 9  ? 5.241   -3.880  -17.608 1.00 25.55 ? 9   DG  B C6    1 
ATOM   380 O  O6    . DG  B 1 9  ? 6.286   -4.033  -16.957 1.00 23.73 ? 9   DG  B O6    1 
ATOM   381 N  N1    . DG  B 1 9  ? 5.304   -3.533  -18.961 1.00 23.64 ? 9   DG  B N1    1 
ATOM   382 C  C2    . DG  B 1 9  ? 4.209   -3.341  -19.774 1.00 25.09 ? 9   DG  B C2    1 
ATOM   383 N  N2    . DG  B 1 9  ? 4.462   -3.011  -21.050 1.00 22.42 ? 9   DG  B N2    1 
ATOM   384 N  N3    . DG  B 1 9  ? 2.956   -3.463  -19.368 1.00 21.25 ? 9   DG  B N3    1 
ATOM   385 C  C4    . DG  B 1 9  ? 2.880   -3.802  -18.061 1.00 25.79 ? 9   DG  B C4    1 
ATOM   386 P  P     . DC  B 1 10 ? -3.707  -5.276  -18.797 1.00 43.59 ? 10  DC  B P     1 
ATOM   387 O  OP1   . DC  B 1 10 ? -4.677  -4.640  -17.877 1.00 43.92 ? 10  DC  B OP1   1 
ATOM   388 O  OP2   . DC  B 1 10 ? -3.317  -6.693  -18.632 1.00 37.49 ? 10  DC  B OP2   1 
ATOM   389 O  "O5'" . DC  B 1 10 ? -4.225  -5.108  -20.297 1.00 42.77 ? 10  DC  B "O5'" 1 
ATOM   390 C  "C5'" . DC  B 1 10 ? -4.455  -3.812  -20.825 1.00 44.88 ? 10  DC  B "C5'" 1 
ATOM   391 C  "C4'" . DC  B 1 10 ? -4.249  -3.797  -22.330 1.00 40.08 ? 10  DC  B "C4'" 1 
ATOM   392 O  "O4'" . DC  B 1 10 ? -2.829  -3.757  -22.625 1.00 42.32 ? 10  DC  B "O4'" 1 
ATOM   393 C  "C3'" . DC  B 1 10 ? -4.807  -5.010  -23.077 1.00 42.85 ? 10  DC  B "C3'" 1 
ATOM   394 O  "O3'" . DC  B 1 10 ? -5.419  -4.591  -24.289 1.00 58.78 ? 10  DC  B "O3'" 1 
ATOM   395 C  "C2'" . DC  B 1 10 ? -3.563  -5.854  -23.345 1.00 45.52 ? 10  DC  B "C2'" 1 
ATOM   396 C  "C1'" . DC  B 1 10 ? -2.509  -4.775  -23.543 1.00 41.40 ? 10  DC  B "C1'" 1 
ATOM   397 N  N1    . DC  B 1 10 ? -1.122  -5.240  -23.274 1.00 42.58 ? 10  DC  B N1    1 
ATOM   398 C  C2    . DC  B 1 10 ? -0.292  -5.560  -24.347 1.00 42.17 ? 10  DC  B C2    1 
ATOM   399 O  O2    . DC  B 1 10 ? -0.729  -5.444  -25.492 1.00 43.57 ? 10  DC  B O2    1 
ATOM   400 N  N3    . DC  B 1 10 ? 0.968   -5.985  -24.101 1.00 38.99 ? 10  DC  B N3    1 
ATOM   401 C  C4    . DC  B 1 10 ? 1.401   -6.096  -22.850 1.00 44.37 ? 10  DC  B C4    1 
ATOM   402 N  N4    . DC  B 1 10 ? 2.652   -6.521  -22.666 1.00 45.81 ? 10  DC  B N4    1 
ATOM   403 C  C5    . DC  B 1 10 ? 0.569   -5.776  -21.732 1.00 36.83 ? 10  DC  B C5    1 
ATOM   404 C  C6    . DC  B 1 10 ? -0.676  -5.355  -21.990 1.00 37.41 ? 10  DC  B C6    1 
ATOM   405 O  "O5'" . DG  C 1 1  ? 6.269   -7.125  5.591   1.00 52.01 ? 1   DG  C "O5'" 1 
ATOM   406 C  "C5'" . DG  C 1 1  ? 6.326   -6.207  6.681   1.00 51.54 ? 1   DG  C "C5'" 1 
ATOM   407 C  "C4'" . DG  C 1 1  ? 7.003   -4.915  6.260   1.00 46.87 ? 1   DG  C "C4'" 1 
ATOM   408 O  "O4'" . DG  C 1 1  ? 6.279   -4.338  5.150   1.00 46.03 ? 1   DG  C "O4'" 1 
ATOM   409 C  "C3'" . DG  C 1 1  ? 6.994   -3.817  7.299   1.00 47.93 ? 1   DG  C "C3'" 1 
ATOM   410 O  "O3'" . DG  C 1 1  ? 7.938   -2.818  6.924   1.00 62.41 ? 1   DG  C "O3'" 1 
ATOM   411 C  "C2'" . DG  C 1 1  ? 5.566   -3.306  7.158   1.00 47.93 ? 1   DG  C "C2'" 1 
ATOM   412 C  "C1'" . DG  C 1 1  ? 5.388   -3.346  5.639   1.00 44.09 ? 1   DG  C "C1'" 1 
ATOM   413 N  N9    . DG  C 1 1  ? 4.044   -3.702  5.202   1.00 43.53 ? 1   DG  C N9    1 
ATOM   414 C  C8    . DG  C 1 1  ? 3.181   -4.594  5.798   1.00 38.64 ? 1   DG  C C8    1 
ATOM   415 N  N7    . DG  C 1 1  ? 2.051   -4.722  5.157   1.00 37.81 ? 1   DG  C N7    1 
ATOM   416 C  C5    . DG  C 1 1  ? 2.180   -3.869  4.065   1.00 35.75 ? 1   DG  C C5    1 
ATOM   417 C  C6    . DG  C 1 1  ? 1.275   -3.587  3.013   1.00 30.65 ? 1   DG  C C6    1 
ATOM   418 O  O6    . DG  C 1 1  ? 0.141   -4.051  2.832   1.00 33.98 ? 1   DG  C O6    1 
ATOM   419 N  N1    . DG  C 1 1  ? 1.801   -2.663  2.111   1.00 34.92 ? 1   DG  C N1    1 
ATOM   420 C  C2    . DG  C 1 1  ? 3.047   -2.089  2.215   1.00 35.65 ? 1   DG  C C2    1 
ATOM   421 N  N2    . DG  C 1 1  ? 3.382   -1.221  1.251   1.00 38.89 ? 1   DG  C N2    1 
ATOM   422 N  N3    . DG  C 1 1  ? 3.903   -2.345  3.193   1.00 37.07 ? 1   DG  C N3    1 
ATOM   423 C  C4    . DG  C 1 1  ? 3.403   -3.241  4.078   1.00 39.58 ? 1   DG  C C4    1 
ATOM   424 P  P     . DC  C 1 2  ? 8.328   -1.625  7.928   1.00 63.52 ? 2   DC  C P     1 
ATOM   425 O  OP1   . DC  C 1 2  ? 9.807   -1.584  7.986   1.00 67.00 ? 2   DC  C OP1   1 
ATOM   426 O  OP2   . DC  C 1 2  ? 7.542   -1.776  9.173   1.00 59.82 ? 2   DC  C OP2   1 
ATOM   427 O  "O5'" . DC  C 1 2  ? 7.811   -0.312  7.172   1.00 54.62 ? 2   DC  C "O5'" 1 
ATOM   428 C  "C5'" . DC  C 1 2  ? 8.208   -0.063  5.830   1.00 52.14 ? 2   DC  C "C5'" 1 
ATOM   429 C  "C4'" . DC  C 1 2  ? 7.365   1.035   5.198   1.00 52.85 ? 2   DC  C "C4'" 1 
ATOM   430 O  "O4'" . DC  C 1 2  ? 6.036   0.529   4.890   1.00 55.78 ? 2   DC  C "O4'" 1 
ATOM   431 C  "C3'" . DC  C 1 2  ? 7.141   2.277   6.061   1.00 56.01 ? 2   DC  C "C3'" 1 
ATOM   432 O  "O3'" . DC  C 1 2  ? 7.048   3.416   5.224   1.00 56.60 ? 2   DC  C "O3'" 1 
ATOM   433 C  "C2'" . DC  C 1 2  ? 5.789   1.977   6.697   1.00 53.11 ? 2   DC  C "C2'" 1 
ATOM   434 C  "C1'" . DC  C 1 2  ? 5.074   1.355   5.510   1.00 53.21 ? 2   DC  C "C1'" 1 
ATOM   435 N  N1    . DC  C 1 2  ? 3.894   0.525   5.875   1.00 46.82 ? 2   DC  C N1    1 
ATOM   436 C  C2    . DC  C 1 2  ? 2.810   0.452   4.995   1.00 40.58 ? 2   DC  C C2    1 
ATOM   437 O  O2    . DC  C 1 2  ? 2.854   1.081   3.931   1.00 45.88 ? 2   DC  C O2    1 
ATOM   438 N  N3    . DC  C 1 2  ? 1.742   -0.311  5.334   1.00 43.47 ? 2   DC  C N3    1 
ATOM   439 C  C4    . DC  C 1 2  ? 1.736   -0.974  6.490   1.00 40.79 ? 2   DC  C C4    1 
ATOM   440 N  N4    . DC  C 1 2  ? 0.661   -1.712  6.781   1.00 39.90 ? 2   DC  C N4    1 
ATOM   441 C  C5    . DC  C 1 2  ? 2.833   -0.909  7.400   1.00 46.32 ? 2   DC  C C5    1 
ATOM   442 C  C6    . DC  C 1 2  ? 3.881   -0.154  7.055   1.00 50.09 ? 2   DC  C C6    1 
ATOM   443 P  P     . DA  C 1 3  ? 8.341   4.305   4.881   1.00 61.87 ? 3   DA  C P     1 
ATOM   444 O  OP1   . DA  C 1 3  ? 9.419   3.393   4.435   1.00 65.72 ? 3   DA  C OP1   1 
ATOM   445 O  OP2   . DA  C 1 3  ? 8.579   5.215   6.025   1.00 67.28 ? 3   DA  C OP2   1 
ATOM   446 O  "O5'" . DA  C 1 3  ? 7.860   5.192   3.636   1.00 59.96 ? 3   DA  C "O5'" 1 
ATOM   447 C  "C5'" . DA  C 1 3  ? 7.728   4.597   2.348   1.00 58.99 ? 3   DA  C "C5'" 1 
ATOM   448 C  "C4'" . DA  C 1 3  ? 6.634   5.264   1.515   1.00 64.64 ? 3   DA  C "C4'" 1 
ATOM   449 O  "O4'" . DA  C 1 3  ? 5.326   4.878   1.997   1.00 64.14 ? 3   DA  C "O4'" 1 
ATOM   450 C  "C3'" . DA  C 1 3  ? 6.615   6.781   1.503   1.00 63.04 ? 3   DA  C "C3'" 1 
ATOM   451 O  "O3'" . DA  C 1 3  ? 5.994   7.212   0.294   1.00 65.21 ? 3   DA  C "O3'" 1 
ATOM   452 C  "C2'" . DA  C 1 3  ? 5.742   7.097   2.720   1.00 66.39 ? 3   DA  C "C2'" 1 
ATOM   453 C  "C1'" . DA  C 1 3  ? 4.708   5.968   2.663   1.00 64.16 ? 3   DA  C "C1'" 1 
ATOM   454 N  N9    . DA  C 1 3  ? 4.283   5.475   3.966   1.00 59.72 ? 3   DA  C N9    1 
ATOM   455 C  C8    . DA  C 1 3  ? 4.981   5.531   5.139   1.00 59.77 ? 3   DA  C C8    1 
ATOM   456 N  N7    . DA  C 1 3  ? 4.361   4.966   6.149   1.00 56.76 ? 3   DA  C N7    1 
ATOM   457 C  C5    . DA  C 1 3  ? 3.182   4.495   5.594   1.00 55.85 ? 3   DA  C C5    1 
ATOM   458 C  C6    . DA  C 1 3  ? 2.086   3.797   6.141   1.00 52.68 ? 3   DA  C C6    1 
ATOM   459 N  N6    . DA  C 1 3  ? 2.013   3.438   7.424   1.00 54.50 ? 3   DA  C N6    1 
ATOM   460 N  N1    . DA  C 1 3  ? 1.070   3.479   5.312   1.00 51.65 ? 3   DA  C N1    1 
ATOM   461 C  C2    . DA  C 1 3  ? 1.152   3.836   4.025   1.00 50.04 ? 3   DA  C C2    1 
ATOM   462 N  N3    . DA  C 1 3  ? 2.128   4.490   3.399   1.00 54.20 ? 3   DA  C N3    1 
ATOM   463 C  C4    . DA  C 1 3  ? 3.123   4.793   4.248   1.00 56.12 ? 3   DA  C C4    1 
ATOM   464 P  P     . DT  C 1 4  ? 6.136   8.725   -0.226  1.00 75.90 ? 4   DT  C P     1 
ATOM   465 O  OP1   . DT  C 1 4  ? 6.579   8.658   -1.637  1.00 71.93 ? 4   DT  C OP1   1 
ATOM   466 O  OP2   . DT  C 1 4  ? 6.926   9.497   0.759   1.00 70.29 ? 4   DT  C OP2   1 
ATOM   467 O  "O5'" . DT  C 1 4  ? 4.632   9.269   -0.192  1.00 70.76 ? 4   DT  C "O5'" 1 
ATOM   468 C  "C5'" . DT  C 1 4  ? 3.591   8.490   -0.767  1.00 67.52 ? 4   DT  C "C5'" 1 
ATOM   469 C  "C4'" . DT  C 1 4  ? 2.244   8.828   -0.151  1.00 71.45 ? 4   DT  C "C4'" 1 
ATOM   470 O  "O4'" . DT  C 1 4  ? 2.126   8.218   1.167   1.00 65.06 ? 4   DT  C "O4'" 1 
ATOM   471 C  "C3'" . DT  C 1 4  ? 1.970   10.325  0.057   1.00 75.17 ? 4   DT  C "C3'" 1 
ATOM   472 O  "O3'" . DT  C 1 4  ? 0.631   10.624  -0.330  1.00 81.24 ? 4   DT  C "O3'" 1 
ATOM   473 C  "C2'" . DT  C 1 4  ? 2.141   10.484  1.567   1.00 71.28 ? 4   DT  C "C2'" 1 
ATOM   474 C  "C1'" . DT  C 1 4  ? 1.557   9.166   2.032   1.00 70.33 ? 4   DT  C "C1'" 1 
ATOM   475 N  N1    . DT  C 1 4  ? 1.872   8.805   3.451   1.00 68.36 ? 4   DT  C N1    1 
ATOM   476 C  C2    . DT  C 1 4  ? 0.932   8.122   4.191   1.00 62.24 ? 4   DT  C C2    1 
ATOM   477 O  O2    . DT  C 1 4  ? -0.151  7.784   3.746   1.00 61.44 ? 4   DT  C O2    1 
ATOM   478 N  N3    . DT  C 1 4  ? 1.308   7.841   5.477   1.00 59.55 ? 4   DT  C N3    1 
ATOM   479 C  C4    . DT  C 1 4  ? 2.503   8.172   6.088   1.00 61.53 ? 4   DT  C C4    1 
ATOM   480 O  O4    . DT  C 1 4  ? 2.749   7.875   7.253   1.00 64.32 ? 4   DT  C O4    1 
ATOM   481 C  C5    . DT  C 1 4  ? 3.443   8.891   5.260   1.00 62.98 ? 4   DT  C C5    1 
ATOM   482 C  C7    . DT  C 1 4  ? 4.773   9.305   5.813   1.00 63.94 ? 4   DT  C C7    1 
ATOM   483 C  C6    . DT  C 1 4  ? 3.084   9.173   3.996   1.00 63.92 ? 4   DT  C C6    1 
ATOM   484 P  P     . DG  C 1 5  ? 0.282   11.053  -1.839  1.00 83.73 ? 5   DG  C P     1 
ATOM   485 O  OP1   . DG  C 1 5  ? 0.655   9.925   -2.720  1.00 85.20 ? 5   DG  C OP1   1 
ATOM   486 O  OP2   . DG  C 1 5  ? 0.860   12.395  -2.074  1.00 84.72 ? 5   DG  C OP2   1 
ATOM   487 O  "O5'" . DG  C 1 5  ? -1.315  11.188  -1.837  1.00 77.15 ? 5   DG  C "O5'" 1 
ATOM   488 C  "C5'" . DG  C 1 5  ? -2.128  10.089  -2.257  1.00 80.10 ? 5   DG  C "C5'" 1 
ATOM   489 C  "C4'" . DG  C 1 5  ? -3.317  9.883   -1.325  1.00 79.15 ? 5   DG  C "C4'" 1 
ATOM   490 O  "O4'" . DG  C 1 5  ? -2.852  9.716   0.040   1.00 81.58 ? 5   DG  C "O4'" 1 
ATOM   491 C  "C3'" . DG  C 1 5  ? -4.325  11.027  -1.271  1.00 77.84 ? 5   DG  C "C3'" 1 
ATOM   492 O  "O3'" . DG  C 1 5  ? -5.611  10.500  -0.983  1.00 80.10 ? 5   DG  C "O3'" 1 
ATOM   493 C  "C2'" . DG  C 1 5  ? -3.802  11.852  -0.102  1.00 76.98 ? 5   DG  C "C2'" 1 
ATOM   494 C  "C1'" . DG  C 1 5  ? -3.388  10.743  0.853   1.00 75.50 ? 5   DG  C "C1'" 1 
ATOM   495 N  N9    . DG  C 1 5  ? -2.367  11.135  1.821   1.00 72.68 ? 5   DG  C N9    1 
ATOM   496 C  C8    . DG  C 1 5  ? -1.304  11.979  1.615   1.00 73.70 ? 5   DG  C C8    1 
ATOM   497 N  N7    . DG  C 1 5  ? -0.546  12.127  2.668   1.00 72.01 ? 5   DG  C N7    1 
ATOM   498 C  C5    . DG  C 1 5  ? -1.144  11.322  3.631   1.00 68.66 ? 5   DG  C C5    1 
ATOM   499 C  C6    . DG  C 1 5  ? -0.772  11.075  4.974   1.00 68.99 ? 5   DG  C C6    1 
ATOM   500 O  O6    . DG  C 1 5  ? 0.195   11.533  5.600   1.00 69.83 ? 5   DG  C O6    1 
ATOM   501 N  N1    . DG  C 1 5  ? -1.652  10.195  5.601   1.00 65.89 ? 5   DG  C N1    1 
ATOM   502 C  C2    . DG  C 1 5  ? -2.751  9.627   5.003   1.00 66.42 ? 5   DG  C C2    1 
ATOM   503 N  N2    . DG  C 1 5  ? -3.482  8.803   5.767   1.00 66.96 ? 5   DG  C N2    1 
ATOM   504 N  N3    . DG  C 1 5  ? -3.110  9.848   3.746   1.00 70.92 ? 5   DG  C N3    1 
ATOM   505 C  C4    . DG  C 1 5  ? -2.263  10.703  3.124   1.00 71.64 ? 5   DG  C C4    1 
ATOM   506 P  P     . DC  C 1 6  ? -6.920  11.081  -1.711  1.00 89.38 ? 6   DC  C P     1 
ATOM   507 O  OP1   . DC  C 1 6  ? -7.434  10.010  -2.595  1.00 88.60 ? 6   DC  C OP1   1 
ATOM   508 O  OP2   . DC  C 1 6  ? -6.579  12.404  -2.278  1.00 82.91 ? 6   DC  C OP2   1 
ATOM   509 O  "O5'" . DC  C 1 6  ? -7.960  11.282  -0.511  1.00 80.27 ? 6   DC  C "O5'" 1 
ATOM   510 C  "C5'" . DC  C 1 6  ? -8.233  10.205  0.381   1.00 76.63 ? 6   DC  C "C5'" 1 
ATOM   511 C  "C4'" . DC  C 1 6  ? -8.586  10.717  1.769   1.00 76.34 ? 6   DC  C "C4'" 1 
ATOM   512 O  "O4'" . DC  C 1 6  ? -7.370  11.018  2.512   1.00 74.41 ? 6   DC  C "O4'" 1 
ATOM   513 C  "C3'" . DC  C 1 6  ? -9.422  12.002  1.806   1.00 76.08 ? 6   DC  C "C3'" 1 
ATOM   514 O  "O3'" . DC  C 1 6  ? -10.323 11.951  2.901   1.00 73.97 ? 6   DC  C "O3'" 1 
ATOM   515 C  "C2'" . DC  C 1 6  ? -8.355  13.061  2.057   1.00 72.97 ? 6   DC  C "C2'" 1 
ATOM   516 C  "C1'" . DC  C 1 6  ? -7.492  12.313  3.055   1.00 71.43 ? 6   DC  C "C1'" 1 
ATOM   517 N  N1    . DC  C 1 6  ? -6.135  12.892  3.255   1.00 65.30 ? 6   DC  C N1    1 
ATOM   518 C  C2    . DC  C 1 6  ? -5.435  12.611  4.434   1.00 66.96 ? 6   DC  C C2    1 
ATOM   519 O  O2    . DC  C 1 6  ? -5.955  11.876  5.283   1.00 69.53 ? 6   DC  C O2    1 
ATOM   520 N  N3    . DC  C 1 6  ? -4.203  13.148  4.610   1.00 69.17 ? 6   DC  C N3    1 
ATOM   521 C  C4    . DC  C 1 6  ? -3.679  13.936  3.670   1.00 67.56 ? 6   DC  C C4    1 
ATOM   522 N  N4    . DC  C 1 6  ? -2.461  14.442  3.889   1.00 67.82 ? 6   DC  C N4    1 
ATOM   523 C  C5    . DC  C 1 6  ? -4.379  14.238  2.464   1.00 67.21 ? 6   DC  C C5    1 
ATOM   524 C  C6    . DC  C 1 6  ? -5.594  13.702  2.301   1.00 68.06 ? 6   DC  C C6    1 
ATOM   525 P  P     . DA  C 1 7  ? -11.755 11.232  2.777   1.00 84.90 ? 7   DA  C P     1 
ATOM   526 O  OP1   . DA  C 1 7  ? -11.600 9.979   2.007   1.00 84.64 ? 7   DA  C OP1   1 
ATOM   527 O  OP2   . DA  C 1 7  ? -12.730 12.254  2.336   1.00 78.84 ? 7   DA  C OP2   1 
ATOM   528 O  "O5'" . DA  C 1 7  ? -12.094 10.848  4.292   1.00 74.54 ? 7   DA  C "O5'" 1 
ATOM   529 C  "C5'" . DA  C 1 7  ? -11.147 10.102  5.050   1.00 73.94 ? 7   DA  C "C5'" 1 
ATOM   530 C  "C4'" . DA  C 1 7  ? -11.280 10.367  6.544   1.00 69.30 ? 7   DA  C "C4'" 1 
ATOM   531 O  "O4'" . DA  C 1 7  ? -10.262 11.297  6.979   1.00 69.14 ? 7   DA  C "O4'" 1 
ATOM   532 C  "C3'" . DA  C 1 7  ? -12.595 10.966  7.006   1.00 68.93 ? 7   DA  C "C3'" 1 
ATOM   533 O  "O3'" . DA  C 1 7  ? -12.848 10.543  8.343   1.00 69.67 ? 7   DA  C "O3'" 1 
ATOM   534 C  "C2'" . DA  C 1 7  ? -12.329 12.474  6.922   1.00 68.85 ? 7   DA  C "C2'" 1 
ATOM   535 C  "C1'" . DA  C 1 7  ? -10.825 12.577  7.201   1.00 67.48 ? 7   DA  C "C1'" 1 
ATOM   536 N  N9    . DA  C 1 7  ? -10.130 13.513  6.323   1.00 65.75 ? 7   DA  C N9    1 
ATOM   537 C  C8    . DA  C 1 7  ? -10.580 14.019  5.136   1.00 65.08 ? 7   DA  C C8    1 
ATOM   538 N  N7    . DA  C 1 7  ? -9.728  14.825  4.547   1.00 63.95 ? 7   DA  C N7    1 
ATOM   539 C  C5    . DA  C 1 7  ? -8.640  14.843  5.405   1.00 61.67 ? 7   DA  C C5    1 
ATOM   540 C  C6    . DA  C 1 7  ? -7.402  15.511  5.351   1.00 64.33 ? 7   DA  C C6    1 
ATOM   541 N  N6    . DA  C 1 7  ? -7.047  16.317  4.347   1.00 67.82 ? 7   DA  C N6    1 
ATOM   542 N  N1    . DA  C 1 7  ? -6.539  15.313  6.371   1.00 64.82 ? 7   DA  C N1    1 
ATOM   543 C  C2    . DA  C 1 7  ? -6.898  14.500  7.372   1.00 65.52 ? 7   DA  C C2    1 
ATOM   544 N  N3    . DA  C 1 7  ? -8.033  13.819  7.532   1.00 62.83 ? 7   DA  C N3    1 
ATOM   545 C  C4    . DA  C 1 7  ? -8.869  14.037  6.503   1.00 61.48 ? 7   DA  C C4    1 
ATOM   546 P  P     . DT  C 1 8  ? -14.156 11.033  9.137   1.00 73.00 ? 8   DT  C P     1 
ATOM   547 O  OP1   . DT  C 1 8  ? -14.584 9.910   10.002  1.00 66.73 ? 8   DT  C OP1   1 
ATOM   548 O  OP2   . DT  C 1 8  ? -15.106 11.621  8.167   1.00 70.52 ? 8   DT  C OP2   1 
ATOM   549 O  "O5'" . DT  C 1 8  ? -13.604 12.206  10.073  1.00 70.04 ? 8   DT  C "O5'" 1 
ATOM   550 C  "C5'" . DT  C 1 8  ? -12.523 11.950  10.964  1.00 64.74 ? 8   DT  C "C5'" 1 
ATOM   551 C  "C4'" . DT  C 1 8  ? -12.081 13.219  11.676  1.00 64.03 ? 8   DT  C "C4'" 1 
ATOM   552 O  "O4'" . DT  C 1 8  ? -11.301 14.050  10.772  1.00 62.90 ? 8   DT  C "O4'" 1 
ATOM   553 C  "C3'" . DT  C 1 8  ? -13.212 14.112  12.191  1.00 57.28 ? 8   DT  C "C3'" 1 
ATOM   554 O  "O3'" . DT  C 1 8  ? -12.829 14.685  13.431  1.00 59.15 ? 8   DT  C "O3'" 1 
ATOM   555 C  "C2'" . DT  C 1 8  ? -13.300 15.182  11.108  1.00 58.98 ? 8   DT  C "C2'" 1 
ATOM   556 C  "C1'" . DT  C 1 8  ? -11.825 15.358  10.797  1.00 58.03 ? 8   DT  C "C1'" 1 
ATOM   557 N  N1    . DT  C 1 8  ? -11.544 16.016  9.488   1.00 50.61 ? 8   DT  C N1    1 
ATOM   558 C  C2    . DT  C 1 8  ? -10.317 16.605  9.286   1.00 53.23 ? 8   DT  C C2    1 
ATOM   559 O  O2    . DT  C 1 8  ? -9.435  16.617  10.127  1.00 58.05 ? 8   DT  C O2    1 
ATOM   560 N  N3    . DT  C 1 8  ? -10.154 17.183  8.055   1.00 56.43 ? 8   DT  C N3    1 
ATOM   561 C  C4    . DT  C 1 8  ? -11.078 17.231  7.029   1.00 58.40 ? 8   DT  C C4    1 
ATOM   562 O  O4    . DT  C 1 8  ? -10.839 17.775  5.957   1.00 61.42 ? 8   DT  C O4    1 
ATOM   563 C  C5    . DT  C 1 8  ? -12.346 16.595  7.306   1.00 58.81 ? 8   DT  C C5    1 
ATOM   564 C  C7    . DT  C 1 8  ? -13.427 16.584  6.266   1.00 54.58 ? 8   DT  C C7    1 
ATOM   565 C  C6    . DT  C 1 8  ? -12.515 16.025  8.509   1.00 51.97 ? 8   DT  C C6    1 
ATOM   566 P  P     . DG  C 1 9  ? -13.623 14.330  14.781  1.00 65.12 ? 9   DG  C P     1 
ATOM   567 O  OP1   . DG  C 1 9  ? -13.454 12.879  15.016  1.00 64.63 ? 9   DG  C OP1   1 
ATOM   568 O  OP2   . DG  C 1 9  ? -14.982 14.913  14.680  1.00 59.72 ? 9   DG  C OP2   1 
ATOM   569 O  "O5'" . DG  C 1 9  ? -12.826 15.136  15.912  1.00 52.80 ? 9   DG  C "O5'" 1 
ATOM   570 C  "C5'" . DG  C 1 9  ? -11.458 14.834  16.177  1.00 50.50 ? 9   DG  C "C5'" 1 
ATOM   571 C  "C4'" . DG  C 1 9  ? -10.631 16.098  16.391  1.00 51.74 ? 9   DG  C "C4'" 1 
ATOM   572 O  "O4'" . DG  C 1 9  ? -10.545 16.848  15.153  1.00 51.50 ? 9   DG  C "O4'" 1 
ATOM   573 C  "C3'" . DG  C 1 9  ? -11.167 17.089  17.418  1.00 52.06 ? 9   DG  C "C3'" 1 
ATOM   574 O  "O3'" . DG  C 1 9  ? -10.080 17.835  17.945  1.00 45.72 ? 9   DG  C "O3'" 1 
ATOM   575 C  "C2'" . DG  C 1 9  ? -12.058 17.973  16.558  1.00 47.52 ? 9   DG  C "C2'" 1 
ATOM   576 C  "C1'" . DG  C 1 9  ? -11.202 18.094  15.303  1.00 52.38 ? 9   DG  C "C1'" 1 
ATOM   577 N  N9    . DG  C 1 9  ? -11.958 18.339  14.086  1.00 45.56 ? 9   DG  C N9    1 
ATOM   578 C  C8    . DG  C 1 9  ? -13.294 18.103  13.876  1.00 43.77 ? 9   DG  C C8    1 
ATOM   579 N  N7    . DG  C 1 9  ? -13.687 18.406  12.671  1.00 43.43 ? 9   DG  C N7    1 
ATOM   580 C  C5    . DG  C 1 9  ? -12.536 18.862  12.041  1.00 45.47 ? 9   DG  C C5    1 
ATOM   581 C  C6    . DG  C 1 9  ? -12.341 19.330  10.721  1.00 48.21 ? 9   DG  C C6    1 
ATOM   582 O  O6    . DG  C 1 9  ? -13.178 19.437  9.815   1.00 47.02 ? 9   DG  C O6    1 
ATOM   583 N  N1    . DG  C 1 9  ? -11.016 19.696  10.494  1.00 45.15 ? 9   DG  C N1    1 
ATOM   584 C  C2    . DG  C 1 9  ? -10.009 19.618  11.425  1.00 47.01 ? 9   DG  C C2    1 
ATOM   585 N  N2    . DG  C 1 9  ? -8.794  20.017  11.021  1.00 51.07 ? 9   DG  C N2    1 
ATOM   586 N  N3    . DG  C 1 9  ? -10.177 19.182  12.664  1.00 44.78 ? 9   DG  C N3    1 
ATOM   587 C  C4    . DG  C 1 9  ? -11.464 18.822  12.900  1.00 43.98 ? 9   DG  C C4    1 
ATOM   588 P  P     . DC  C 1 10 ? -10.088 18.354  19.464  1.00 55.83 ? 10  DC  C P     1 
ATOM   589 O  OP1   . DC  C 1 10 ? -9.337  17.371  20.274  1.00 62.73 ? 10  DC  C OP1   1 
ATOM   590 O  OP2   . DC  C 1 10 ? -11.483 18.681  19.830  1.00 49.42 ? 10  DC  C OP2   1 
ATOM   591 O  "O5'" . DC  C 1 10 ? -9.216  19.696  19.401  1.00 52.96 ? 10  DC  C "O5'" 1 
ATOM   592 C  "C5'" . DC  C 1 10 ? -7.895  19.662  18.855  1.00 48.18 ? 10  DC  C "C5'" 1 
ATOM   593 C  "C4'" . DC  C 1 10 ? -7.642  20.861  17.957  1.00 45.68 ? 10  DC  C "C4'" 1 
ATOM   594 O  "O4'" . DC  C 1 10 ? -8.296  20.667  16.687  1.00 46.54 ? 10  DC  C "O4'" 1 
ATOM   595 C  "C3'" . DC  C 1 10 ? -8.202  22.171  18.466  1.00 43.17 ? 10  DC  C "C3'" 1 
ATOM   596 O  "O3'" . DC  C 1 10 ? -7.290  22.762  19.383  1.00 43.81 ? 10  DC  C "O3'" 1 
ATOM   597 C  "C2'" . DC  C 1 10 ? -8.328  22.997  17.182  1.00 39.12 ? 10  DC  C "C2'" 1 
ATOM   598 C  "C1'" . DC  C 1 10 ? -8.553  21.929  16.099  1.00 42.58 ? 10  DC  C "C1'" 1 
ATOM   599 N  N1    . DC  C 1 10 ? -9.936  21.913  15.536  1.00 41.91 ? 10  DC  C N1    1 
ATOM   600 C  C2    . DC  C 1 10 ? -10.139 22.245  14.192  1.00 40.14 ? 10  DC  C C2    1 
ATOM   601 O  O2    . DC  C 1 10 ? -9.168  22.556  13.495  1.00 45.96 ? 10  DC  C O2    1 
ATOM   602 N  N3    . DC  C 1 10 ? -11.399 22.216  13.691  1.00 39.55 ? 10  DC  C N3    1 
ATOM   603 C  C4    . DC  C 1 10 ? -12.422 21.875  14.476  1.00 38.13 ? 10  DC  C C4    1 
ATOM   604 N  N4    . DC  C 1 10 ? -13.648 21.862  13.940  1.00 37.13 ? 10  DC  C N4    1 
ATOM   605 C  C5    . DC  C 1 10 ? -12.235 21.531  15.846  1.00 38.81 ? 10  DC  C C5    1 
ATOM   606 C  C6    . DC  C 1 10 ? -10.988 21.560  16.329  1.00 41.03 ? 10  DC  C C6    1 
ATOM   607 O  "O5'" . DG  D 1 1  ? -15.046 26.752  6.183   1.00 63.00 ? 1   DG  D "O5'" 1 
ATOM   608 C  "C5'" . DG  D 1 1  ? -14.358 26.791  4.934   1.00 56.14 ? 1   DG  D "C5'" 1 
ATOM   609 C  "C4'" . DG  D 1 1  ? -12.880 27.064  5.145   1.00 55.47 ? 1   DG  D "C4'" 1 
ATOM   610 O  "O4'" . DG  D 1 1  ? -12.516 26.667  6.486   1.00 61.54 ? 1   DG  D "O4'" 1 
ATOM   611 C  "C3'" . DG  D 1 1  ? -11.952 26.252  4.264   1.00 59.07 ? 1   DG  D "C3'" 1 
ATOM   612 O  "O3'" . DG  D 1 1  ? -10.647 26.825  4.289   1.00 54.69 ? 1   DG  D "O3'" 1 
ATOM   613 C  "C2'" . DG  D 1 1  ? -11.972 24.917  4.990   1.00 59.75 ? 1   DG  D "C2'" 1 
ATOM   614 C  "C1'" . DG  D 1 1  ? -11.924 25.376  6.448   1.00 58.59 ? 1   DG  D "C1'" 1 
ATOM   615 N  N9    . DG  D 1 1  ? -12.654 24.509  7.366   1.00 53.51 ? 1   DG  D N9    1 
ATOM   616 C  C8    . DG  D 1 1  ? -13.937 24.038  7.223   1.00 49.84 ? 1   DG  D C8    1 
ATOM   617 N  N7    . DG  D 1 1  ? -14.326 23.288  8.216   1.00 53.05 ? 1   DG  D N7    1 
ATOM   618 C  C5    . DG  D 1 1  ? -13.232 23.264  9.074   1.00 45.13 ? 1   DG  D C5    1 
ATOM   619 C  C6    . DG  D 1 1  ? -13.060 22.614  10.318  1.00 45.21 ? 1   DG  D C6    1 
ATOM   620 O  O6    . DG  D 1 1  ? -13.872 21.906  10.933  1.00 46.68 ? 1   DG  D O6    1 
ATOM   621 N  N1    . DG  D 1 1  ? -11.796 22.851  10.853  1.00 43.96 ? 1   DG  D N1    1 
ATOM   622 C  C2    . DG  D 1 1  ? -10.822 23.620  10.260  1.00 41.31 ? 1   DG  D C2    1 
ATOM   623 N  N2    . DG  D 1 1  ? -9.667  23.735  10.929  1.00 46.51 ? 1   DG  D N2    1 
ATOM   624 N  N3    . DG  D 1 1  ? -10.971 24.236  9.096   1.00 47.53 ? 1   DG  D N3    1 
ATOM   625 C  C4    . DG  D 1 1  ? -12.197 24.013  8.563   1.00 44.46 ? 1   DG  D C4    1 
ATOM   626 P  P     . DC  D 1 2  ? -9.461  26.199  3.401   1.00 72.91 ? 2   DC  D P     1 
ATOM   627 O  OP1   . DC  D 1 2  ? -8.616  27.333  2.963   1.00 65.54 ? 2   DC  D OP1   1 
ATOM   628 O  OP2   . DC  D 1 2  ? -10.059 25.288  2.398   1.00 68.20 ? 2   DC  D OP2   1 
ATOM   629 O  "O5'" . DC  D 1 2  ? -8.618  25.309  4.434   1.00 68.07 ? 2   DC  D "O5'" 1 
ATOM   630 C  "C5'" . DC  D 1 2  ? -7.540  25.894  5.163   1.00 63.28 ? 2   DC  D "C5'" 1 
ATOM   631 C  "C4'" . DC  D 1 2  ? -6.819  24.855  6.011   1.00 65.66 ? 2   DC  D "C4'" 1 
ATOM   632 O  "O4'" . DC  D 1 2  ? -7.787  24.098  6.792   1.00 61.18 ? 2   DC  D "O4'" 1 
ATOM   633 C  "C3'" . DC  D 1 2  ? -6.022  23.808  5.232   1.00 65.13 ? 2   DC  D "C3'" 1 
ATOM   634 O  "O3'" . DC  D 1 2  ? -4.916  23.383  6.010   1.00 67.96 ? 2   DC  D "O3'" 1 
ATOM   635 C  "C2'" . DC  D 1 2  ? -7.038  22.682  5.098   1.00 66.95 ? 2   DC  D "C2'" 1 
ATOM   636 C  "C1'" . DC  D 1 2  ? -7.654  22.723  6.486   1.00 64.10 ? 2   DC  D "C1'" 1 
ATOM   637 N  N1    . DC  D 1 2  ? -8.995  22.076  6.577   1.00 55.55 ? 2   DC  D N1    1 
ATOM   638 C  C2    . DC  D 1 2  ? -9.346  21.375  7.736   1.00 52.74 ? 2   DC  D C2    1 
ATOM   639 O  O2    . DC  D 1 2  ? -8.534  21.306  8.667   1.00 52.40 ? 2   DC  D O2    1 
ATOM   640 N  N3    . DC  D 1 2  ? -10.570 20.792  7.806   1.00 50.96 ? 2   DC  D N3    1 
ATOM   641 C  C4    . DC  D 1 2  ? -11.415 20.892  6.781   1.00 51.92 ? 2   DC  D C4    1 
ATOM   642 N  N4    . DC  D 1 2  ? -12.609 20.301  6.895   1.00 53.42 ? 2   DC  D N4    1 
ATOM   643 C  C5    . DC  D 1 2  ? -11.072 21.601  5.591   1.00 56.52 ? 2   DC  D C5    1 
ATOM   644 C  C6    . DC  D 1 2  ? -9.865  22.171  5.534   1.00 54.60 ? 2   DC  D C6    1 
ATOM   645 P  P     . DA  D 1 3  ? -3.450  23.994  5.770   1.00 80.75 ? 3   DA  D P     1 
ATOM   646 O  OP1   . DA  D 1 3  ? -3.567  25.464  5.888   1.00 77.66 ? 3   DA  D OP1   1 
ATOM   647 O  OP2   . DA  D 1 3  ? -2.894  23.391  4.536   1.00 78.86 ? 3   DA  D OP2   1 
ATOM   648 O  "O5'" . DA  D 1 3  ? -2.614  23.458  7.027   1.00 67.25 ? 3   DA  D "O5'" 1 
ATOM   649 C  "C5'" . DA  D 1 3  ? -3.001  23.837  8.344   1.00 72.91 ? 3   DA  D "C5'" 1 
ATOM   650 C  "C4'" . DA  D 1 3  ? -2.528  22.834  9.392   1.00 74.62 ? 3   DA  D "C4'" 1 
ATOM   651 O  "O4'" . DA  D 1 3  ? -3.465  21.741  9.502   1.00 74.18 ? 3   DA  D "O4'" 1 
ATOM   652 C  "C3'" . DA  D 1 3  ? -1.180  22.181  9.147   1.00 71.31 ? 3   DA  D "C3'" 1 
ATOM   653 O  "O3'" . DA  D 1 3  ? -0.586  21.860  10.405  1.00 76.00 ? 3   DA  D "O3'" 1 
ATOM   654 C  "C2'" . DA  D 1 3  ? -1.546  20.923  8.348   1.00 71.38 ? 3   DA  D "C2'" 1 
ATOM   655 C  "C1'" . DA  D 1 3  ? -2.974  20.605  8.816   1.00 71.67 ? 3   DA  D "C1'" 1 
ATOM   656 N  N9    . DA  D 1 3  ? -3.901  20.321  7.724   1.00 67.87 ? 3   DA  D N9    1 
ATOM   657 C  C8    . DA  D 1 3  ? -3.768  20.684  6.414   1.00 68.41 ? 3   DA  D C8    1 
ATOM   658 N  N7    . DA  D 1 3  ? -4.770  20.311  5.655   1.00 71.00 ? 3   DA  D N7    1 
ATOM   659 C  C5    . DA  D 1 3  ? -5.624  19.661  6.528   1.00 62.29 ? 3   DA  D C5    1 
ATOM   660 C  C6    . DA  D 1 3  ? -6.868  19.031  6.340   1.00 58.95 ? 3   DA  D C6    1 
ATOM   661 N  N6    . DA  D 1 3  ? -7.485  18.961  5.158   1.00 64.16 ? 3   DA  D N6    1 
ATOM   662 N  N1    . DA  D 1 3  ? -7.458  18.476  7.420   1.00 60.21 ? 3   DA  D N1    1 
ATOM   663 C  C2    . DA  D 1 3  ? -6.838  18.552  8.603   1.00 58.90 ? 3   DA  D C2    1 
ATOM   664 N  N3    . DA  D 1 3  ? -5.668  19.119  8.903   1.00 62.89 ? 3   DA  D N3    1 
ATOM   665 C  C4    . DA  D 1 3  ? -5.108  19.660  7.810   1.00 65.89 ? 3   DA  D C4    1 
ATOM   666 P  P     . DT  D 1 4  ? 0.847   21.139  10.491  1.00 85.63 ? 4   DT  D P     1 
ATOM   667 O  OP1   . DT  D 1 4  ? 1.507   21.625  11.723  1.00 84.49 ? 4   DT  D OP1   1 
ATOM   668 O  OP2   . DT  D 1 4  ? 1.530   21.283  9.186   1.00 86.04 ? 4   DT  D OP2   1 
ATOM   669 O  "O5'" . DT  D 1 4  ? 0.479   19.596  10.696  1.00 81.16 ? 4   DT  D "O5'" 1 
ATOM   670 C  "C5'" . DT  D 1 4  ? -0.373  19.212  11.768  1.00 77.24 ? 4   DT  D "C5'" 1 
ATOM   671 C  "C4'" . DT  D 1 4  ? -0.819  17.767  11.620  1.00 77.62 ? 4   DT  D "C4'" 1 
ATOM   672 O  "O4'" . DT  D 1 4  ? -1.845  17.663  10.593  1.00 77.99 ? 4   DT  D "O4'" 1 
ATOM   673 C  "C3'" . DT  D 1 4  ? 0.282   16.780  11.215  1.00 74.41 ? 4   DT  D "C3'" 1 
ATOM   674 O  "O3'" . DT  D 1 4  ? 0.145   15.581  11.963  1.00 75.91 ? 4   DT  D "O3'" 1 
ATOM   675 C  "C2'" . DT  D 1 4  ? -0.022  16.536  9.739   1.00 73.13 ? 4   DT  D "C2'" 1 
ATOM   676 C  "C1'" . DT  D 1 4  ? -1.539  16.565  9.772   1.00 71.25 ? 4   DT  D "C1'" 1 
ATOM   677 N  N1    . DT  D 1 4  ? -2.183  16.753  8.435   1.00 69.88 ? 4   DT  D N1    1 
ATOM   678 C  C2    . DT  D 1 4  ? -3.423  16.198  8.203   1.00 67.69 ? 4   DT  D C2    1 
ATOM   679 O  O2    . DT  D 1 4  ? -4.038  15.561  9.039   1.00 71.92 ? 4   DT  D O2    1 
ATOM   680 N  N3    . DT  D 1 4  ? -3.926  16.423  6.948   1.00 65.92 ? 4   DT  D N3    1 
ATOM   681 C  C4    . DT  D 1 4  ? -3.325  17.128  5.922   1.00 66.12 ? 4   DT  D C4    1 
ATOM   682 O  O4    . DT  D 1 4  ? -3.858  17.274  4.826   1.00 67.18 ? 4   DT  D O4    1 
ATOM   683 C  C5    . DT  D 1 4  ? -2.025  17.677  6.230   1.00 68.91 ? 4   DT  D C5    1 
ATOM   684 C  C7    . DT  D 1 4  ? -1.276  18.462  5.195   1.00 70.35 ? 4   DT  D C7    1 
ATOM   685 C  C6    . DT  D 1 4  ? -1.523  17.464  7.456   1.00 70.99 ? 4   DT  D C6    1 
ATOM   686 P  P     . DG  D 1 5  ? 1.025   15.332  13.285  1.00 86.49 ? 5   DG  D P     1 
ATOM   687 O  OP1   . DG  D 1 5  ? 0.659   16.383  14.259  1.00 85.85 ? 5   DG  D OP1   1 
ATOM   688 O  OP2   . DG  D 1 5  ? 2.436   15.161  12.874  1.00 84.57 ? 5   DG  D OP2   1 
ATOM   689 O  "O5'" . DG  D 1 5  ? 0.472   13.941  13.851  1.00 80.59 ? 5   DG  D "O5'" 1 
ATOM   690 C  "C5'" . DG  D 1 5  ? -0.778  13.896  14.533  1.00 78.68 ? 5   DG  D "C5'" 1 
ATOM   691 C  "C4'" . DG  D 1 5  ? -1.630  12.727  14.059  1.00 77.30 ? 5   DG  D "C4'" 1 
ATOM   692 O  "O4'" . DG  D 1 5  ? -2.009  12.921  12.671  1.00 76.79 ? 5   DG  D "O4'" 1 
ATOM   693 C  "C3'" . DG  D 1 5  ? -0.964  11.358  14.114  1.00 76.72 ? 5   DG  D "C3'" 1 
ATOM   694 O  "O3'" . DG  D 1 5  ? -1.950  10.377  14.361  1.00 79.12 ? 5   DG  D "O3'" 1 
ATOM   695 C  "C2'" . DG  D 1 5  ? -0.395  11.217  12.707  1.00 74.90 ? 5   DG  D "C2'" 1 
ATOM   696 C  "C1'" . DG  D 1 5  ? -1.499  11.863  11.881  1.00 75.56 ? 5   DG  D "C1'" 1 
ATOM   697 N  N9    . DG  D 1 5  ? -1.042  12.429  10.615  1.00 73.31 ? 5   DG  D N9    1 
ATOM   698 C  C8    . DG  D 1 5  ? 0.191   12.975  10.349  1.00 72.62 ? 5   DG  D C8    1 
ATOM   699 N  N7    . DG  D 1 5  ? 0.309   13.416  9.127   1.00 73.22 ? 5   DG  D N7    1 
ATOM   700 C  C5    . DG  D 1 5  ? -0.928  13.157  8.550   1.00 70.02 ? 5   DG  D C5    1 
ATOM   701 C  C6    . DG  D 1 5  ? -1.397  13.419  7.241   1.00 67.42 ? 5   DG  D C6    1 
ATOM   702 O  O6    . DG  D 1 5  ? -0.791  13.951  6.300   1.00 70.54 ? 5   DG  D O6    1 
ATOM   703 N  N1    . DG  D 1 5  ? -2.712  12.993  7.068   1.00 67.19 ? 5   DG  D N1    1 
ATOM   704 C  C2    . DG  D 1 5  ? -3.478  12.394  8.038   1.00 65.48 ? 5   DG  D C2    1 
ATOM   705 N  N2    . DG  D 1 5  ? -4.724  12.054  7.684   1.00 63.19 ? 5   DG  D N2    1 
ATOM   706 N  N3    . DG  D 1 5  ? -3.053  12.143  9.270   1.00 65.91 ? 5   DG  D N3    1 
ATOM   707 C  C4    . DG  D 1 5  ? -1.772  12.552  9.454   1.00 68.94 ? 5   DG  D C4    1 
ATOM   708 P  P     . DC  D 1 6  ? -1.618  9.082   15.251  1.00 91.02 ? 6   DC  D P     1 
ATOM   709 O  OP1   . DC  D 1 6  ? -2.145  9.338   16.610  1.00 83.12 ? 6   DC  D OP1   1 
ATOM   710 O  OP2   . DC  D 1 6  ? -0.189  8.746   15.064  1.00 80.30 ? 6   DC  D OP2   1 
ATOM   711 O  "O5'" . DC  D 1 6  ? -2.512  7.940   14.578  1.00 77.89 ? 6   DC  D "O5'" 1 
ATOM   712 C  "C5'" . DC  D 1 6  ? -3.686  8.297   13.853  1.00 75.32 ? 6   DC  D "C5'" 1 
ATOM   713 C  "C4'" . DC  D 1 6  ? -3.820  7.465   12.590  1.00 73.41 ? 6   DC  D "C4'" 1 
ATOM   714 O  "O4'" . DC  D 1 6  ? -3.286  8.198   11.451  1.00 73.75 ? 6   DC  D "O4'" 1 
ATOM   715 C  "C3'" . DC  D 1 6  ? -3.072  6.129   12.611  1.00 71.80 ? 6   DC  D "C3'" 1 
ATOM   716 O  "O3'" . DC  D 1 6  ? -3.818  5.159   11.903  1.00 70.30 ? 6   DC  D "O3'" 1 
ATOM   717 C  "C2'" . DC  D 1 6  ? -1.797  6.471   11.851  1.00 67.02 ? 6   DC  D "C2'" 1 
ATOM   718 C  "C1'" . DC  D 1 6  ? -2.376  7.365   10.770  1.00 68.82 ? 6   DC  D "C1'" 1 
ATOM   719 N  N1    . DC  D 1 6  ? -1.368  8.204   10.065  1.00 64.26 ? 6   DC  D N1    1 
ATOM   720 C  C2    . DC  D 1 6  ? -1.685  8.767   8.823   1.00 62.84 ? 6   DC  D C2    1 
ATOM   721 O  O2    . DC  D 1 6  ? -2.804  8.565   8.336   1.00 66.08 ? 6   DC  D O2    1 
ATOM   722 N  N3    . DC  D 1 6  ? -0.755  9.523   8.190   1.00 64.88 ? 6   DC  D N3    1 
ATOM   723 C  C4    . DC  D 1 6  ? 0.441   9.718   8.749   1.00 65.09 ? 6   DC  D C4    1 
ATOM   724 N  N4    . DC  D 1 6  ? 1.325   10.473  8.087   1.00 68.12 ? 6   DC  D N4    1 
ATOM   725 C  C5    . DC  D 1 6  ? 0.782   9.149   10.011  1.00 66.23 ? 6   DC  D C5    1 
ATOM   726 C  C6    . DC  D 1 6  ? -0.141  8.405   10.626  1.00 67.64 ? 6   DC  D C6    1 
ATOM   727 P  P     . DA  D 1 7  ? -4.882  4.217   12.652  1.00 79.33 ? 7   DA  D P     1 
ATOM   728 O  OP1   . DA  D 1 7  ? -5.587  5.024   13.674  1.00 77.84 ? 7   DA  D OP1   1 
ATOM   729 O  OP2   . DA  D 1 7  ? -4.181  2.974   13.044  1.00 67.48 ? 7   DA  D OP2   1 
ATOM   730 O  "O5'" . DA  D 1 7  ? -5.921  3.856   11.493  1.00 68.78 ? 7   DA  D "O5'" 1 
ATOM   731 C  "C5'" . DA  D 1 7  ? -6.485  4.901   10.710  1.00 67.08 ? 7   DA  D "C5'" 1 
ATOM   732 C  "C4'" . DA  D 1 7  ? -6.777  4.445   9.287   1.00 64.61 ? 7   DA  D "C4'" 1 
ATOM   733 O  "O4'" . DA  D 1 7  ? -5.709  4.857   8.401   1.00 64.79 ? 7   DA  D "O4'" 1 
ATOM   734 C  "C3'" . DA  D 1 7  ? -6.920  2.948   9.079   1.00 61.00 ? 7   DA  D "C3'" 1 
ATOM   735 O  "O3'" . DA  D 1 7  ? -7.805  2.726   7.990   1.00 56.13 ? 7   DA  D "O3'" 1 
ATOM   736 C  "C2'" . DA  D 1 7  ? -5.487  2.518   8.750   1.00 58.71 ? 7   DA  D "C2'" 1 
ATOM   737 C  "C1'" . DA  D 1 7  ? -4.931  3.737   8.010   1.00 64.13 ? 7   DA  D "C1'" 1 
ATOM   738 N  N9    . DA  D 1 7  ? -3.542  4.043   8.334   1.00 57.63 ? 7   DA  D N9    1 
ATOM   739 C  C8    . DA  D 1 7  ? -2.847  3.652   9.443   1.00 58.41 ? 7   DA  D C8    1 
ATOM   740 N  N7    . DA  D 1 7  ? -1.615  4.104   9.480   1.00 56.61 ? 7   DA  D N7    1 
ATOM   741 C  C5    . DA  D 1 7  ? -1.500  4.852   8.321   1.00 53.39 ? 7   DA  D C5    1 
ATOM   742 C  C6    . DA  D 1 7  ? -0.436  5.595   7.770   1.00 56.03 ? 7   DA  D C6    1 
ATOM   743 N  N6    . DA  D 1 7  ? 0.759   5.711   8.352   1.00 56.63 ? 7   DA  D N6    1 
ATOM   744 N  N1    . DA  D 1 7  ? -0.654  6.222   6.596   1.00 56.09 ? 7   DA  D N1    1 
ATOM   745 C  C2    . DA  D 1 7  ? -1.855  6.110   6.018   1.00 53.29 ? 7   DA  D C2    1 
ATOM   746 N  N3    . DA  D 1 7  ? -2.928  5.443   6.438   1.00 55.68 ? 7   DA  D N3    1 
ATOM   747 C  C4    . DA  D 1 7  ? -2.681  4.829   7.606   1.00 55.07 ? 7   DA  D C4    1 
ATOM   748 P  P     . DT  D 1 8  ? -8.235  1.243   7.550   1.00 66.85 ? 8   DT  D P     1 
ATOM   749 O  OP1   . DT  D 1 8  ? -9.697  1.264   7.324   1.00 62.91 ? 8   DT  D OP1   1 
ATOM   750 O  OP2   . DT  D 1 8  ? -7.654  0.271   8.505   1.00 57.94 ? 8   DT  D OP2   1 
ATOM   751 O  "O5'" . DT  D 1 8  ? -7.514  1.061   6.137   1.00 59.66 ? 8   DT  D "O5'" 1 
ATOM   752 C  "C5'" . DT  D 1 8  ? -7.448  2.161   5.230   1.00 55.59 ? 8   DT  D "C5'" 1 
ATOM   753 C  "C4'" . DT  D 1 8  ? -6.508  1.864   4.073   1.00 54.29 ? 8   DT  D "C4'" 1 
ATOM   754 O  "O4'" . DT  D 1 8  ? -5.145  2.220   4.439   1.00 51.09 ? 8   DT  D "O4'" 1 
ATOM   755 C  "C3'" . DT  D 1 8  ? -6.449  0.399   3.639   1.00 49.59 ? 8   DT  D "C3'" 1 
ATOM   756 O  "O3'" . DT  D 1 8  ? -6.233  0.335   2.243   1.00 50.13 ? 8   DT  D "O3'" 1 
ATOM   757 C  "C2'" . DT  D 1 8  ? -5.224  -0.105  4.392   1.00 49.02 ? 8   DT  D "C2'" 1 
ATOM   758 C  "C1'" . DT  D 1 8  ? -4.311  1.099   4.239   1.00 49.22 ? 8   DT  D "C1'" 1 
ATOM   759 N  N1    . DT  D 1 8  ? -3.200  1.145   5.219   1.00 47.53 ? 8   DT  D N1    1 
ATOM   760 C  C2    . DT  D 1 8  ? -2.114  1.948   4.961   1.00 46.98 ? 8   DT  D C2    1 
ATOM   761 O  O2    . DT  D 1 8  ? -2.015  2.635   3.959   1.00 49.54 ? 8   DT  D O2    1 
ATOM   762 N  N3    . DT  D 1 8  ? -1.143  1.920   5.923   1.00 47.71 ? 8   DT  D N3    1 
ATOM   763 C  C4    . DT  D 1 8  ? -1.148  1.184   7.094   1.00 46.68 ? 8   DT  D C4    1 
ATOM   764 O  O4    . DT  D 1 8  ? -0.223  1.227   7.900   1.00 46.13 ? 8   DT  D O4    1 
ATOM   765 C  C5    . DT  D 1 8  ? -2.316  0.362   7.302   1.00 49.92 ? 8   DT  D C5    1 
ATOM   766 C  C7    . DT  D 1 8  ? -2.436  -0.484  8.535   1.00 52.09 ? 8   DT  D C7    1 
ATOM   767 C  C6    . DT  D 1 8  ? -3.274  0.382   6.363   1.00 47.74 ? 8   DT  D C6    1 
ATOM   768 P  P     . DG  D 1 9  ? -7.368  -0.231  1.259   1.00 55.24 ? 9   DG  D P     1 
ATOM   769 O  OP1   . DG  D 1 9  ? -8.554  0.638   1.410   1.00 56.93 ? 9   DG  D OP1   1 
ATOM   770 O  OP2   . DG  D 1 9  ? -7.487  -1.688  1.491   1.00 51.70 ? 9   DG  D OP2   1 
ATOM   771 O  "O5'" . DG  D 1 9  ? -6.740  0.000   -0.197  1.00 52.24 ? 9   DG  D "O5'" 1 
ATOM   772 C  "C5'" . DG  D 1 9  ? -6.283  1.298   -0.581  1.00 49.85 ? 9   DG  D "C5'" 1 
ATOM   773 C  "C4'" . DG  D 1 9  ? -4.981  1.226   -1.373  1.00 52.31 ? 9   DG  D "C4'" 1 
ATOM   774 O  "O4'" . DG  D 1 9  ? -3.870  0.964   -0.478  1.00 50.95 ? 9   DG  D "O4'" 1 
ATOM   775 C  "C3'" . DG  D 1 9  ? -4.903  0.136   -2.433  1.00 46.33 ? 9   DG  D "C3'" 1 
ATOM   776 O  "O3'" . DG  D 1 9  ? -4.004  0.550   -3.446  1.00 48.28 ? 9   DG  D "O3'" 1 
ATOM   777 C  "C2'" . DG  D 1 9  ? -4.323  -1.033  -1.640  1.00 41.82 ? 9   DG  D "C2'" 1 
ATOM   778 C  "C1'" . DG  D 1 9  ? -3.311  -0.306  -0.763  1.00 41.41 ? 9   DG  D "C1'" 1 
ATOM   779 N  N9    . DG  D 1 9  ? -3.047  -0.958  0.511   1.00 38.29 ? 9   DG  D N9    1 
ATOM   780 C  C8    . DG  D 1 9  ? -3.794  -1.936  1.120   1.00 36.60 ? 9   DG  D C8    1 
ATOM   781 N  N7    . DG  D 1 9  ? -3.319  -2.303  2.278   1.00 35.41 ? 9   DG  D N7    1 
ATOM   782 C  C5    . DG  D 1 9  ? -2.190  -1.508  2.448   1.00 34.33 ? 9   DG  D C5    1 
ATOM   783 C  C6    . DG  D 1 9  ? -1.263  -1.454  3.515   1.00 38.24 ? 9   DG  D C6    1 
ATOM   784 O  O6    . DG  D 1 9  ? -1.254  -2.122  4.556   1.00 40.27 ? 9   DG  D O6    1 
ATOM   785 N  N1    . DG  D 1 9  ? -0.265  -0.508  3.284   1.00 41.49 ? 9   DG  D N1    1 
ATOM   786 C  C2    . DG  D 1 9  ? -0.178  0.286   2.165   1.00 37.25 ? 9   DG  D C2    1 
ATOM   787 N  N2    . DG  D 1 9  ? 0.854   1.142   2.121   1.00 41.72 ? 9   DG  D N2    1 
ATOM   788 N  N3    . DG  D 1 9  ? -1.041  0.244   1.160   1.00 38.77 ? 9   DG  D N3    1 
ATOM   789 C  C4    . DG  D 1 9  ? -2.017  -0.673  1.371   1.00 34.20 ? 9   DG  D C4    1 
ATOM   790 P  P     . DC  D 1 10 ? -4.231  0.135   -4.979  1.00 49.78 ? 10  DC  D P     1 
ATOM   791 O  OP1   . DC  D 1 10 ? -4.964  1.253   -5.617  1.00 58.84 ? 10  DC  D OP1   1 
ATOM   792 O  OP2   . DC  D 1 10 ? -4.812  -1.224  -5.027  1.00 42.93 ? 10  DC  D OP2   1 
ATOM   793 O  "O5'" . DC  D 1 10 ? -2.745  0.080   -5.572  1.00 43.68 ? 10  DC  D "O5'" 1 
ATOM   794 C  "C5'" . DC  D 1 10 ? -1.907  1.228   -5.480  1.00 44.69 ? 10  DC  D "C5'" 1 
ATOM   795 C  "C4'" . DC  D 1 10 ? -0.494  0.846   -5.075  1.00 39.90 ? 10  DC  D "C4'" 1 
ATOM   796 O  "O4'" . DC  D 1 10 ? -0.441  0.597   -3.655  1.00 41.31 ? 10  DC  D "O4'" 1 
ATOM   797 C  "C3'" . DC  D 1 10 ? 0.029   -0.434  -5.692  1.00 39.08 ? 10  DC  D "C3'" 1 
ATOM   798 O  "O3'" . DC  D 1 10 ? 0.539   -0.173  -6.992  1.00 43.66 ? 10  DC  D "O3'" 1 
ATOM   799 C  "C2'" . DC  D 1 10 ? 1.142   -0.829  -4.720  1.00 33.10 ? 10  DC  D "C2'" 1 
ATOM   800 C  "C1'" . DC  D 1 10 ? 0.631   -0.286  -3.377  1.00 40.43 ? 10  DC  D "C1'" 1 
ATOM   801 N  N1    . DC  D 1 10 ? 0.148   -1.346  -2.440  1.00 32.36 ? 10  DC  D N1    1 
ATOM   802 C  C2    . DC  D 1 10 ? 0.776   -1.503  -1.202  1.00 30.73 ? 10  DC  D C2    1 
ATOM   803 O  O2    . DC  D 1 10 ? 1.721   -0.763  -0.915  1.00 37.04 ? 10  DC  D O2    1 
ATOM   804 N  N3    . DC  D 1 10 ? 0.331   -2.463  -0.354  1.00 32.32 ? 10  DC  D N3    1 
ATOM   805 C  C4    . DC  D 1 10 ? -0.694  -3.238  -0.706  1.00 29.02 ? 10  DC  D C4    1 
ATOM   806 N  N4    . DC  D 1 10 ? -1.097  -4.171  0.163   1.00 31.55 ? 10  DC  D N4    1 
ATOM   807 C  C5    . DC  D 1 10 ? -1.349  -3.096  -1.966  1.00 31.03 ? 10  DC  D C5    1 
ATOM   808 C  C6    . DC  D 1 10 ? -0.899  -2.143  -2.793  1.00 30.21 ? 10  DC  D C6    1 
HETATM 809 CO CO    . CO  E 2 .  ? 2.842   -12.542 2.488   1.00 24.42 ? 101 CO  A CO    1 
HETATM 810 CO CO    A CO  F 2 .  ? -2.223  -8.734  -12.992 0.57 23.92 ? 102 CO  A CO    1 
HETATM 811 CO CO    B CO  F 2 .  ? -1.605  -9.349  -13.411 0.43 27.32 ? 102 CO  A CO    1 
HETATM 812 CO CO    . CO  G 2 .  ? 5.737   -6.722  12.470  0.33 44.80 ? 103 CO  A CO    1 
HETATM 813 CO CO    . CO  H 2 .  ? 4.202   -4.746  -13.955 1.00 23.31 ? 101 CO  B CO    1 
HETATM 814 CO CO    A CO  I 2 .  ? 9.618   -9.776  1.125   0.56 25.66 ? 102 CO  B CO    1 
HETATM 815 CO CO    B CO  I 2 .  ? 9.829   -8.712  1.273   0.44 28.68 ? 102 CO  B CO    1 
HETATM 816 CO CO    A CO  J 2 .  ? -15.406 18.408  12.177  0.52 44.27 ? 101 CO  C CO    1 
HETATM 817 CO CO    B CO  J 2 .  ? -16.550 18.336  11.818  0.48 41.54 ? 101 CO  C CO    1 
HETATM 818 CO CO    . CO  K 2 .  ? -4.121  -3.969  3.468   1.00 43.36 ? 101 CO  D CO    1 
HETATM 819 O  O     . HOH L 3 .  ? 10.962  -19.879 12.788  1.00 22.51 ? 201 HOH A O     1 
HETATM 820 O  O     . HOH L 3 .  ? -1.978  -17.739 -0.918  1.00 42.80 ? 202 HOH A O     1 
HETATM 821 O  O     . HOH L 3 .  ? -0.238  -7.950  -13.356 1.00 26.25 ? 203 HOH A O     1 
HETATM 822 O  O     . HOH L 3 .  ? 8.450   -9.431  11.250  1.00 50.87 ? 204 HOH A O     1 
HETATM 823 O  O     . HOH L 3 .  ? -6.146  -14.298 -4.059  1.00 44.04 ? 205 HOH A O     1 
HETATM 824 O  O     . HOH L 3 .  ? 11.347  -21.230 9.652   1.00 29.92 ? 206 HOH A O     1 
HETATM 825 O  O     . HOH L 3 .  ? 4.562   -11.585 2.159   1.00 22.24 ? 207 HOH A O     1 
HETATM 826 O  O     . HOH L 3 .  ? 1.060   -13.634 2.926   1.00 22.34 ? 208 HOH A O     1 
HETATM 827 O  O     . HOH L 3 .  ? 2.204   -19.166 5.766   1.00 36.17 ? 209 HOH A O     1 
HETATM 828 O  O     . HOH L 3 .  ? -4.453  -12.466 3.518   1.00 39.75 ? 210 HOH A O     1 
HETATM 829 O  O     . HOH L 3 .  ? 6.487   -3.297  1.618   1.00 40.45 ? 211 HOH A O     1 
HETATM 830 O  O     . HOH L 3 .  ? -4.819  -4.893  1.708   1.00 40.39 ? 212 HOH A O     1 
HETATM 831 O  O     . HOH L 3 .  ? 3.638   -8.549  3.797   1.00 23.91 ? 213 HOH A O     1 
HETATM 832 O  O     . HOH L 3 .  ? 0.524   -17.831 2.761   1.00 38.90 ? 214 HOH A O     1 
HETATM 833 O  O     A HOH L 3 .  ? 1.591   -4.688  -3.696  0.61 24.45 ? 215 HOH A O     1 
HETATM 834 O  O     B HOH L 3 .  ? 2.403   -3.730  -3.543  0.39 26.97 ? 215 HOH A O     1 
HETATM 835 O  O     . HOH L 3 .  ? 6.154   -6.914  10.217  1.00 43.73 ? 216 HOH A O     1 
HETATM 836 O  O     . HOH L 3 .  ? -5.616  -10.576 -1.103  1.00 42.27 ? 217 HOH A O     1 
HETATM 837 O  O     . HOH L 3 .  ? -1.365  -16.225 1.402   1.00 33.42 ? 218 HOH A O     1 
HETATM 838 O  O     . HOH L 3 .  ? 5.181   -12.978 -7.608  1.00 33.63 ? 219 HOH A O     1 
HETATM 839 O  O     . HOH L 3 .  ? -0.909  -10.775 -14.249 1.00 28.05 ? 220 HOH A O     1 
HETATM 840 O  O     . HOH L 3 .  ? 0.613   -19.409 -10.671 1.00 44.51 ? 221 HOH A O     1 
HETATM 841 O  O     A HOH L 3 .  ? -3.754  -10.081 -13.354 0.74 26.36 ? 222 HOH A O     1 
HETATM 842 O  O     B HOH L 3 .  ? -4.230  -9.146  -12.805 0.26 26.99 ? 222 HOH A O     1 
HETATM 843 O  O     . HOH L 3 .  ? 2.215   -10.816 3.502   1.00 24.79 ? 223 HOH A O     1 
HETATM 844 O  O     . HOH L 3 .  ? 0.604   -20.053 8.587   1.00 34.01 ? 224 HOH A O     1 
HETATM 845 O  O     . HOH L 3 .  ? -5.446  -7.312  -6.307  1.00 38.77 ? 225 HOH A O     1 
HETATM 846 O  O     . HOH L 3 .  ? 1.440   -10.668 -15.091 1.00 33.75 ? 226 HOH A O     1 
HETATM 847 O  O     . HOH L 3 .  ? -4.988  -8.012  -10.629 1.00 35.37 ? 227 HOH A O     1 
HETATM 848 O  O     . HOH L 3 .  ? 5.806   -1.504  -0.885  1.00 42.34 ? 228 HOH A O     1 
HETATM 849 O  O     . HOH L 3 .  ? -3.021  -7.262  -12.149 1.00 26.86 ? 229 HOH A O     1 
HETATM 850 O  O     . HOH L 3 .  ? 0.496   -17.348 -3.434  1.00 48.39 ? 230 HOH A O     1 
HETATM 851 O  O     . HOH L 3 .  ? 1.629   -16.025 0.561   1.00 31.86 ? 231 HOH A O     1 
HETATM 852 O  O     . HOH L 3 .  ? 11.951  -18.301 14.851  1.00 29.68 ? 232 HOH A O     1 
HETATM 853 O  O     . HOH L 3 .  ? -1.606  -20.011 -9.631  1.00 56.83 ? 233 HOH A O     1 
HETATM 854 O  O     . HOH L 3 .  ? -0.528  -5.268  -13.683 1.00 24.47 ? 234 HOH A O     1 
HETATM 855 O  O     . HOH L 3 .  ? -1.799  -6.740  5.239   1.00 39.63 ? 235 HOH A O     1 
HETATM 856 O  O     . HOH L 3 .  ? -5.327  -9.656  -15.476 1.00 42.15 ? 236 HOH A O     1 
HETATM 857 O  O     . HOH L 3 .  ? 0.867   -7.704  11.631  1.00 41.15 ? 237 HOH A O     1 
HETATM 858 O  O     A HOH L 3 .  ? 2.910   -9.590  12.166  0.50 37.97 ? 238 HOH A O     1 
HETATM 859 O  O     B HOH L 3 .  ? 3.424   -7.721  12.356  0.50 36.58 ? 238 HOH A O     1 
HETATM 860 O  O     . HOH L 3 .  ? 14.635  -18.074 15.046  1.00 40.34 ? 239 HOH A O     1 
HETATM 861 O  O     . HOH M 3 .  ? 13.446  -3.873  -7.714  1.00 39.06 ? 201 HOH B O     1 
HETATM 862 O  O     A HOH M 3 .  ? 11.875  -8.731  1.091   0.51 29.71 ? 202 HOH B O     1 
HETATM 863 O  O     B HOH M 3 .  ? 11.388  -9.809  0.890   0.49 30.69 ? 202 HOH B O     1 
HETATM 864 O  O     . HOH M 3 .  ? 0.942   -6.488  -27.044 1.00 31.87 ? 203 HOH B O     1 
HETATM 865 O  O     A HOH M 3 .  ? -3.778  -3.504  -7.567  0.62 30.74 ? 204 HOH B O     1 
HETATM 866 O  O     B HOH M 3 .  ? -4.477  -4.200  -8.310  0.38 33.24 ? 204 HOH B O     1 
HETATM 867 O  O     . HOH M 3 .  ? -2.920  -8.235  -20.619 1.00 56.66 ? 205 HOH B O     1 
HETATM 868 O  O     . HOH M 3 .  ? 8.711   -1.264  -14.272 1.00 32.89 ? 206 HOH B O     1 
HETATM 869 O  O     . HOH M 3 .  ? 0.576   -3.049  -12.378 1.00 22.85 ? 207 HOH B O     1 
HETATM 870 O  O     . HOH M 3 .  ? 5.911   -3.526  -14.380 1.00 22.51 ? 208 HOH B O     1 
HETATM 871 O  O     . HOH M 3 .  ? -1.413  -3.715  -27.305 1.00 25.38 ? 209 HOH B O     1 
HETATM 872 O  O     . HOH M 3 .  ? 2.500   -5.938  -13.625 1.00 20.44 ? 210 HOH B O     1 
HETATM 873 O  O     . HOH M 3 .  ? 5.019   -17.526 -2.340  1.00 44.78 ? 211 HOH B O     1 
HETATM 874 O  O     . HOH M 3 .  ? 7.316   -3.320  -20.645 1.00 32.12 ? 212 HOH B O     1 
HETATM 875 O  O     . HOH M 3 .  ? 7.762   -9.989  1.532   1.00 28.05 ? 213 HOH B O     1 
HETATM 876 O  O     . HOH M 3 .  ? 8.467   1.448   -11.640 1.00 35.03 ? 214 HOH B O     1 
HETATM 877 O  O     . HOH M 3 .  ? 0.174   0.582   -11.384 1.00 36.28 ? 215 HOH B O     1 
HETATM 878 O  O     . HOH M 3 .  ? -6.267  -3.987  -26.909 1.00 45.94 ? 216 HOH B O     1 
HETATM 879 O  O     . HOH M 3 .  ? -3.000  -2.371  -11.882 1.00 41.81 ? 217 HOH B O     1 
HETATM 880 O  O     . HOH M 3 .  ? 3.186   -3.158  -13.337 1.00 21.44 ? 218 HOH B O     1 
HETATM 881 O  O     . HOH M 3 .  ? 8.949   -1.653  -20.384 1.00 38.87 ? 219 HOH B O     1 
HETATM 882 O  O     . HOH M 3 .  ? 8.811   -13.582 0.509   1.00 31.54 ? 220 HOH B O     1 
HETATM 883 O  O     . HOH M 3 .  ? 7.454   0.677   -22.738 1.00 34.36 ? 221 HOH B O     1 
HETATM 884 O  O     . HOH M 3 .  ? 7.233   -6.389  2.701   1.00 39.43 ? 222 HOH B O     1 
HETATM 885 O  O     . HOH M 3 .  ? 10.049  -11.588 0.718   1.00 32.04 ? 223 HOH B O     1 
HETATM 886 O  O     . HOH M 3 .  ? 2.972   -7.749  -25.829 1.00 41.27 ? 224 HOH B O     1 
HETATM 887 O  O     . HOH M 3 .  ? 9.158   -7.166  1.726   1.00 33.11 ? 225 HOH B O     1 
HETATM 888 O  O     . HOH M 3 .  ? -2.538  -8.008  -14.966 1.00 26.23 ? 226 HOH B O     1 
HETATM 889 O  O     A HOH M 3 .  ? 10.141  -9.471  3.209   0.64 25.13 ? 227 HOH B O     1 
HETATM 890 O  O     B HOH M 3 .  ? 9.541   -10.582 3.240   0.36 25.24 ? 227 HOH B O     1 
HETATM 891 O  O     . HOH M 3 .  ? 0.977   5.232   -13.969 1.00 46.81 ? 228 HOH B O     1 
HETATM 892 O  O     . HOH M 3 .  ? -3.353  -4.933  -13.557 1.00 33.05 ? 229 HOH B O     1 
HETATM 893 O  O     . HOH N 3 .  ? -14.971 17.882  10.129  1.00 52.93 ? 201 HOH C O     1 
HETATM 894 O  O     . HOH N 3 .  ? 0.804   -6.742  6.051   1.00 37.48 ? 202 HOH C O     1 
HETATM 895 O  O     . HOH N 3 .  ? -2.307  -5.091  3.449   1.00 33.43 ? 203 HOH C O     1 
HETATM 896 O  O     . HOH N 3 .  ? -12.993 20.859  19.171  1.00 37.83 ? 204 HOH C O     1 
HETATM 897 O  O     . HOH N 3 .  ? 1.272   14.178  3.170   1.00 67.15 ? 205 HOH C O     1 
HETATM 898 O  O     . HOH N 3 .  ? -16.260 16.303  12.488  1.00 50.42 ? 206 HOH C O     1 
HETATM 899 O  O     . HOH N 3 .  ? 6.383   -9.759  3.806   1.00 28.94 ? 207 HOH C O     1 
HETATM 900 O  O     . HOH N 3 .  ? -18.305 18.331  11.533  1.00 57.13 ? 208 HOH C O     1 
HETATM 901 O  O     . HOH O 3 .  ? -15.912 20.497  11.271  1.00 45.37 ? 201 HOH D O     1 
HETATM 902 O  O     . HOH O 3 .  ? 2.495   1.598   -6.958  1.00 41.28 ? 202 HOH D O     1 
HETATM 903 O  O     . HOH O 3 .  ? -1.171  0.432   -8.976  1.00 43.64 ? 203 HOH D O     1 
HETATM 904 O  O     . HOH O 3 .  ? -3.639  -3.242  5.257   1.00 38.54 ? 204 HOH D O     1 
HETATM 905 O  O     . HOH O 3 .  ? -3.438  -3.564  -4.645  1.00 28.13 ? 205 HOH D O     1 
HETATM 906 O  O     . HOH O 3 .  ? -5.957  -3.079  3.405   1.00 41.23 ? 206 HOH D O     1 
HETATM 907 O  O     A HOH O 3 .  ? 1.391   2.241   -0.764  0.55 41.13 ? 207 HOH D O     1 
HETATM 908 O  O     B HOH O 3 .  ? 0.022   2.309   -1.200  0.45 38.76 ? 207 HOH D O     1 
HETATM 909 O  O     . HOH O 3 .  ? -7.292  -2.816  5.982   1.00 50.33 ? 208 HOH D O     1 
HETATM 910 O  O     . HOH O 3 .  ? -4.857  -5.469  4.579   1.00 40.34 ? 209 HOH D O     1 
# 
